data_7X6S
#
_entry.id   7X6S
#
_cell.length_a   1.00
_cell.length_b   1.00
_cell.length_c   1.00
_cell.angle_alpha   90.00
_cell.angle_beta   90.00
_cell.angle_gamma   90.00
#
_symmetry.space_group_name_H-M   'P 1'
#
loop_
_entity.id
_entity.type
_entity.pdbx_description
1 polymer 'RNA-directed RNA polymerase L'
2 non-polymer 'MANGANESE (II) ION'
#
_entity_poly.entity_id   1
_entity_poly.type   'polypeptide(L)'
_entity_poly.pdbx_seq_one_letter_code
;MDEIISELRELCLNYIEQDERLSRQKLNFLGQREPRMVLIEGLKLLSRCIEIDSADKSGCTHNHDDKSVETILVESGIVC
PGLPLIIPDGYKLIDNSLILLECFVRSTPASFEKKFIEDTNKLACIREDLAVAGVTLVPIVDGRCDYDNSFMPEWANFKF
RDLLFKLLEYSNQNEKVFEESEYFRLCESLKTTIDKRSGMDSMKILKDARSTHNDEIMRMCHEGINPNMSCDDVVFGINS
LFSRFRRDLESGKLKRNFQKVNPEGLIKEFSELYENLADSDDILTLSREAVESCPLMRFITAETHGHERGSETSTEYERL
LSMLNKVKSLKLLNTRRRQLLNLDVLCLSSLIKQSKFKGLKNDKHWVGCCYSSVNDRLVSFHSTKEEFIRLLRNRKKSKV
FRKVSFEELFRASISEFIAKIQKCLLVVGLSFEHYGLSEHLEQECHIPFTEFENFMKIGAHPIMYYTKFEDYNFQPSTEQ
LKNIQSLRRLSSVCLALTNSMKTSSVARLRQNQIGSVRYQVVECKEVFCQVIKLDSEEYHLLYQKTGESSRCYSIQGPDG
HLISFYADPKRFFLPIFSDEVLYNMIDIMISWIRSCPDLKDCLTDIEVALRTLLLLMLTNPTKRNQKQVQSVRYLVMAIV
SDFSSTSLMDKLREDLITPAEKVVYKLLRFLIKTIFGTGEKVLLSAKFKFMLNVSYLCHLITKETPDRLTDQIKCFEKFF
EPKSQFGFFVNPKEAITPEEECVFYEQMKRFTSKEIDCQHTTPGVNLEAFSLMVSSFNNGTLIFKGEKKLNSLDPMTNSG
CATALDLASNKSVVVNKHLNGERLLEYDFNKLLVSAVSQITESFVRKQKYKLSHSDYEYKVSKLVSRLVIGSKGEETGRS
EDNLAEICFDGEEETSFFKSLEEKVNTTIARYRRGRRANDKGDGEKLTNTKGLHHLQLILTGKMAHLRKVILSEISFHLV
EDFDPSCLTNDDMKFICEAVEGSTELSPLYFTSVIKDQCGLDEMAKNLCRKFFSENDWFSCMKMILLQMNANAYSGKYRH
MQRQGLNFKFDWDKLEEDVRISERESNSESLSKALSLTKCMSAALKNLCFYSEESPTSYTSVGPDSGRLKFALSYKEQVG
GNRELYIGDLRTKMFTRLIEDYFESFSSFFSGSCLNNDKEFENAILSMTINVREGFLNYSMDHSKWGPMMCPFLFLMFLQ
NLKLGDDQYVRSGKDHVSTLLTWHMHKLVEVPFPVVNAMMKSYVKSKLKLLRGSETTVTERIFRQYFEMGIVPSHISSLI
DMGQGILHNASDFYGLLSERFINYCIGVIFGERPEAYTSSDDQITLFDRRLSDLVVSDPEEVLVLLEFQSHLSGLLNKFI
SPKSVAGRFAAEFKSRFYVWGEEVPLLTKFVSAALHNVKCKEPHQLCETIDTIADQAIANGVPVSLVNSIQRRTLDLLKY
ANFPLDPFLLNTNTDVKDWLDGSRGYRIQRLIEELCPNETKVVRKLVRKLHHKLKNGEFNEEFFLDLFNRDKKEAILQLG
DLLGLEEDLNQLADVNWLNLNEMFPLRMVLRQKVVYPSVMTFQEERIPSLIKTLQNKLCSKFTRGAQKLLSEAINKSAFQ
SCISSGFIGLCKTLGSRCVRNKNRENLYIKKLLEDLTTDDHVTRVCNRDGITLYICDKQSHPEAHRDHICLLRPLLWDYI
CISLSNSFELGVWVLAEPTKGKNNSENLTLKHLNPCDYVARKPESSRLLEDKVNLNQVIQSVRRLYPKIFEDQLLPFMSD
MSSKNMRWSPRIKFLDLCVLIDINSESLSLISHVVKWKRDEHYTVLFSDLANSHQRSDSSLVDEFVVSTRDVCKNFLKQV
YFESFVREFVATTRTLGNFSWFPHKEMMPSEDGAEALGPFQSFVSKVVNKNVERPMFRNDLQFGFGWFSYRMGDVVCNAA
MLIRQGLTNPKAFKSLKDLWDYMLNYTKGVLEFSISVDFTHNQNNTDCLRKFSLIFLVRCQLQNPGVAELLSCSHLFKGE
IDRRMLDECLHLLRTDSVFKVNDGVFDIRSEEFEDYMEDPLILGDSLELELLGSKRILDGIRSIDFERVGPEWEPVPLTV
KMGALFEGRNLVQNIIVKLETKDMKVFLAGLEGYEKISDVLGNLFLHRFRTGEHLLGSEISVILQELCIDRSILLIPLSL
LPDWFAFKDCRLCFSKSRSTLMYETVGGRFRLKGRSCDDWLGGSVAEDID
;
_entity_poly.pdbx_strand_id   A
#
# COMPACT_ATOMS: atom_id res chain seq x y z
N MET A 1 9.20 -6.88 -57.87
CA MET A 1 10.59 -6.46 -57.98
C MET A 1 10.67 -4.98 -58.35
N ASP A 2 10.93 -4.72 -59.63
CA ASP A 2 11.09 -3.35 -60.11
C ASP A 2 9.82 -2.53 -59.98
N GLU A 3 8.66 -3.15 -60.12
CA GLU A 3 7.40 -2.42 -60.08
C GLU A 3 7.18 -1.77 -58.72
N ILE A 4 7.52 -2.49 -57.64
CA ILE A 4 7.34 -1.92 -56.31
C ILE A 4 8.31 -0.79 -56.07
N ILE A 5 9.55 -0.92 -56.57
CA ILE A 5 10.52 0.15 -56.44
C ILE A 5 10.03 1.40 -57.16
N SER A 6 9.50 1.24 -58.38
CA SER A 6 8.97 2.38 -59.11
C SER A 6 7.77 2.97 -58.38
N GLU A 7 6.90 2.13 -57.83
CA GLU A 7 5.74 2.62 -57.10
C GLU A 7 6.17 3.45 -55.90
N LEU A 8 7.17 2.98 -55.16
CA LEU A 8 7.68 3.75 -54.04
C LEU A 8 8.29 5.07 -54.50
N ARG A 9 9.08 5.03 -55.57
CA ARG A 9 9.76 6.23 -56.05
C ARG A 9 8.74 7.28 -56.49
N GLU A 10 7.64 6.84 -57.10
CA GLU A 10 6.60 7.78 -57.48
C GLU A 10 5.63 8.10 -56.34
N LEU A 11 5.70 7.35 -55.24
CA LEU A 11 4.80 7.60 -54.12
C LEU A 11 5.39 8.55 -53.09
N CYS A 12 6.72 8.58 -52.96
CA CYS A 12 7.33 9.38 -51.91
C CYS A 12 7.13 10.88 -52.16
N LEU A 13 7.41 11.34 -53.38
CA LEU A 13 7.34 12.77 -53.69
C LEU A 13 5.99 13.21 -54.20
N ASN A 14 5.03 12.31 -54.37
CA ASN A 14 3.72 12.65 -54.90
C ASN A 14 2.61 12.52 -53.88
N TYR A 15 2.92 12.02 -52.68
CA TYR A 15 1.90 11.78 -51.66
C TYR A 15 2.34 12.24 -50.28
N ILE A 16 3.56 12.75 -50.13
CA ILE A 16 4.09 13.17 -48.84
C ILE A 16 4.31 14.67 -48.86
N GLU A 17 4.23 15.27 -47.67
CA GLU A 17 4.41 16.71 -47.54
C GLU A 17 5.85 17.10 -47.86
N GLN A 18 6.00 18.28 -48.43
CA GLN A 18 7.31 18.78 -48.91
C GLN A 18 7.95 19.58 -47.78
N ASP A 19 8.92 18.98 -47.10
CA ASP A 19 9.66 19.64 -46.05
C ASP A 19 11.13 19.74 -46.42
N GLU A 20 11.80 20.73 -45.81
CA GLU A 20 13.21 20.97 -46.14
C GLU A 20 14.08 19.79 -45.72
N ARG A 21 13.87 19.26 -44.51
CA ARG A 21 14.69 18.15 -44.04
C ARG A 21 14.29 16.84 -44.68
N LEU A 22 13.00 16.67 -44.97
CA LEU A 22 12.52 15.43 -45.58
C LEU A 22 13.07 15.25 -46.99
N SER A 23 13.30 16.35 -47.71
CA SER A 23 13.75 16.26 -49.09
C SER A 23 15.12 15.60 -49.19
N ARG A 24 16.01 15.88 -48.24
CA ARG A 24 17.34 15.29 -48.25
C ARG A 24 17.27 13.77 -48.37
N GLN A 25 16.33 13.15 -47.65
CA GLN A 25 16.20 11.71 -47.69
C GLN A 25 15.30 11.26 -48.83
N LYS A 26 14.30 12.08 -49.19
CA LYS A 26 13.41 11.74 -50.28
C LYS A 26 14.16 11.56 -51.58
N LEU A 27 15.06 12.49 -51.88
CA LEU A 27 15.80 12.42 -53.14
C LEU A 27 16.69 11.19 -53.18
N ASN A 28 17.41 10.90 -52.10
CA ASN A 28 18.28 9.73 -52.08
C ASN A 28 17.49 8.44 -52.16
N PHE A 29 16.30 8.41 -51.55
CA PHE A 29 15.42 7.26 -51.71
C PHE A 29 14.99 7.10 -53.17
N LEU A 30 14.64 8.21 -53.83
CA LEU A 30 14.20 8.14 -55.21
C LEU A 30 15.34 7.73 -56.14
N GLY A 31 16.58 8.02 -55.76
CA GLY A 31 17.71 7.76 -56.61
C GLY A 31 18.30 6.37 -56.54
N GLN A 32 17.61 5.41 -55.91
CA GLN A 32 18.14 4.07 -55.75
C GLN A 32 17.14 3.04 -56.26
N ARG A 33 17.66 1.87 -56.61
CA ARG A 33 16.85 0.76 -57.10
C ARG A 33 17.12 -0.54 -56.35
N GLU A 34 18.36 -0.77 -55.92
CA GLU A 34 18.70 -2.03 -55.26
C GLU A 34 17.89 -2.20 -53.99
N PRO A 35 17.39 -3.41 -53.71
CA PRO A 35 16.51 -3.58 -52.54
C PRO A 35 17.11 -3.13 -51.23
N ARG A 36 18.40 -3.34 -50.97
CA ARG A 36 18.93 -2.98 -49.66
C ARG A 36 18.94 -1.47 -49.46
N MET A 37 19.38 -0.72 -50.49
CA MET A 37 19.30 0.74 -50.42
C MET A 37 17.86 1.21 -50.31
N VAL A 38 16.94 0.57 -51.04
CA VAL A 38 15.54 0.97 -50.97
C VAL A 38 15.00 0.80 -49.56
N LEU A 39 15.28 -0.35 -48.93
CA LEU A 39 14.81 -0.57 -47.56
C LEU A 39 15.41 0.43 -46.60
N ILE A 40 16.73 0.64 -46.66
CA ILE A 40 17.33 1.54 -45.68
C ILE A 40 16.80 2.95 -45.86
N GLU A 41 16.67 3.42 -47.10
CA GLU A 41 16.16 4.76 -47.32
C GLU A 41 14.71 4.90 -46.86
N GLY A 42 13.86 3.93 -47.21
CA GLY A 42 12.47 4.00 -46.83
C GLY A 42 12.28 3.96 -45.32
N LEU A 43 13.02 3.07 -44.65
CA LEU A 43 12.93 3.00 -43.19
C LEU A 43 13.41 4.30 -42.55
N LYS A 44 14.51 4.86 -43.05
CA LYS A 44 15.03 6.09 -42.45
C LYS A 44 14.05 7.25 -42.64
N LEU A 45 13.43 7.35 -43.81
CA LEU A 45 12.47 8.43 -44.02
C LEU A 45 11.22 8.21 -43.17
N LEU A 46 10.78 6.96 -43.05
CA LEU A 46 9.66 6.65 -42.18
C LEU A 46 9.97 7.02 -40.73
N SER A 47 11.23 6.87 -40.33
CA SER A 47 11.64 7.31 -39.01
C SER A 47 11.56 8.82 -38.87
N ARG A 48 12.15 9.53 -39.85
CA ARG A 48 12.27 10.97 -39.74
C ARG A 48 10.90 11.64 -39.76
N CYS A 49 9.94 11.05 -40.48
CA CYS A 49 8.60 11.61 -40.51
C CYS A 49 8.04 11.74 -39.10
N ILE A 50 8.03 10.63 -38.35
CA ILE A 50 7.53 10.65 -36.98
C ILE A 50 8.43 11.52 -36.11
N GLU A 51 9.74 11.46 -36.32
CA GLU A 51 10.68 12.25 -35.53
C GLU A 51 10.29 13.73 -35.53
N ILE A 52 10.32 14.34 -36.72
CA ILE A 52 10.04 15.77 -36.79
C ILE A 52 8.57 16.06 -36.52
N ASP A 53 7.66 15.13 -36.88
CA ASP A 53 6.25 15.35 -36.59
C ASP A 53 6.01 15.53 -35.09
N SER A 54 6.53 14.61 -34.29
CA SER A 54 6.34 14.72 -32.85
C SER A 54 7.17 15.84 -32.25
N ALA A 55 8.35 16.12 -32.81
CA ALA A 55 9.16 17.23 -32.30
C ALA A 55 8.43 18.56 -32.49
N ASP A 56 7.74 18.72 -33.63
CA ASP A 56 6.97 19.93 -33.87
C ASP A 56 5.68 19.95 -33.07
N LYS A 57 5.06 18.78 -32.87
CA LYS A 57 3.90 18.71 -32.00
C LYS A 57 4.24 19.18 -30.59
N SER A 58 5.40 18.75 -30.07
CA SER A 58 5.91 19.28 -28.82
C SER A 58 6.32 20.74 -28.94
N GLY A 59 6.63 21.20 -30.15
CA GLY A 59 7.15 22.53 -30.34
C GLY A 59 8.62 22.69 -30.09
N CYS A 60 9.31 21.62 -29.70
CA CYS A 60 10.75 21.68 -29.47
C CYS A 60 11.49 21.36 -30.76
N THR A 61 12.56 22.13 -31.02
CA THR A 61 13.29 22.01 -32.27
C THR A 61 13.87 20.61 -32.41
N HIS A 62 13.71 20.04 -33.61
CA HIS A 62 14.19 18.69 -33.87
C HIS A 62 15.70 18.68 -34.01
N ASN A 63 16.30 17.54 -33.66
CA ASN A 63 17.74 17.36 -33.77
C ASN A 63 17.84 16.56 -35.07
N HIS A 64 17.85 17.31 -36.17
CA HIS A 64 18.12 16.71 -37.48
C HIS A 64 19.60 16.45 -37.68
N ASP A 65 20.46 17.38 -37.26
CA ASP A 65 21.89 17.30 -37.50
C ASP A 65 22.61 16.42 -36.48
N ASP A 66 21.87 15.65 -35.68
CA ASP A 66 22.45 14.78 -34.66
C ASP A 66 23.31 15.59 -33.70
N LYS A 67 22.72 16.62 -33.13
CA LYS A 67 23.41 17.45 -32.15
C LYS A 67 23.37 16.78 -30.79
N SER A 68 24.52 16.74 -30.12
CA SER A 68 24.61 16.15 -28.80
CA SER A 68 24.59 16.14 -28.81
C SER A 68 24.11 17.12 -27.74
N VAL A 69 23.83 16.58 -26.55
CA VAL A 69 23.42 17.43 -25.43
C VAL A 69 24.50 18.47 -25.13
N GLU A 70 25.77 18.05 -25.19
CA GLU A 70 26.85 19.01 -25.05
C GLU A 70 26.85 20.00 -26.21
N THR A 71 26.57 19.52 -27.42
CA THR A 71 26.46 20.42 -28.56
C THR A 71 25.31 21.40 -28.37
N ILE A 72 24.17 20.91 -27.88
CA ILE A 72 23.02 21.78 -27.65
C ILE A 72 23.35 22.82 -26.59
N LEU A 73 24.15 22.44 -25.59
CA LEU A 73 24.53 23.40 -24.57
C LEU A 73 25.52 24.43 -25.12
N VAL A 74 26.49 23.99 -25.92
CA VAL A 74 27.55 24.88 -26.35
C VAL A 74 27.14 25.80 -27.50
N GLU A 75 26.15 25.41 -28.31
CA GLU A 75 25.67 26.31 -29.35
C GLU A 75 25.06 27.57 -28.77
N SER A 76 24.60 27.53 -27.53
CA SER A 76 24.14 28.72 -26.82
C SER A 76 25.24 29.36 -25.99
N GLY A 77 26.47 28.90 -26.12
CA GLY A 77 27.59 29.44 -25.36
C GLY A 77 27.78 28.86 -23.98
N ILE A 78 27.02 27.84 -23.61
CA ILE A 78 27.15 27.21 -22.30
C ILE A 78 28.25 26.16 -22.39
N VAL A 79 29.32 26.35 -21.62
CA VAL A 79 30.48 25.47 -21.65
C VAL A 79 30.42 24.58 -20.40
N CYS A 80 30.02 23.33 -20.59
CA CYS A 80 30.03 22.32 -19.53
C CYS A 80 30.66 21.04 -20.07
N PRO A 81 31.97 21.05 -20.27
CA PRO A 81 32.65 19.87 -20.85
C PRO A 81 32.56 18.69 -19.90
N GLY A 82 31.93 17.61 -20.36
CA GLY A 82 31.73 16.43 -19.54
C GLY A 82 30.27 16.25 -19.15
N LEU A 83 29.58 15.37 -19.88
CA LEU A 83 28.16 15.12 -19.65
C LEU A 83 27.81 13.77 -20.27
N PRO A 84 26.74 13.12 -19.82
CA PRO A 84 26.34 11.86 -20.45
C PRO A 84 26.02 12.07 -21.93
N LEU A 85 26.46 11.12 -22.74
CA LEU A 85 26.31 11.23 -24.20
C LEU A 85 24.88 10.86 -24.57
N ILE A 86 24.07 11.85 -24.89
CA ILE A 86 22.68 11.64 -25.27
C ILE A 86 22.39 12.42 -26.55
N ILE A 87 21.43 11.90 -27.31
CA ILE A 87 21.00 12.55 -28.55
C ILE A 87 19.50 12.73 -28.49
N PRO A 88 19.01 13.81 -27.88
CA PRO A 88 17.57 14.04 -27.82
C PRO A 88 16.98 14.24 -29.20
N ASP A 89 15.75 13.77 -29.38
CA ASP A 89 15.06 13.93 -30.65
C ASP A 89 14.59 15.35 -30.86
N GLY A 90 14.04 15.97 -29.83
CA GLY A 90 13.57 17.34 -29.90
C GLY A 90 14.04 18.14 -28.72
N TYR A 91 14.51 19.36 -28.98
CA TYR A 91 15.13 20.16 -27.95
C TYR A 91 14.71 21.62 -28.10
N LYS A 92 14.55 22.29 -26.96
CA LYS A 92 14.29 23.72 -26.91
C LYS A 92 15.07 24.29 -25.73
N LEU A 93 16.10 25.07 -26.02
CA LEU A 93 16.96 25.64 -24.98
C LEU A 93 16.50 27.06 -24.67
N ILE A 94 16.55 27.40 -23.38
CA ILE A 94 16.22 28.73 -22.90
C ILE A 94 17.34 29.17 -21.95
N ASP A 95 17.16 30.35 -21.34
CA ASP A 95 18.21 30.96 -20.53
C ASP A 95 18.66 30.05 -19.39
N ASN A 96 17.71 29.45 -18.68
CA ASN A 96 18.06 28.62 -17.53
C ASN A 96 17.37 27.26 -17.48
N SER A 97 16.80 26.82 -18.60
CA SER A 97 16.02 25.59 -18.61
C SER A 97 16.18 24.91 -19.96
N LEU A 98 15.83 23.64 -20.00
CA LEU A 98 15.96 22.82 -21.19
C LEU A 98 14.75 21.89 -21.30
N ILE A 99 14.27 21.71 -22.52
CA ILE A 99 13.19 20.76 -22.80
C ILE A 99 13.75 19.70 -23.75
N LEU A 100 13.72 18.45 -23.32
CA LEU A 100 14.20 17.33 -24.11
C LEU A 100 13.05 16.41 -24.47
N LEU A 101 12.97 16.03 -25.74
CA LEU A 101 11.95 15.11 -26.23
C LEU A 101 12.60 13.85 -26.76
N GLU A 102 12.24 12.71 -26.18
CA GLU A 102 12.56 11.40 -26.72
C GLU A 102 11.28 10.80 -27.26
N CYS A 103 11.33 10.32 -28.50
CA CYS A 103 10.16 9.82 -29.18
CA CYS A 103 10.16 9.82 -29.18
C CYS A 103 10.39 8.39 -29.65
N PHE A 104 9.31 7.63 -29.73
CA PHE A 104 9.33 6.23 -30.15
C PHE A 104 7.90 5.78 -30.37
N VAL A 105 7.73 4.89 -31.34
CA VAL A 105 6.44 4.30 -31.65
C VAL A 105 6.58 2.79 -31.51
N ARG A 106 5.85 2.20 -30.58
CA ARG A 106 5.90 0.77 -30.31
C ARG A 106 4.51 0.17 -30.35
N SER A 107 4.39 -1.00 -30.96
CA SER A 107 3.11 -1.65 -31.12
C SER A 107 2.73 -2.45 -29.87
N THR A 108 3.56 -3.43 -29.50
CA THR A 108 3.23 -4.28 -28.37
C THR A 108 3.27 -3.48 -27.08
N PRO A 109 2.31 -3.69 -26.17
CA PRO A 109 2.32 -2.93 -24.91
C PRO A 109 3.59 -3.10 -24.11
N ALA A 110 4.13 -4.32 -24.10
CA ALA A 110 5.27 -4.61 -23.25
C ALA A 110 6.50 -3.82 -23.68
N SER A 111 6.85 -3.92 -24.96
CA SER A 111 8.02 -3.18 -25.45
C SER A 111 7.80 -1.69 -25.33
N PHE A 112 6.57 -1.23 -25.54
CA PHE A 112 6.26 0.18 -25.39
C PHE A 112 6.57 0.65 -23.97
N GLU A 113 6.01 -0.03 -22.98
CA GLU A 113 6.21 0.44 -21.60
C GLU A 113 7.66 0.29 -21.20
N LYS A 114 8.35 -0.72 -21.72
CA LYS A 114 9.76 -0.86 -21.44
C LYS A 114 10.50 0.37 -21.93
N LYS A 115 10.48 0.60 -23.25
CA LYS A 115 11.19 1.74 -23.80
C LYS A 115 10.81 3.00 -23.04
N PHE A 116 9.56 3.10 -22.60
CA PHE A 116 9.13 4.22 -21.78
C PHE A 116 9.97 4.31 -20.51
N ILE A 117 10.13 3.19 -19.80
CA ILE A 117 10.80 3.30 -18.49
C ILE A 117 12.28 3.61 -18.67
N GLU A 118 12.98 2.95 -19.59
CA GLU A 118 14.40 3.30 -19.70
C GLU A 118 14.61 4.66 -20.36
N ASP A 119 13.64 5.15 -21.13
CA ASP A 119 13.77 6.54 -21.57
C ASP A 119 13.62 7.51 -20.42
N THR A 120 12.67 7.25 -19.52
CA THR A 120 12.57 8.06 -18.31
C THR A 120 13.86 8.01 -17.50
N ASN A 121 14.45 6.81 -17.37
CA ASN A 121 15.70 6.69 -16.63
C ASN A 121 16.84 7.44 -17.32
N LYS A 122 16.91 7.38 -18.64
CA LYS A 122 17.95 8.11 -19.35
C LYS A 122 17.81 9.61 -19.15
N LEU A 123 16.57 10.11 -19.19
CA LEU A 123 16.37 11.53 -18.92
C LEU A 123 16.77 11.88 -17.49
N ALA A 124 16.41 11.03 -16.53
CA ALA A 124 16.69 11.32 -15.12
C ALA A 124 18.17 11.20 -14.80
N CYS A 125 18.94 10.46 -15.60
CA CYS A 125 20.36 10.27 -15.29
C CYS A 125 21.11 11.60 -15.27
N ILE A 126 20.79 12.51 -16.18
CA ILE A 126 21.53 13.77 -16.29
C ILE A 126 20.83 14.86 -15.51
N ARG A 127 19.87 14.48 -14.66
CA ARG A 127 19.09 15.47 -13.92
C ARG A 127 19.98 16.36 -13.06
N GLU A 128 20.82 15.73 -12.23
CA GLU A 128 21.61 16.50 -11.28
C GLU A 128 22.65 17.35 -12.00
N ASP A 129 23.24 16.84 -13.07
CA ASP A 129 24.23 17.62 -13.81
C ASP A 129 23.57 18.83 -14.47
N LEU A 130 22.39 18.63 -15.08
CA LEU A 130 21.69 19.76 -15.67
C LEU A 130 21.31 20.78 -14.60
N ALA A 131 20.87 20.31 -13.43
CA ALA A 131 20.47 21.23 -12.37
C ALA A 131 21.65 22.05 -11.88
N VAL A 132 22.77 21.38 -11.56
CA VAL A 132 23.92 22.08 -11.03
C VAL A 132 24.58 22.95 -12.09
N ALA A 133 24.37 22.65 -13.37
CA ALA A 133 24.93 23.48 -14.43
C ALA A 133 24.27 24.85 -14.52
N GLY A 134 23.17 25.08 -13.80
CA GLY A 134 22.45 26.33 -13.87
C GLY A 134 21.19 26.31 -14.71
N VAL A 135 20.77 25.13 -15.18
CA VAL A 135 19.56 25.00 -15.98
C VAL A 135 18.71 23.88 -15.38
N THR A 136 17.61 23.55 -16.04
CA THR A 136 16.77 22.45 -15.59
C THR A 136 16.14 21.76 -16.80
N LEU A 137 15.71 20.52 -16.59
CA LEU A 137 15.14 19.70 -17.64
C LEU A 137 13.62 19.71 -17.59
N VAL A 138 12.99 19.84 -18.75
CA VAL A 138 11.55 19.63 -18.88
C VAL A 138 11.33 18.16 -19.16
N PRO A 139 10.89 17.36 -18.18
CA PRO A 139 10.77 15.92 -18.39
C PRO A 139 9.58 15.59 -19.27
N ILE A 140 9.87 15.05 -20.45
CA ILE A 140 8.82 14.68 -21.39
C ILE A 140 9.40 13.75 -22.45
N VAL A 141 8.66 12.71 -22.79
CA VAL A 141 8.97 11.84 -23.92
C VAL A 141 7.69 11.66 -24.73
N ASP A 142 7.86 11.26 -25.98
CA ASP A 142 6.73 11.14 -26.89
C ASP A 142 6.46 9.66 -27.12
N GLY A 143 5.65 9.07 -26.25
CA GLY A 143 5.25 7.69 -26.44
C GLY A 143 4.02 7.58 -27.30
N ARG A 144 4.22 7.30 -28.58
CA ARG A 144 3.12 7.18 -29.54
C ARG A 144 2.91 5.72 -29.88
N CYS A 145 1.65 5.31 -29.99
CA CYS A 145 1.29 3.94 -30.33
C CYS A 145 0.73 3.82 -31.74
N ASP A 146 1.09 4.73 -32.64
CA ASP A 146 0.57 4.72 -34.01
C ASP A 146 1.54 5.45 -34.91
N TYR A 147 1.24 5.43 -36.21
CA TYR A 147 2.07 6.08 -37.21
C TYR A 147 1.42 7.29 -37.84
N ASP A 148 0.19 7.62 -37.46
CA ASP A 148 -0.47 8.79 -38.03
C ASP A 148 0.29 10.04 -37.65
N ASN A 149 0.61 10.85 -38.66
CA ASN A 149 1.49 12.00 -38.47
C ASN A 149 1.14 13.08 -39.48
N SER A 150 1.65 14.29 -39.21
CA SER A 150 1.30 15.44 -40.05
C SER A 150 1.91 15.32 -41.44
N PHE A 151 3.11 14.77 -41.55
CA PHE A 151 3.83 14.81 -42.82
C PHE A 151 3.19 13.94 -43.89
N MET A 152 2.26 13.06 -43.53
CA MET A 152 1.65 12.22 -44.54
C MET A 152 0.26 11.81 -44.11
N PRO A 153 -0.68 11.70 -45.04
CA PRO A 153 -1.98 11.12 -44.73
C PRO A 153 -1.86 9.65 -44.38
N GLU A 154 -2.85 9.16 -43.63
CA GLU A 154 -2.77 7.81 -43.08
C GLU A 154 -2.65 6.77 -44.18
N TRP A 155 -3.40 6.95 -45.27
CA TRP A 155 -3.36 5.97 -46.35
C TRP A 155 -1.98 5.93 -47.01
N ALA A 156 -1.34 7.09 -47.13
CA ALA A 156 -0.02 7.13 -47.76
C ALA A 156 0.98 6.28 -46.98
N ASN A 157 1.09 6.51 -45.67
CA ASN A 157 2.04 5.76 -44.86
C ASN A 157 1.63 4.31 -44.72
N PHE A 158 0.33 4.03 -44.69
CA PHE A 158 -0.13 2.66 -44.56
C PHE A 158 0.25 1.84 -45.78
N LYS A 159 -0.03 2.36 -46.98
CA LYS A 159 0.43 1.71 -48.20
C LYS A 159 1.95 1.67 -48.28
N PHE A 160 2.61 2.69 -47.74
CA PHE A 160 4.07 2.69 -47.69
C PHE A 160 4.59 1.49 -46.92
N ARG A 161 4.08 1.29 -45.71
CA ARG A 161 4.50 0.14 -44.91
C ARG A 161 4.12 -1.17 -45.59
N ASP A 162 2.99 -1.18 -46.31
CA ASP A 162 2.64 -2.37 -47.07
C ASP A 162 3.70 -2.71 -48.11
N LEU A 163 4.14 -1.69 -48.85
CA LEU A 163 5.14 -1.90 -49.90
C LEU A 163 6.47 -2.35 -49.30
N LEU A 164 6.90 -1.70 -48.21
CA LEU A 164 8.11 -2.17 -47.53
C LEU A 164 7.95 -3.60 -47.03
N PHE A 165 6.77 -3.95 -46.49
CA PHE A 165 6.53 -5.32 -46.03
C PHE A 165 6.76 -6.33 -47.14
N LYS A 166 6.07 -6.12 -48.26
CA LYS A 166 6.20 -7.05 -49.38
C LYS A 166 7.63 -7.08 -49.91
N LEU A 167 8.32 -5.94 -49.89
CA LEU A 167 9.69 -5.94 -50.38
C LEU A 167 10.63 -6.60 -49.37
N LEU A 168 10.29 -6.58 -48.08
CA LEU A 168 10.99 -7.45 -47.12
C LEU A 168 10.86 -8.91 -47.49
N GLU A 169 9.64 -9.35 -47.81
CA GLU A 169 9.50 -10.75 -48.19
C GLU A 169 10.32 -11.07 -49.43
N TYR A 170 10.29 -10.19 -50.44
CA TYR A 170 11.10 -10.44 -51.63
C TYR A 170 12.58 -10.51 -51.29
N SER A 171 13.06 -9.58 -50.45
CA SER A 171 14.46 -9.58 -50.06
C SER A 171 14.82 -10.84 -49.29
N ASN A 172 13.93 -11.28 -48.39
CA ASN A 172 14.16 -12.50 -47.64
C ASN A 172 14.24 -13.71 -48.55
N GLN A 173 13.49 -13.70 -49.65
CA GLN A 173 13.67 -14.73 -50.67
C GLN A 173 15.08 -14.66 -51.24
N ASN A 174 15.58 -13.45 -51.48
CA ASN A 174 16.94 -13.26 -51.98
C ASN A 174 17.92 -13.42 -50.82
N GLU A 175 19.18 -13.11 -51.08
CA GLU A 175 20.23 -13.25 -50.08
C GLU A 175 20.31 -12.06 -49.13
N LYS A 176 19.25 -11.25 -49.06
CA LYS A 176 19.15 -10.23 -48.02
C LYS A 176 18.69 -10.82 -46.70
N VAL A 177 18.82 -12.14 -46.54
CA VAL A 177 18.34 -12.83 -45.35
C VAL A 177 19.03 -12.27 -44.11
N PHE A 178 18.26 -12.06 -43.06
CA PHE A 178 18.76 -11.62 -41.77
C PHE A 178 18.43 -12.69 -40.73
N GLU A 179 19.36 -12.92 -39.81
CA GLU A 179 19.24 -14.07 -38.92
C GLU A 179 17.92 -14.07 -38.16
N GLU A 180 17.74 -13.10 -37.29
CA GLU A 180 16.44 -12.87 -36.67
C GLU A 180 16.05 -11.40 -36.64
N SER A 181 16.94 -10.48 -36.98
CA SER A 181 16.52 -9.10 -37.20
C SER A 181 15.46 -9.03 -38.29
N GLU A 182 15.46 -9.99 -39.22
CA GLU A 182 14.37 -10.08 -40.17
C GLU A 182 13.05 -10.29 -39.46
N TYR A 183 13.04 -11.09 -38.40
CA TYR A 183 11.84 -11.25 -37.60
C TYR A 183 11.46 -9.95 -36.91
N PHE A 184 12.44 -9.32 -36.24
CA PHE A 184 12.18 -8.05 -35.57
C PHE A 184 11.59 -7.02 -36.52
N ARG A 185 12.00 -7.05 -37.79
CA ARG A 185 11.33 -6.23 -38.78
C ARG A 185 9.90 -6.69 -38.99
N LEU A 186 9.74 -7.90 -39.52
CA LEU A 186 8.48 -8.25 -40.17
C LEU A 186 7.35 -8.41 -39.18
N CYS A 187 7.60 -9.01 -38.02
CA CYS A 187 6.50 -9.24 -37.10
C CYS A 187 6.29 -8.09 -36.14
N GLU A 188 7.36 -7.32 -36.16
CA GLU A 188 7.38 -6.03 -35.63
C GLU A 188 6.51 -5.59 -36.81
N SER A 189 5.28 -5.23 -36.50
CA SER A 189 4.25 -4.77 -37.45
C SER A 189 4.64 -4.15 -38.79
N LEU A 190 5.13 -4.99 -39.68
CA LEU A 190 5.54 -4.59 -41.01
C LEU A 190 6.42 -3.37 -40.99
N MET A 200 -2.22 -11.83 -27.66
CA MET A 200 -1.86 -12.66 -26.52
C MET A 200 -2.02 -14.13 -26.91
N ASP A 201 -2.89 -14.84 -26.20
CA ASP A 201 -3.35 -16.19 -26.52
C ASP A 201 -2.31 -17.19 -27.03
N SER A 202 -1.22 -17.31 -26.26
CA SER A 202 -0.21 -18.32 -26.52
C SER A 202 0.57 -18.02 -27.82
N MET A 203 1.40 -16.99 -27.74
CA MET A 203 2.32 -16.69 -28.83
C MET A 203 3.17 -17.91 -29.15
N LYS A 204 2.94 -18.53 -30.31
CA LYS A 204 3.70 -19.69 -30.75
C LYS A 204 4.59 -19.38 -31.94
N ILE A 205 4.72 -18.11 -32.30
CA ILE A 205 5.43 -17.69 -33.50
C ILE A 205 6.94 -17.71 -33.30
N LEU A 206 7.39 -18.10 -32.12
CA LEU A 206 8.82 -18.22 -31.87
C LEU A 206 9.35 -19.52 -32.42
N LYS A 207 10.67 -19.60 -32.55
CA LYS A 207 11.30 -20.82 -33.01
C LYS A 207 11.35 -21.82 -31.85
N ASP A 208 12.15 -22.87 -31.96
CA ASP A 208 12.31 -23.83 -30.88
C ASP A 208 13.75 -24.28 -30.84
N ALA A 209 14.46 -23.96 -29.76
CA ALA A 209 15.85 -24.36 -29.59
C ALA A 209 16.01 -25.33 -28.43
N ARG A 210 14.97 -26.11 -28.13
CA ARG A 210 14.98 -27.02 -26.98
C ARG A 210 15.89 -28.20 -27.26
N SER A 211 17.10 -28.17 -26.69
CA SER A 211 18.09 -29.21 -26.97
C SER A 211 18.91 -29.50 -25.73
N THR A 212 19.08 -30.80 -25.45
CA THR A 212 20.02 -31.37 -24.47
C THR A 212 19.90 -30.76 -23.08
N HIS A 213 18.87 -30.01 -22.82
CA HIS A 213 18.53 -29.66 -21.45
C HIS A 213 17.08 -29.97 -21.14
N ASN A 214 16.17 -29.68 -22.05
CA ASN A 214 14.78 -30.07 -21.83
C ASN A 214 14.40 -31.53 -22.03
N ASP A 215 15.42 -32.34 -22.08
CA ASP A 215 15.31 -33.79 -22.21
C ASP A 215 15.71 -34.50 -20.92
N GLU A 216 16.77 -34.03 -20.26
CA GLU A 216 17.05 -34.49 -18.91
C GLU A 216 15.94 -34.09 -17.97
N ILE A 217 15.48 -32.84 -18.07
CA ILE A 217 14.39 -32.36 -17.23
C ILE A 217 13.10 -33.07 -17.59
N MET A 218 12.91 -33.38 -18.86
CA MET A 218 11.74 -34.13 -19.25
C MET A 218 11.91 -35.62 -19.01
N ARG A 219 13.08 -36.06 -18.52
CA ARG A 219 13.33 -37.45 -18.19
C ARG A 219 13.15 -37.71 -16.71
N MET A 220 13.72 -36.84 -15.87
CA MET A 220 13.56 -36.97 -14.43
C MET A 220 12.09 -37.02 -14.03
N CYS A 221 11.23 -36.38 -14.82
CA CYS A 221 9.80 -36.45 -14.59
C CYS A 221 9.21 -37.80 -14.96
N HIS A 222 10.00 -38.70 -15.55
CA HIS A 222 9.52 -40.02 -15.90
C HIS A 222 10.40 -41.15 -15.38
N GLU A 223 11.50 -40.85 -14.71
CA GLU A 223 12.41 -41.88 -14.23
C GLU A 223 11.96 -42.33 -12.85
N GLY A 224 11.24 -43.45 -12.80
CA GLY A 224 10.81 -44.07 -11.54
C GLY A 224 9.31 -44.17 -11.39
N ILE A 225 8.58 -43.34 -12.09
CA ILE A 225 7.14 -43.28 -11.93
C ILE A 225 6.49 -44.26 -12.90
N ASN A 226 5.32 -44.76 -12.51
CA ASN A 226 4.54 -45.68 -13.32
C ASN A 226 3.14 -45.12 -13.45
N PRO A 227 2.96 -44.14 -14.31
CA PRO A 227 1.72 -43.36 -14.31
C PRO A 227 0.53 -44.10 -14.90
N ASN A 228 0.58 -45.42 -15.02
CA ASN A 228 -0.57 -46.13 -15.57
C ASN A 228 -1.14 -47.26 -14.73
N MET A 229 -0.78 -47.32 -13.45
CA MET A 229 -1.14 -48.48 -12.64
C MET A 229 -2.64 -48.71 -12.72
N SER A 230 -3.04 -49.96 -12.54
CA SER A 230 -4.43 -50.35 -12.72
C SER A 230 -5.31 -49.75 -11.63
N CYS A 231 -6.60 -50.06 -11.70
CA CYS A 231 -7.56 -49.53 -10.74
C CYS A 231 -7.56 -50.28 -9.43
N ASP A 232 -7.06 -51.51 -9.41
CA ASP A 232 -6.92 -52.25 -8.17
C ASP A 232 -5.48 -52.62 -7.89
N ASP A 233 -4.55 -52.07 -8.65
CA ASP A 233 -3.14 -52.15 -8.28
C ASP A 233 -2.68 -50.92 -7.52
N VAL A 234 -3.58 -49.99 -7.25
CA VAL A 234 -3.27 -48.87 -6.37
C VAL A 234 -3.68 -49.17 -4.94
N VAL A 235 -4.83 -49.85 -4.76
CA VAL A 235 -5.25 -50.26 -3.44
C VAL A 235 -4.16 -51.09 -2.79
N PHE A 236 -3.58 -52.01 -3.54
CA PHE A 236 -2.52 -52.85 -2.99
C PHE A 236 -1.27 -52.07 -2.67
N GLY A 237 -1.09 -50.90 -3.25
CA GLY A 237 0.05 -50.07 -2.90
C GLY A 237 -0.21 -49.24 -1.66
N ILE A 238 -1.42 -48.72 -1.52
CA ILE A 238 -1.79 -47.99 -0.31
C ILE A 238 -1.73 -48.91 0.89
N ASN A 239 -2.29 -50.10 0.77
CA ASN A 239 -2.31 -51.01 1.90
C ASN A 239 -0.93 -51.52 2.27
N SER A 240 0.08 -51.25 1.46
CA SER A 240 1.43 -51.66 1.79
C SER A 240 2.35 -50.47 2.03
N LEU A 241 1.87 -49.25 1.83
CA LEU A 241 2.53 -48.09 2.37
C LEU A 241 2.09 -47.82 3.80
N PHE A 242 0.81 -48.02 4.07
CA PHE A 242 0.33 -48.16 5.44
C PHE A 242 0.62 -49.57 5.92
N SER A 243 0.60 -49.75 7.23
CA SER A 243 1.00 -50.99 7.87
C SER A 243 2.45 -51.35 7.56
N ARG A 244 3.14 -50.51 6.82
CA ARG A 244 4.58 -50.43 6.84
C ARG A 244 5.04 -49.19 7.58
N PHE A 245 4.12 -48.26 7.81
CA PHE A 245 4.21 -47.14 8.72
C PHE A 245 3.75 -47.49 10.12
N ARG A 246 2.51 -47.96 10.25
CA ARG A 246 1.90 -48.18 11.54
C ARG A 246 2.77 -49.05 12.43
N ARG A 247 3.36 -50.11 11.88
CA ARG A 247 4.19 -50.97 12.70
C ARG A 247 5.56 -50.37 12.96
N ASP A 248 5.95 -49.33 12.24
CA ASP A 248 7.13 -48.57 12.59
C ASP A 248 6.79 -47.34 13.44
N LEU A 249 5.61 -47.34 14.06
CA LEU A 249 5.20 -46.27 14.94
C LEU A 249 5.29 -46.64 16.40
N GLU A 250 5.27 -47.93 16.72
CA GLU A 250 5.43 -48.34 18.11
C GLU A 250 6.86 -48.21 18.60
N SER A 251 7.82 -47.98 17.71
CA SER A 251 9.18 -47.66 18.15
C SER A 251 9.86 -46.53 17.39
N GLY A 252 9.55 -46.31 16.12
CA GLY A 252 10.47 -45.57 15.28
C GLY A 252 10.52 -44.06 15.38
N LYS A 253 9.46 -43.37 14.98
CA LYS A 253 9.62 -41.95 14.68
C LYS A 253 9.27 -41.15 15.91
N LEU A 254 7.97 -40.99 16.14
CA LEU A 254 7.42 -39.95 17.00
C LEU A 254 5.95 -40.26 17.18
N LYS A 255 5.39 -40.05 18.36
CA LYS A 255 3.98 -40.37 18.57
C LYS A 255 3.33 -39.13 17.95
N ARG A 256 3.24 -39.17 16.63
CA ARG A 256 2.26 -38.49 15.79
C ARG A 256 2.22 -36.97 15.98
N ASN A 257 3.00 -36.43 16.90
CA ASN A 257 2.96 -35.00 17.21
C ASN A 257 1.57 -34.59 17.67
N PHE A 258 0.66 -35.55 17.79
CA PHE A 258 -0.75 -35.27 18.02
C PHE A 258 -1.17 -35.89 19.33
N GLN A 259 -1.53 -35.06 20.30
CA GLN A 259 -1.99 -35.51 21.61
C GLN A 259 -3.37 -34.92 21.94
N LYS A 260 -3.96 -35.35 23.05
CA LYS A 260 -5.27 -34.86 23.48
C LYS A 260 -5.12 -33.62 24.36
N VAL A 261 -6.22 -33.12 24.93
CA VAL A 261 -6.10 -31.93 25.76
C VAL A 261 -6.85 -32.15 27.06
N ASN A 262 -6.16 -31.90 28.17
CA ASN A 262 -6.83 -31.63 29.43
C ASN A 262 -6.74 -30.14 29.66
N PRO A 263 -7.85 -29.40 29.66
CA PRO A 263 -7.77 -27.94 29.68
C PRO A 263 -6.93 -27.41 30.83
N GLU A 264 -7.00 -28.08 31.99
CA GLU A 264 -6.17 -27.69 33.13
C GLU A 264 -4.69 -27.81 32.80
N GLY A 265 -4.31 -28.86 32.09
CA GLY A 265 -2.92 -28.99 31.65
C GLY A 265 -2.50 -27.85 30.77
N LEU A 266 -3.33 -27.49 29.79
CA LEU A 266 -3.03 -26.34 28.95
C LEU A 266 -2.81 -25.10 29.79
N ILE A 267 -3.72 -24.83 30.71
CA ILE A 267 -3.63 -23.60 31.48
C ILE A 267 -2.38 -23.58 32.33
N LYS A 268 -2.06 -24.72 32.96
CA LYS A 268 -0.87 -24.78 33.80
C LYS A 268 0.41 -24.66 32.98
N GLU A 269 0.42 -25.27 31.79
CA GLU A 269 1.58 -25.14 30.91
C GLU A 269 1.77 -23.71 30.47
N PHE A 270 0.67 -23.04 30.14
CA PHE A 270 0.77 -21.62 29.81
C PHE A 270 1.29 -20.84 30.99
N SER A 271 0.79 -21.14 32.19
CA SER A 271 1.22 -20.41 33.37
C SER A 271 2.71 -20.56 33.61
N GLU A 272 3.23 -21.78 33.49
CA GLU A 272 4.63 -22.04 33.82
C GLU A 272 5.57 -21.70 32.68
N LEU A 273 5.10 -21.01 31.66
CA LEU A 273 5.99 -20.50 30.62
C LEU A 273 6.93 -19.48 31.23
N TYR A 274 8.12 -19.35 30.65
CA TYR A 274 9.11 -18.39 31.12
C TYR A 274 9.45 -18.51 32.61
N GLU A 275 9.98 -19.67 32.98
CA GLU A 275 10.26 -19.91 34.39
C GLU A 275 11.04 -18.83 35.13
N ASN A 276 11.54 -17.85 34.38
CA ASN A 276 12.64 -16.97 34.69
C ASN A 276 12.20 -15.77 35.51
N LEU A 277 11.31 -14.96 34.97
CA LEU A 277 10.96 -13.70 35.60
C LEU A 277 9.47 -13.55 35.83
N ALA A 278 8.65 -13.91 34.85
CA ALA A 278 7.20 -13.96 35.08
C ALA A 278 6.92 -15.19 35.91
N ASP A 279 6.68 -15.00 37.19
CA ASP A 279 6.74 -16.09 38.17
C ASP A 279 5.52 -16.05 39.08
N SER A 280 4.33 -15.99 38.48
CA SER A 280 3.04 -16.14 39.16
C SER A 280 2.83 -15.08 40.24
N ASP A 281 2.78 -13.83 39.79
CA ASP A 281 2.30 -12.70 40.61
C ASP A 281 0.79 -12.68 40.52
N ASP A 282 0.13 -13.31 41.47
CA ASP A 282 -1.28 -13.67 41.31
C ASP A 282 -2.23 -12.53 41.67
N ILE A 283 -1.98 -11.86 42.80
CA ILE A 283 -2.97 -10.97 43.37
C ILE A 283 -3.34 -9.87 42.38
N LEU A 284 -4.64 -9.70 42.15
CA LEU A 284 -5.10 -8.72 41.18
C LEU A 284 -4.57 -7.33 41.50
N THR A 285 -4.77 -6.88 42.75
CA THR A 285 -4.29 -5.57 43.13
C THR A 285 -2.79 -5.46 42.93
N LEU A 286 -2.07 -6.56 43.16
CA LEU A 286 -0.63 -6.53 42.93
C LEU A 286 -0.32 -6.33 41.46
N SER A 287 -1.04 -7.04 40.58
CA SER A 287 -0.80 -6.91 39.15
C SER A 287 -1.11 -5.49 38.67
N ARG A 288 -2.24 -4.94 39.10
CA ARG A 288 -2.60 -3.58 38.68
C ARG A 288 -1.62 -2.55 39.23
N GLU A 289 -1.17 -2.73 40.47
CA GLU A 289 -0.17 -1.84 41.03
C GLU A 289 1.11 -1.90 40.22
N ALA A 290 1.50 -3.09 39.77
CA ALA A 290 2.65 -3.18 38.89
C ALA A 290 2.37 -2.52 37.55
N VAL A 291 1.15 -2.65 37.05
CA VAL A 291 0.80 -2.13 35.73
C VAL A 291 0.92 -0.61 35.70
N GLU A 292 0.32 0.05 36.68
CA GLU A 292 0.25 1.50 36.69
C GLU A 292 1.63 2.14 36.82
N SER A 293 2.66 1.32 36.94
CA SER A 293 4.02 1.82 37.09
C SER A 293 4.97 1.25 36.05
N CYS A 294 4.47 0.59 35.01
CA CYS A 294 5.37 -0.13 34.12
C CYS A 294 6.21 0.82 33.27
N PRO A 295 5.63 1.53 32.29
CA PRO A 295 6.47 2.39 31.46
C PRO A 295 6.63 3.72 32.15
N LEU A 296 7.17 4.72 31.47
CA LEU A 296 7.08 6.06 32.04
C LEU A 296 5.81 6.78 31.66
N MET A 297 5.05 6.30 30.68
CA MET A 297 3.92 7.10 30.23
C MET A 297 2.63 6.73 30.93
N ARG A 298 2.39 5.44 31.18
CA ARG A 298 1.18 5.12 31.92
C ARG A 298 1.25 5.73 33.32
N PHE A 299 2.41 6.25 33.69
CA PHE A 299 2.64 7.00 34.92
C PHE A 299 2.05 8.40 34.90
N ILE A 300 1.56 8.90 33.77
CA ILE A 300 0.80 10.15 33.70
C ILE A 300 -0.66 9.88 33.36
N THR A 301 -0.91 9.02 32.39
CA THR A 301 -2.25 8.78 31.88
C THR A 301 -3.17 8.38 33.03
N ALA A 302 -2.60 8.11 34.20
CA ALA A 302 -3.35 7.75 35.40
C ALA A 302 -3.08 8.55 36.66
N GLU A 303 -2.71 9.83 36.54
CA GLU A 303 -1.99 10.57 37.56
C GLU A 303 -2.83 11.50 38.44
N THR A 304 -3.99 11.97 37.97
CA THR A 304 -4.83 12.92 38.70
C THR A 304 -4.17 14.27 39.02
N HIS A 305 -3.71 14.93 37.97
CA HIS A 305 -3.39 16.33 38.09
C HIS A 305 -4.65 17.15 38.18
N GLY A 306 -4.53 18.47 38.17
CA GLY A 306 -5.67 19.36 38.34
C GLY A 306 -5.43 20.35 39.46
N THR A 315 -8.64 37.06 23.17
CA THR A 315 -7.52 36.34 22.59
C THR A 315 -6.74 37.23 21.63
N GLU A 316 -6.23 38.34 22.14
CA GLU A 316 -5.40 39.22 21.32
C GLU A 316 -4.19 38.49 20.79
N TYR A 317 -3.42 37.87 21.68
CA TYR A 317 -2.35 36.97 21.27
C TYR A 317 -2.99 35.64 20.88
N GLU A 318 -2.16 34.63 20.67
CA GLU A 318 -2.61 33.30 20.29
C GLU A 318 -3.39 33.31 18.98
N ARG A 319 -3.39 34.45 18.29
CA ARG A 319 -3.89 34.55 16.92
C ARG A 319 -2.87 35.31 16.10
N LEU A 320 -2.10 36.18 16.75
CA LEU A 320 -1.02 36.86 16.05
C LEU A 320 -0.03 35.85 15.47
N LEU A 321 0.07 34.68 16.08
CA LEU A 321 0.90 33.61 15.56
C LEU A 321 0.41 33.14 14.20
N SER A 322 -0.91 33.09 14.01
CA SER A 322 -1.41 32.66 12.72
C SER A 322 -0.87 33.53 11.60
N MET A 323 -0.88 34.85 11.80
CA MET A 323 -0.36 35.72 10.76
C MET A 323 1.16 35.59 10.68
N LEU A 324 1.83 35.60 11.83
CA LEU A 324 3.28 35.51 11.81
C LEU A 324 3.78 34.20 11.22
N ASN A 325 2.91 33.20 11.14
CA ASN A 325 3.24 31.88 10.64
C ASN A 325 2.87 31.71 9.18
N LYS A 326 1.75 32.30 8.75
CA LYS A 326 1.34 32.16 7.36
C LYS A 326 2.42 32.68 6.43
N VAL A 327 3.05 33.79 6.76
CA VAL A 327 4.24 34.24 6.04
C VAL A 327 5.42 33.62 6.76
N LYS A 328 5.62 32.32 6.54
CA LYS A 328 6.86 31.66 6.92
C LYS A 328 7.40 30.72 5.87
N SER A 329 6.55 30.15 5.01
CA SER A 329 6.99 29.14 4.06
C SER A 329 7.80 29.72 2.90
N LEU A 330 7.79 31.04 2.77
CA LEU A 330 8.53 31.71 1.70
C LEU A 330 10.04 31.63 1.93
N LYS A 331 10.48 32.06 3.10
CA LYS A 331 11.90 32.05 3.44
C LYS A 331 12.14 31.52 4.84
N LEU A 332 13.35 31.00 5.06
CA LEU A 332 13.73 30.45 6.37
C LEU A 332 15.24 30.35 6.48
N LEU A 333 15.85 31.34 7.11
CA LEU A 333 17.31 31.35 7.27
C LEU A 333 17.72 31.81 8.68
N ASN A 334 19.00 31.63 8.99
CA ASN A 334 19.54 32.03 10.28
C ASN A 334 19.35 33.51 10.53
N THR A 335 19.60 34.34 9.51
CA THR A 335 19.36 35.77 9.68
C THR A 335 17.87 36.06 9.81
N ARG A 336 17.02 35.20 9.28
CA ARG A 336 15.60 35.29 9.51
C ARG A 336 15.26 34.49 10.76
N ARG A 337 13.97 34.42 11.10
CA ARG A 337 13.48 33.66 12.23
C ARG A 337 13.99 34.23 13.56
N ARG A 338 14.82 35.26 13.50
CA ARG A 338 15.22 36.01 14.70
C ARG A 338 14.51 37.36 14.77
N GLN A 339 14.63 38.16 13.73
CA GLN A 339 13.81 39.36 13.65
C GLN A 339 12.36 39.00 13.30
N LEU A 340 12.08 37.74 13.02
CA LEU A 340 10.71 37.24 13.02
C LEU A 340 10.26 36.86 14.42
N LEU A 341 11.17 36.89 15.39
CA LEU A 341 10.83 36.67 16.78
C LEU A 341 10.85 37.93 17.63
N ASN A 342 11.58 38.96 17.19
CA ASN A 342 11.43 40.26 17.85
C ASN A 342 9.99 40.74 17.74
N LEU A 343 9.39 40.59 16.56
CA LEU A 343 7.98 40.91 16.36
C LEU A 343 7.06 40.10 17.25
N ASP A 344 7.57 39.13 17.99
CA ASP A 344 6.75 38.37 18.91
C ASP A 344 7.07 38.64 20.36
N VAL A 345 8.35 38.77 20.71
CA VAL A 345 8.69 39.17 22.08
C VAL A 345 8.19 40.57 22.36
N LEU A 346 8.26 41.46 21.36
CA LEU A 346 7.70 42.79 21.53
C LEU A 346 6.22 42.70 21.87
N CYS A 347 5.49 41.83 21.19
CA CYS A 347 4.09 41.64 21.51
C CYS A 347 3.91 41.10 22.92
N LEU A 348 4.89 40.38 23.44
CA LEU A 348 4.82 40.00 24.84
C LEU A 348 5.20 41.02 25.91
N SER A 349 5.31 42.28 25.53
CA SER A 349 5.62 43.29 26.52
C SER A 349 4.55 44.36 26.61
N SER A 350 3.81 44.60 25.52
CA SER A 350 2.67 45.49 25.51
C SER A 350 1.38 44.74 25.81
N LEU A 351 1.49 43.57 26.45
CA LEU A 351 0.33 42.82 26.89
C LEU A 351 0.48 42.29 28.31
N ILE A 352 1.66 42.38 28.91
CA ILE A 352 1.86 42.01 30.30
C ILE A 352 2.16 43.23 31.15
N LYS A 353 2.91 44.20 30.62
CA LYS A 353 3.07 45.46 31.33
C LYS A 353 1.73 46.17 31.47
N GLN A 354 0.91 46.14 30.42
CA GLN A 354 -0.47 46.61 30.51
C GLN A 354 -1.15 45.33 30.95
N SER A 355 -0.91 44.93 32.20
CA SER A 355 -1.62 43.84 32.84
C SER A 355 -1.11 43.66 34.25
N CYS A 370 1.08 31.10 25.22
CA CYS A 370 1.56 31.29 26.58
C CYS A 370 3.03 31.65 26.60
N TYR A 371 3.71 31.27 27.68
CA TYR A 371 5.07 31.70 27.94
C TYR A 371 5.48 30.49 28.77
N SER A 372 6.45 29.72 28.32
CA SER A 372 6.93 28.60 29.13
C SER A 372 8.11 28.86 30.06
N SER A 373 8.21 30.13 30.45
CA SER A 373 9.07 30.55 31.55
C SER A 373 10.50 30.97 31.20
N VAL A 374 11.01 30.66 30.01
CA VAL A 374 12.12 31.42 29.47
C VAL A 374 11.96 31.53 27.95
N ASN A 375 10.80 31.15 27.44
CA ASN A 375 10.66 30.78 26.04
C ASN A 375 9.37 31.35 25.44
N ASP A 376 9.54 32.21 24.44
CA ASP A 376 8.44 32.87 23.74
C ASP A 376 8.10 32.11 22.46
N ARG A 377 6.96 31.41 22.46
CA ARG A 377 6.69 30.47 21.37
C ARG A 377 6.74 31.16 20.01
N LEU A 378 7.78 30.87 19.23
CA LEU A 378 8.09 31.58 18.00
C LEU A 378 7.50 30.78 16.84
N VAL A 379 7.81 31.21 15.61
CA VAL A 379 7.00 30.97 14.41
C VAL A 379 6.64 29.49 14.25
N SER A 380 7.66 28.63 14.19
CA SER A 380 7.53 27.31 13.56
C SER A 380 7.26 26.18 14.54
N PHE A 381 6.47 26.42 15.59
CA PHE A 381 6.36 25.57 16.78
C PHE A 381 7.69 25.57 17.52
N HIS A 382 8.66 26.30 17.01
CA HIS A 382 9.96 26.55 17.57
C HIS A 382 9.76 27.14 18.96
N SER A 383 10.83 27.30 19.74
CA SER A 383 10.69 27.91 21.05
C SER A 383 12.11 28.42 21.24
N THR A 384 12.25 29.72 21.46
CA THR A 384 13.56 30.31 21.69
C THR A 384 13.75 30.64 23.16
N LYS A 385 14.87 31.28 23.47
CA LYS A 385 15.18 31.74 24.82
C LYS A 385 15.11 33.25 24.86
N GLU A 386 14.35 33.80 25.80
CA GLU A 386 14.29 35.25 25.90
C GLU A 386 15.58 36.00 26.18
N GLU A 387 16.66 35.26 26.29
CA GLU A 387 17.95 35.87 26.56
C GLU A 387 18.94 35.77 25.39
N PHE A 388 18.77 34.77 24.52
CA PHE A 388 19.54 34.74 23.27
C PHE A 388 19.03 35.77 22.30
N ILE A 389 17.71 35.93 22.23
CA ILE A 389 17.12 37.12 21.64
C ILE A 389 17.44 38.21 22.66
N ARG A 390 17.31 39.48 22.28
CA ARG A 390 17.75 40.59 23.11
C ARG A 390 19.23 40.53 23.41
N LEU A 391 19.95 39.62 22.76
CA LEU A 391 21.39 39.69 22.62
C LEU A 391 21.84 39.40 21.19
N LEU A 392 21.01 38.73 20.39
CA LEU A 392 21.25 38.67 18.96
C LEU A 392 21.14 40.07 18.35
N ARG A 393 20.10 40.80 18.72
CA ARG A 393 20.15 42.24 18.54
C ARG A 393 21.23 42.81 19.46
N ASN A 394 21.55 44.08 19.23
CA ASN A 394 22.64 44.76 19.91
C ASN A 394 24.00 44.20 19.52
N ARG A 395 24.04 43.15 18.70
CA ARG A 395 25.18 42.94 17.81
C ARG A 395 24.92 42.60 16.36
N LYS A 396 23.66 42.36 15.98
CA LYS A 396 23.14 42.54 14.63
C LYS A 396 22.72 43.99 14.39
N LYS A 397 22.04 44.59 15.36
CA LYS A 397 21.65 45.99 15.26
C LYS A 397 22.84 46.92 15.47
N SER A 398 23.69 46.62 16.46
CA SER A 398 24.79 47.51 16.78
C SER A 398 25.81 47.59 15.66
N LYS A 399 26.00 46.48 14.92
CA LYS A 399 26.92 46.52 13.80
C LYS A 399 26.47 47.51 12.73
N VAL A 400 25.17 47.72 12.62
CA VAL A 400 24.62 48.66 11.65
C VAL A 400 24.82 50.09 12.14
N ARG A 411 23.84 55.56 19.51
CA ARG A 411 22.71 55.86 18.64
C ARG A 411 21.84 54.63 18.42
N ALA A 412 21.85 53.71 19.39
CA ALA A 412 20.98 52.55 19.29
C ALA A 412 19.51 52.94 19.27
N SER A 413 19.12 53.88 20.14
CA SER A 413 17.76 54.37 20.11
C SER A 413 17.49 55.10 18.80
N ILE A 414 18.49 55.80 18.27
CA ILE A 414 18.39 56.29 16.90
C ILE A 414 18.28 55.12 15.92
N SER A 415 19.08 54.08 16.16
CA SER A 415 18.99 52.87 15.37
C SER A 415 17.78 52.02 15.70
N GLU A 416 16.86 52.52 16.51
CA GLU A 416 15.64 51.79 16.78
C GLU A 416 14.75 51.77 15.54
N PHE A 417 13.84 50.79 15.51
CA PHE A 417 12.82 50.64 14.48
C PHE A 417 13.39 50.33 13.11
N ILE A 418 14.71 50.22 12.98
CA ILE A 418 15.32 50.05 11.67
C ILE A 418 14.96 48.71 11.04
N ALA A 419 14.60 47.71 11.85
CA ALA A 419 14.21 46.42 11.32
C ALA A 419 12.78 46.05 11.63
N LYS A 420 12.25 46.43 12.79
CA LYS A 420 10.87 46.12 13.12
C LYS A 420 9.88 46.77 12.18
N ILE A 421 10.31 47.78 11.43
CA ILE A 421 9.46 48.44 10.44
C ILE A 421 9.66 47.85 9.06
N GLN A 422 10.91 47.58 8.67
CA GLN A 422 11.16 46.94 7.40
C GLN A 422 10.50 45.57 7.33
N LYS A 423 10.54 44.83 8.45
CA LYS A 423 9.90 43.53 8.47
C LYS A 423 8.39 43.65 8.26
N CYS A 424 7.76 44.60 8.94
CA CYS A 424 6.33 44.81 8.71
C CYS A 424 6.07 45.15 7.26
N LEU A 425 6.91 46.01 6.68
CA LEU A 425 6.69 46.44 5.31
C LEU A 425 6.84 45.29 4.33
N LEU A 426 7.83 44.42 4.55
CA LEU A 426 8.04 43.32 3.61
C LEU A 426 6.99 42.24 3.78
N VAL A 427 6.59 41.94 5.03
CA VAL A 427 5.54 40.95 5.23
C VAL A 427 4.23 41.44 4.65
N VAL A 428 3.90 42.72 4.86
CA VAL A 428 2.74 43.30 4.19
C VAL A 428 2.98 43.40 2.69
N GLY A 429 4.23 43.30 2.24
CA GLY A 429 4.49 43.16 0.82
C GLY A 429 3.91 41.88 0.27
N LEU A 430 3.79 40.85 1.11
CA LEU A 430 2.97 39.69 0.81
C LEU A 430 1.58 40.12 1.27
N SER A 431 1.01 41.01 0.46
CA SER A 431 -0.27 41.69 0.71
C SER A 431 -1.41 40.84 0.22
N PHE A 432 -2.54 41.49 -0.09
CA PHE A 432 -3.67 40.83 -0.74
C PHE A 432 -3.20 40.01 -1.95
N GLU A 433 -1.96 40.23 -2.38
CA GLU A 433 -1.27 39.25 -3.21
C GLU A 433 -1.61 37.93 -2.53
N HIS A 434 -2.26 37.04 -3.28
CA HIS A 434 -2.81 35.81 -2.72
C HIS A 434 -3.52 36.08 -1.39
N TYR A 435 -4.26 37.20 -1.34
CA TYR A 435 -5.25 37.47 -0.30
C TYR A 435 -4.64 37.57 1.10
N GLY A 436 -3.74 38.53 1.26
CA GLY A 436 -3.30 38.93 2.59
C GLY A 436 -4.42 39.65 3.31
N LEU A 437 -4.94 39.04 4.37
CA LEU A 437 -6.20 39.47 4.96
C LEU A 437 -5.96 40.59 5.97
N SER A 438 -7.03 40.96 6.68
CA SER A 438 -7.09 42.17 7.49
C SER A 438 -6.10 42.15 8.66
N GLU A 439 -5.44 41.03 8.91
CA GLU A 439 -4.56 40.96 10.07
C GLU A 439 -3.38 41.92 10.20
N HIS A 440 -3.25 42.84 9.26
CA HIS A 440 -2.05 43.60 8.94
C HIS A 440 -1.91 44.87 9.76
N LEU A 441 -2.92 45.73 9.77
CA LEU A 441 -2.89 46.95 10.57
C LEU A 441 -3.00 46.67 12.07
N GLU A 442 -3.54 45.51 12.44
CA GLU A 442 -3.63 45.15 13.85
C GLU A 442 -2.25 45.07 14.48
N GLN A 443 -1.29 44.44 13.78
CA GLN A 443 0.08 44.38 14.27
C GLN A 443 0.72 45.75 14.34
N GLU A 444 0.30 46.69 13.48
CA GLU A 444 0.80 48.05 13.52
C GLU A 444 0.41 48.79 14.79
N CYS A 445 -0.30 48.13 15.70
CA CYS A 445 -0.61 48.66 17.01
C CYS A 445 0.28 48.07 18.10
N HIS A 446 0.62 46.79 18.00
CA HIS A 446 1.44 46.14 19.01
C HIS A 446 2.92 46.39 18.77
N ILE A 447 3.39 46.13 17.55
CA ILE A 447 4.83 46.14 17.30
C ILE A 447 5.48 47.50 17.55
N PRO A 448 4.97 48.62 17.02
CA PRO A 448 5.69 49.89 17.22
C PRO A 448 5.79 50.34 18.66
N PHE A 449 5.35 49.54 19.63
CA PHE A 449 5.59 49.86 21.04
C PHE A 449 6.81 48.97 21.29
N THR A 450 7.96 49.53 20.97
CA THR A 450 9.26 48.95 21.29
C THR A 450 10.27 50.07 21.52
N GLU A 451 11.05 49.92 22.58
CA GLU A 451 11.97 50.96 23.00
C GLU A 451 13.21 50.29 23.59
N PHE A 452 14.33 51.01 23.51
CA PHE A 452 15.55 50.58 24.19
C PHE A 452 15.54 50.91 25.67
N GLU A 453 14.53 51.63 26.15
CA GLU A 453 14.21 51.65 27.56
C GLU A 453 13.17 50.61 27.92
N ASN A 454 12.64 49.87 26.95
CA ASN A 454 11.75 48.76 27.22
C ASN A 454 12.39 47.40 26.99
N PHE A 455 13.41 47.32 26.14
CA PHE A 455 14.18 46.09 25.99
C PHE A 455 15.43 46.07 26.86
N MET A 456 15.37 46.72 28.02
CA MET A 456 16.40 46.55 29.04
C MET A 456 16.09 45.42 29.99
N LYS A 457 14.82 45.08 30.20
CA LYS A 457 14.46 44.00 31.10
C LYS A 457 13.45 43.01 30.52
N ILE A 458 12.89 43.28 29.34
CA ILE A 458 11.68 42.64 28.85
C ILE A 458 11.73 41.15 29.12
N GLY A 459 12.86 40.52 28.80
CA GLY A 459 13.08 39.13 29.18
C GLY A 459 13.63 38.94 30.56
N ALA A 460 14.05 40.01 31.23
CA ALA A 460 14.56 39.91 32.58
C ALA A 460 13.45 39.86 33.62
N HIS A 461 12.21 40.17 33.23
CA HIS A 461 11.13 40.13 34.22
C HIS A 461 10.76 38.71 34.59
N PRO A 462 10.27 37.84 33.68
CA PRO A 462 9.89 36.49 34.10
C PRO A 462 11.05 35.51 34.07
N ILE A 463 12.01 35.73 34.97
CA ILE A 463 13.25 34.93 34.99
C ILE A 463 12.98 33.73 35.91
N MET A 464 12.39 32.69 35.32
CA MET A 464 12.12 31.43 36.01
C MET A 464 12.40 30.32 35.01
N TYR A 465 13.63 29.81 35.00
CA TYR A 465 13.98 28.87 33.93
C TYR A 465 13.21 27.56 34.08
N TYR A 472 7.32 14.08 42.28
CA TYR A 472 6.79 13.50 41.07
C TYR A 472 5.43 13.98 40.85
N ASN A 473 4.45 13.10 40.82
CA ASN A 473 3.14 13.59 40.53
C ASN A 473 2.27 12.78 41.43
N PHE A 474 2.49 11.52 41.20
CA PHE A 474 1.99 10.22 41.62
C PHE A 474 1.15 9.33 40.69
N GLN A 475 0.44 8.29 41.12
CA GLN A 475 -0.32 7.28 40.27
C GLN A 475 -1.63 6.65 40.93
N PRO A 476 -2.59 7.48 41.17
CA PRO A 476 -3.90 7.14 41.78
C PRO A 476 -4.34 6.06 40.69
N SER A 477 -4.35 4.85 41.21
CA SER A 477 -4.70 3.60 40.56
C SER A 477 -6.20 3.47 40.40
N THR A 478 -6.98 4.23 41.16
CA THR A 478 -8.43 4.08 41.10
C THR A 478 -9.00 4.59 39.80
N GLU A 479 -8.15 4.82 38.81
CA GLU A 479 -8.64 5.30 37.52
C GLU A 479 -9.27 4.30 36.54
N GLN A 480 -9.64 3.15 37.10
CA GLN A 480 -10.52 2.33 36.31
C GLN A 480 -11.68 3.18 35.84
N LEU A 481 -12.31 2.77 34.76
CA LEU A 481 -13.68 3.14 34.44
C LEU A 481 -13.90 4.65 34.46
N LYS A 482 -12.84 5.43 34.62
CA LYS A 482 -12.93 6.88 34.69
C LYS A 482 -12.61 7.41 33.29
N ASN A 483 -13.64 7.93 32.64
CA ASN A 483 -13.51 8.28 31.24
C ASN A 483 -12.37 9.26 31.04
N ILE A 484 -12.08 10.08 32.04
CA ILE A 484 -10.85 10.85 31.93
C ILE A 484 -9.75 10.01 32.55
N GLN A 485 -9.40 8.96 31.84
CA GLN A 485 -8.06 8.36 31.90
C GLN A 485 -7.60 7.94 30.53
N SER A 486 -8.51 7.82 29.56
CA SER A 486 -8.23 7.67 28.15
C SER A 486 -8.43 8.97 27.40
N LEU A 487 -9.24 9.87 27.97
CA LEU A 487 -9.46 11.20 27.43
C LEU A 487 -8.24 12.07 27.62
N ARG A 488 -7.22 11.60 28.33
CA ARG A 488 -5.94 12.27 28.31
C ARG A 488 -4.98 11.63 27.32
N ARG A 489 -5.15 10.36 26.98
CA ARG A 489 -4.41 9.82 25.85
C ARG A 489 -4.90 10.46 24.55
N LEU A 490 -6.21 10.62 24.41
CA LEU A 490 -6.80 11.18 23.19
C LEU A 490 -6.40 12.63 23.01
N SER A 491 -5.53 13.12 23.87
CA SER A 491 -5.00 14.47 23.74
C SER A 491 -3.53 14.55 24.03
N SER A 492 -2.89 13.49 24.50
CA SER A 492 -1.45 13.42 24.52
C SER A 492 -0.91 12.64 23.34
N VAL A 493 -1.77 12.18 22.44
CA VAL A 493 -1.35 11.68 21.15
C VAL A 493 -1.47 12.76 20.06
N CYS A 494 -2.56 13.53 20.06
CA CYS A 494 -2.69 14.63 19.12
C CYS A 494 -1.59 15.65 19.32
N LEU A 495 -0.96 15.65 20.47
CA LEU A 495 0.21 16.47 20.67
C LEU A 495 1.49 15.75 20.30
N ALA A 496 1.41 14.46 19.99
CA ALA A 496 2.51 13.74 19.36
C ALA A 496 2.22 13.42 17.90
N LEU A 497 0.95 13.31 17.54
CA LEU A 497 0.60 13.11 16.15
C LEU A 497 0.87 14.35 15.32
N THR A 498 0.26 15.47 15.69
CA THR A 498 0.51 16.69 14.92
C THR A 498 1.92 17.17 15.20
N ASN A 499 2.86 16.25 15.17
CA ASN A 499 4.24 16.52 15.44
C ASN A 499 5.15 16.07 14.33
N SER A 500 4.73 15.11 13.51
CA SER A 500 5.34 14.97 12.20
C SER A 500 5.18 16.24 11.39
N MET A 501 4.19 17.07 11.73
CA MET A 501 3.86 18.29 11.01
C MET A 501 4.81 19.42 11.30
N LYS A 502 5.94 19.17 11.92
CA LYS A 502 6.96 20.21 12.01
C LYS A 502 7.71 20.26 10.69
N THR A 503 8.82 20.99 10.64
CA THR A 503 9.63 21.07 9.43
C THR A 503 11.09 20.94 9.82
N SER A 504 11.97 21.14 8.85
CA SER A 504 13.40 21.03 9.13
C SER A 504 13.85 22.12 10.09
N SER A 505 13.68 23.38 9.68
CA SER A 505 13.88 24.53 10.55
C SER A 505 15.24 24.52 11.22
N VAL A 506 16.28 24.19 10.46
CA VAL A 506 17.64 24.15 10.96
C VAL A 506 17.74 23.21 12.16
N CYS A 524 20.25 27.36 26.26
CA CYS A 524 19.90 26.42 25.21
C CYS A 524 18.42 26.51 24.87
N LYS A 525 17.70 25.41 25.13
CA LYS A 525 16.25 25.37 25.00
C LYS A 525 15.71 25.66 23.60
N GLU A 526 16.14 24.87 22.63
CA GLU A 526 15.63 24.91 21.26
C GLU A 526 14.86 23.63 21.06
N VAL A 527 13.55 23.70 21.30
CA VAL A 527 12.74 22.51 21.54
C VAL A 527 11.37 22.73 20.96
N PHE A 528 10.90 21.80 20.15
CA PHE A 528 9.74 22.08 19.31
C PHE A 528 8.46 21.86 20.13
N CYS A 529 8.20 22.81 21.01
CA CYS A 529 7.07 22.73 21.93
C CYS A 529 5.72 22.72 21.21
N GLN A 530 5.08 21.57 21.13
CA GLN A 530 3.69 21.55 20.69
C GLN A 530 2.85 21.87 21.90
N VAL A 531 1.52 21.80 21.80
CA VAL A 531 0.67 22.19 22.92
C VAL A 531 -0.33 21.08 23.18
N ILE A 532 -0.43 20.64 24.44
CA ILE A 532 -1.37 19.62 24.83
C ILE A 532 -2.62 20.34 25.32
N LYS A 533 -3.51 20.68 24.40
CA LYS A 533 -4.73 21.30 24.84
C LYS A 533 -5.60 20.26 25.54
N LEU A 534 -6.54 20.76 26.32
CA LEU A 534 -7.41 19.95 27.17
C LEU A 534 -8.35 20.94 27.83
N ASP A 535 -9.30 20.56 28.66
CA ASP A 535 -10.25 21.54 29.15
C ASP A 535 -9.37 22.52 29.88
N SER A 536 -9.50 23.78 29.56
CA SER A 536 -8.72 24.78 30.23
C SER A 536 -7.30 24.28 30.22
N GLU A 537 -6.66 23.94 31.34
CA GLU A 537 -5.20 23.92 31.50
C GLU A 537 -4.55 23.19 30.34
N GLU A 538 -3.32 23.59 30.03
CA GLU A 538 -2.58 23.04 28.90
C GLU A 538 -1.13 22.80 29.28
N TYR A 539 -0.63 21.62 28.94
CA TYR A 539 0.76 21.22 29.17
C TYR A 539 1.57 21.53 27.90
N HIS A 540 2.74 20.91 27.76
CA HIS A 540 3.54 21.11 26.56
C HIS A 540 4.11 19.77 26.12
N LEU A 541 5.00 19.81 25.13
CA LEU A 541 5.97 18.77 24.82
C LEU A 541 7.31 19.46 24.81
N LEU A 542 8.39 18.71 24.73
CA LEU A 542 9.71 19.33 24.57
C LEU A 542 10.37 18.13 23.88
N TYR A 543 10.80 18.30 22.62
CA TYR A 543 11.67 17.34 21.99
C TYR A 543 12.64 18.03 21.06
N GLN A 544 13.40 17.27 20.27
CA GLN A 544 14.40 17.93 19.44
C GLN A 544 14.54 17.37 18.02
N LYS A 545 13.81 16.34 17.64
CA LYS A 545 13.99 15.74 16.32
C LYS A 545 12.65 15.56 15.62
N THR A 546 12.61 15.96 14.35
CA THR A 546 11.41 15.97 13.55
C THR A 546 11.49 14.93 12.43
N GLY A 547 10.37 14.76 11.74
CA GLY A 547 10.25 13.76 10.71
C GLY A 547 9.27 12.67 11.10
N GLU A 548 9.61 11.41 10.85
CA GLU A 548 8.83 10.29 11.36
C GLU A 548 9.70 9.34 12.18
N SER A 549 10.87 9.80 12.59
CA SER A 549 11.84 8.98 13.31
C SER A 549 11.52 9.03 14.79
N SER A 550 12.37 8.45 15.62
CA SER A 550 12.15 8.44 17.06
C SER A 550 12.94 9.56 17.72
N ARG A 551 12.41 10.05 18.83
CA ARG A 551 13.13 11.01 19.65
C ARG A 551 12.56 10.95 21.04
N CYS A 552 13.29 11.51 22.00
CA CYS A 552 12.86 11.46 23.39
C CYS A 552 12.01 12.68 23.69
N TYR A 553 10.75 12.46 23.98
CA TYR A 553 9.81 13.55 24.22
C TYR A 553 9.96 14.00 25.66
N SER A 554 9.06 14.88 26.08
CA SER A 554 8.95 15.23 27.50
C SER A 554 7.51 15.68 27.73
N ILE A 555 7.22 16.11 28.95
CA ILE A 555 6.01 16.87 29.26
C ILE A 555 6.45 17.98 30.19
N GLN A 556 5.68 19.06 30.22
CA GLN A 556 5.93 20.12 31.19
C GLN A 556 4.59 20.63 31.71
N GLY A 557 4.60 21.05 32.96
CA GLY A 557 3.42 21.57 33.57
C GLY A 557 3.77 22.85 34.28
N PRO A 558 3.06 23.16 35.33
CA PRO A 558 3.39 24.36 36.11
C PRO A 558 4.61 24.18 37.00
N ASP A 559 5.31 23.04 36.91
CA ASP A 559 6.35 22.76 37.89
C ASP A 559 7.63 22.13 37.36
N GLY A 560 7.82 21.96 36.06
CA GLY A 560 8.95 21.17 35.62
C GLY A 560 8.53 19.83 35.05
N HIS A 561 8.61 18.77 35.84
CA HIS A 561 7.80 17.57 35.59
C HIS A 561 8.27 16.81 34.35
N LEU A 562 9.57 16.59 34.26
CA LEU A 562 10.17 15.98 33.08
C LEU A 562 9.72 14.51 33.14
N ILE A 563 8.63 14.21 32.44
CA ILE A 563 8.17 12.82 32.25
C ILE A 563 8.69 12.38 30.90
N SER A 564 9.96 12.02 30.87
CA SER A 564 10.59 11.66 29.61
C SER A 564 10.12 10.29 29.17
N PHE A 565 9.96 10.12 27.87
CA PHE A 565 9.76 8.79 27.33
C PHE A 565 10.20 8.85 25.87
N TYR A 566 9.96 7.77 25.13
CA TYR A 566 10.62 7.52 23.85
C TYR A 566 9.45 6.86 23.15
N ALA A 567 9.01 7.43 22.03
CA ALA A 567 8.00 6.77 21.21
C ALA A 567 8.14 7.23 19.77
N ASP A 568 7.24 6.74 18.93
CA ASP A 568 7.22 7.04 17.51
C ASP A 568 5.89 7.62 17.09
N PRO A 569 5.85 8.85 16.61
CA PRO A 569 4.56 9.49 16.35
C PRO A 569 3.70 8.76 15.36
N LYS A 570 4.30 8.09 14.37
CA LYS A 570 3.49 7.44 13.35
C LYS A 570 2.60 6.36 13.93
N ARG A 571 2.92 5.83 15.10
CA ARG A 571 2.21 4.68 15.65
C ARG A 571 0.94 5.04 16.41
N PHE A 572 0.68 6.33 16.64
CA PHE A 572 -0.32 6.77 17.62
C PHE A 572 -1.57 7.41 17.04
N PHE A 573 -2.05 6.97 15.89
CA PHE A 573 -3.21 7.61 15.32
C PHE A 573 -4.51 7.06 15.84
N LEU A 574 -4.55 5.81 16.25
CA LEU A 574 -5.84 5.22 16.62
C LEU A 574 -6.58 6.00 17.69
N PRO A 575 -5.99 6.38 18.80
CA PRO A 575 -6.78 7.16 19.75
C PRO A 575 -6.92 8.65 19.51
N ILE A 576 -6.76 9.15 18.28
CA ILE A 576 -6.47 10.57 18.10
C ILE A 576 -7.69 11.43 18.32
N PHE A 577 -8.89 10.86 18.30
CA PHE A 577 -10.01 11.53 18.94
C PHE A 577 -11.01 10.56 19.56
N SER A 578 -10.62 9.31 19.76
CA SER A 578 -11.55 8.25 20.12
C SER A 578 -11.48 8.04 21.62
N ASP A 579 -12.27 8.80 22.36
CA ASP A 579 -12.39 8.59 23.79
C ASP A 579 -13.70 7.97 24.21
N GLU A 580 -14.70 8.00 23.33
CA GLU A 580 -16.01 7.47 23.63
C GLU A 580 -16.34 6.25 22.79
N VAL A 581 -15.45 5.85 21.90
CA VAL A 581 -15.58 4.61 21.17
C VAL A 581 -14.91 3.45 21.90
N LEU A 582 -13.67 3.65 22.33
CA LEU A 582 -12.97 2.62 23.08
C LEU A 582 -13.70 2.31 24.38
N TYR A 583 -14.13 3.33 25.10
CA TYR A 583 -14.74 3.09 26.40
C TYR A 583 -16.07 2.37 26.29
N ASN A 584 -16.70 2.38 25.12
CA ASN A 584 -17.89 1.55 24.95
C ASN A 584 -17.59 0.23 24.28
N MET A 585 -16.49 0.12 23.55
CA MET A 585 -16.09 -1.20 23.07
C MET A 585 -15.76 -2.11 24.25
N ILE A 586 -14.86 -1.65 25.11
CA ILE A 586 -14.44 -2.41 26.27
C ILE A 586 -15.55 -2.53 27.30
N ASP A 587 -16.64 -1.81 27.13
CA ASP A 587 -17.79 -1.95 28.00
C ASP A 587 -18.82 -2.91 27.41
N ILE A 588 -19.03 -2.89 26.11
CA ILE A 588 -19.87 -3.91 25.50
C ILE A 588 -19.28 -5.28 25.76
N MET A 589 -17.94 -5.41 25.65
CA MET A 589 -17.33 -6.71 25.82
C MET A 589 -17.78 -7.37 27.11
N ILE A 590 -17.75 -6.62 28.20
CA ILE A 590 -18.03 -7.18 29.52
C ILE A 590 -19.53 -7.37 29.67
N SER A 591 -20.29 -7.05 28.64
CA SER A 591 -21.70 -7.37 28.65
C SER A 591 -22.00 -8.71 28.01
N TRP A 592 -20.96 -9.43 27.58
CA TRP A 592 -21.09 -10.81 27.17
C TRP A 592 -20.85 -11.78 28.31
N ILE A 593 -20.00 -11.39 29.27
CA ILE A 593 -19.40 -12.31 30.22
C ILE A 593 -20.08 -12.17 31.56
N ARG A 594 -21.37 -11.83 31.56
CA ARG A 594 -22.19 -11.87 32.77
C ARG A 594 -22.61 -13.31 33.04
N SER A 595 -21.64 -14.11 33.52
CA SER A 595 -21.74 -15.56 33.59
C SER A 595 -21.90 -16.03 35.03
N CYS A 596 -22.54 -17.19 35.18
CA CYS A 596 -22.91 -17.67 36.50
C CYS A 596 -21.71 -17.90 37.41
N PRO A 597 -20.64 -18.60 37.00
CA PRO A 597 -19.50 -18.76 37.92
C PRO A 597 -18.82 -17.47 38.31
N ASP A 598 -18.88 -16.43 37.47
CA ASP A 598 -18.15 -15.20 37.72
C ASP A 598 -18.99 -14.14 38.43
N LEU A 599 -20.25 -14.44 38.74
CA LEU A 599 -21.10 -13.45 39.38
C LEU A 599 -20.55 -12.99 40.72
N LYS A 600 -19.69 -13.80 41.34
CA LYS A 600 -19.01 -13.38 42.55
C LYS A 600 -18.08 -12.22 42.21
N ASP A 601 -17.40 -11.66 43.21
CA ASP A 601 -16.63 -10.45 42.95
C ASP A 601 -15.43 -10.78 42.09
N CYS A 602 -15.69 -11.10 40.82
CA CYS A 602 -14.65 -11.17 39.82
C CYS A 602 -14.97 -10.36 38.58
N LEU A 603 -16.22 -9.92 38.39
CA LEU A 603 -16.51 -9.05 37.26
C LEU A 603 -15.72 -7.76 37.34
N THR A 604 -15.66 -7.17 38.54
CA THR A 604 -14.79 -6.00 38.71
C THR A 604 -13.34 -6.38 38.44
N ASP A 605 -12.95 -7.58 38.83
CA ASP A 605 -11.57 -8.02 38.62
C ASP A 605 -11.25 -8.05 37.14
N ILE A 606 -12.11 -8.69 36.36
CA ILE A 606 -11.94 -8.81 34.93
C ILE A 606 -11.98 -7.43 34.27
N GLU A 607 -12.88 -6.56 34.73
CA GLU A 607 -13.02 -5.25 34.13
C GLU A 607 -11.76 -4.41 34.34
N VAL A 608 -11.27 -4.35 35.57
CA VAL A 608 -10.02 -3.64 35.82
C VAL A 608 -8.90 -4.25 35.00
N ALA A 609 -8.86 -5.58 34.90
CA ALA A 609 -7.81 -6.24 34.13
C ALA A 609 -7.86 -5.83 32.68
N LEU A 610 -9.04 -5.96 32.06
CA LEU A 610 -9.16 -5.68 30.63
C LEU A 610 -8.86 -4.22 30.31
N ARG A 611 -9.34 -3.29 31.14
CA ARG A 611 -9.02 -1.89 30.89
C ARG A 611 -7.53 -1.64 31.08
N THR A 612 -6.94 -2.18 32.15
CA THR A 612 -5.52 -1.99 32.36
C THR A 612 -4.71 -2.69 31.28
N LEU A 613 -5.35 -3.55 30.50
CA LEU A 613 -4.66 -4.17 29.37
C LEU A 613 -4.73 -3.27 28.15
N LEU A 614 -5.93 -2.82 27.78
CA LEU A 614 -6.06 -1.96 26.61
C LEU A 614 -5.21 -0.71 26.78
N LEU A 615 -5.11 -0.19 28.00
CA LEU A 615 -4.25 0.94 28.22
C LEU A 615 -2.80 0.60 27.89
N LEU A 616 -2.31 -0.56 28.34
CA LEU A 616 -0.93 -0.93 28.02
C LEU A 616 -0.74 -1.11 26.53
N MET A 617 -1.71 -1.70 25.85
CA MET A 617 -1.52 -2.01 24.45
C MET A 617 -1.47 -0.73 23.62
N LEU A 618 -2.40 0.19 23.87
CA LEU A 618 -2.39 1.47 23.16
C LEU A 618 -1.20 2.32 23.55
N THR A 619 -0.80 2.25 24.82
CA THR A 619 0.19 3.16 25.36
C THR A 619 1.60 2.72 25.08
N ASN A 620 1.79 1.41 24.91
CA ASN A 620 3.09 0.83 24.54
C ASN A 620 2.86 -0.08 23.34
N PRO A 621 2.77 0.50 22.15
CA PRO A 621 2.53 -0.33 20.95
C PRO A 621 3.83 -0.84 20.38
N THR A 622 3.91 -2.13 20.11
CA THR A 622 5.13 -2.69 19.53
C THR A 622 4.80 -4.09 19.02
N LYS A 623 5.70 -4.62 18.19
CA LYS A 623 5.35 -5.82 17.43
C LYS A 623 5.06 -7.01 18.34
N ARG A 624 5.85 -7.19 19.40
CA ARG A 624 5.66 -8.33 20.29
C ARG A 624 4.28 -8.30 20.92
N ASN A 625 3.85 -7.13 21.37
CA ASN A 625 2.54 -6.99 21.99
C ASN A 625 1.43 -7.32 21.02
N GLN A 626 1.72 -7.34 19.73
CA GLN A 626 0.75 -7.74 18.75
C GLN A 626 0.79 -9.24 18.51
N LYS A 627 1.99 -9.77 18.29
CA LYS A 627 2.11 -11.21 18.01
C LYS A 627 1.57 -12.02 19.18
N GLN A 628 1.78 -11.54 20.40
CA GLN A 628 1.32 -12.24 21.59
C GLN A 628 -0.20 -12.32 21.65
N VAL A 629 -0.86 -11.17 21.72
CA VAL A 629 -2.31 -11.14 21.81
C VAL A 629 -2.94 -11.76 20.59
N GLN A 630 -2.21 -11.85 19.48
CA GLN A 630 -2.72 -12.61 18.36
C GLN A 630 -2.63 -14.11 18.61
N SER A 631 -1.50 -14.56 19.17
CA SER A 631 -1.33 -15.97 19.43
C SER A 631 -2.33 -16.48 20.47
N VAL A 632 -2.83 -15.59 21.31
CA VAL A 632 -3.74 -16.02 22.37
C VAL A 632 -5.08 -16.44 21.77
N ARG A 633 -5.17 -16.47 20.44
CA ARG A 633 -6.33 -17.09 19.81
C ARG A 633 -6.14 -18.59 19.66
N TYR A 634 -4.91 -19.03 19.38
CA TYR A 634 -4.66 -20.46 19.23
C TYR A 634 -4.92 -21.20 20.53
N LEU A 635 -4.52 -20.62 21.66
CA LEU A 635 -4.70 -21.30 22.94
C LEU A 635 -6.17 -21.47 23.27
N VAL A 636 -6.99 -20.44 23.05
CA VAL A 636 -8.43 -20.57 23.32
C VAL A 636 -9.08 -21.50 22.32
N MET A 637 -8.67 -21.41 21.07
CA MET A 637 -9.20 -22.33 20.07
C MET A 637 -8.90 -23.76 20.49
N ALA A 638 -7.74 -23.98 21.12
CA ALA A 638 -7.37 -25.29 21.63
C ALA A 638 -8.22 -25.69 22.84
N ILE A 639 -8.42 -24.76 23.78
CA ILE A 639 -9.10 -25.10 25.02
C ILE A 639 -10.55 -25.49 24.75
N VAL A 640 -11.23 -24.78 23.85
CA VAL A 640 -12.55 -25.26 23.45
C VAL A 640 -12.45 -26.49 22.57
N SER A 641 -11.28 -26.75 21.98
CA SER A 641 -11.12 -27.81 21.00
C SER A 641 -10.70 -29.09 21.71
N ASP A 642 -10.49 -30.15 20.92
CA ASP A 642 -10.49 -31.53 21.36
C ASP A 642 -9.24 -32.32 20.98
N PHE A 643 -8.40 -31.81 20.08
CA PHE A 643 -7.08 -32.38 19.81
C PHE A 643 -6.18 -31.21 19.46
N SER A 644 -4.89 -31.45 19.40
CA SER A 644 -4.00 -30.32 19.15
C SER A 644 -2.59 -30.84 19.01
N SER A 645 -1.77 -30.06 18.32
CA SER A 645 -0.38 -30.44 18.18
C SER A 645 0.29 -30.49 19.53
N THR A 646 1.32 -31.31 19.64
CA THR A 646 2.06 -31.40 20.88
C THR A 646 3.20 -30.38 20.97
N SER A 647 3.68 -29.88 19.84
CA SER A 647 4.68 -28.82 19.83
C SER A 647 4.04 -27.44 19.88
N LEU A 648 2.83 -27.33 20.42
CA LEU A 648 2.13 -26.05 20.44
C LEU A 648 2.86 -25.03 21.28
N MET A 649 3.18 -25.38 22.52
CA MET A 649 3.65 -24.39 23.48
C MET A 649 4.99 -23.78 23.10
N ASP A 650 5.56 -24.15 21.97
CA ASP A 650 6.67 -23.42 21.39
C ASP A 650 6.22 -22.54 20.24
N LYS A 651 4.94 -22.57 19.89
CA LYS A 651 4.37 -21.62 18.95
C LYS A 651 3.76 -20.41 19.64
N LEU A 652 3.90 -20.29 20.95
CA LEU A 652 3.37 -19.15 21.69
C LEU A 652 4.44 -18.30 22.34
N ARG A 653 5.67 -18.75 22.42
CA ARG A 653 6.69 -18.09 23.23
C ARG A 653 7.45 -17.06 22.41
N GLU A 654 7.54 -15.84 22.94
CA GLU A 654 8.40 -14.81 22.40
C GLU A 654 9.51 -14.50 23.41
N ASP A 655 10.41 -13.60 23.02
CA ASP A 655 11.45 -13.12 23.92
C ASP A 655 10.99 -11.81 24.55
N LEU A 656 10.14 -11.90 25.56
CA LEU A 656 9.57 -10.74 26.21
C LEU A 656 10.66 -9.97 26.93
N ILE A 657 10.72 -8.67 26.67
CA ILE A 657 11.55 -7.72 27.42
C ILE A 657 10.66 -6.51 27.71
N THR A 658 11.24 -5.44 28.29
CA THR A 658 10.46 -4.21 28.47
C THR A 658 9.21 -4.28 29.34
N PRO A 659 9.36 -4.27 30.68
CA PRO A 659 8.37 -4.80 31.63
C PRO A 659 6.91 -4.68 31.23
N ALA A 660 6.59 -3.72 30.37
CA ALA A 660 5.24 -3.67 29.83
C ALA A 660 4.84 -5.00 29.22
N GLU A 661 5.73 -5.59 28.44
CA GLU A 661 5.38 -6.84 27.77
C GLU A 661 5.16 -7.96 28.78
N LYS A 662 6.02 -8.06 29.79
CA LYS A 662 5.84 -9.09 30.81
C LYS A 662 4.51 -8.91 31.51
N VAL A 663 4.14 -7.66 31.81
CA VAL A 663 2.86 -7.46 32.47
C VAL A 663 1.73 -7.81 31.55
N VAL A 664 1.91 -7.65 30.24
CA VAL A 664 0.88 -8.10 29.32
C VAL A 664 0.71 -9.60 29.43
N TYR A 665 1.84 -10.32 29.50
CA TYR A 665 1.78 -11.75 29.83
C TYR A 665 0.96 -12.01 31.08
N LYS A 666 1.27 -11.32 32.17
CA LYS A 666 0.63 -11.66 33.43
C LYS A 666 -0.87 -11.40 33.34
N LEU A 667 -1.25 -10.32 32.68
CA LEU A 667 -2.65 -10.00 32.52
C LEU A 667 -3.36 -11.06 31.70
N LEU A 668 -2.73 -11.53 30.62
CA LEU A 668 -3.32 -12.58 29.82
C LEU A 668 -3.53 -13.84 30.63
N ARG A 669 -2.51 -14.23 31.41
CA ARG A 669 -2.65 -15.45 32.19
C ARG A 669 -3.73 -15.30 33.25
N PHE A 670 -3.85 -14.11 33.83
CA PHE A 670 -4.89 -13.87 34.82
C PHE A 670 -6.26 -13.99 34.20
N LEU A 671 -6.44 -13.38 33.03
CA LEU A 671 -7.70 -13.51 32.31
C LEU A 671 -8.03 -14.97 32.05
N ILE A 672 -7.02 -15.75 31.62
CA ILE A 672 -7.29 -17.12 31.20
C ILE A 672 -7.60 -18.00 32.40
N LYS A 673 -6.84 -17.84 33.49
CA LYS A 673 -7.15 -18.59 34.70
C LYS A 673 -8.54 -18.25 35.21
N THR A 674 -8.91 -16.97 35.19
CA THR A 674 -10.21 -16.56 35.72
C THR A 674 -11.34 -17.12 34.87
N ILE A 675 -11.38 -16.79 33.58
CA ILE A 675 -12.51 -17.16 32.75
C ILE A 675 -12.52 -18.66 32.51
N PHE A 676 -11.36 -19.24 32.21
CA PHE A 676 -11.27 -20.66 31.89
C PHE A 676 -10.93 -21.50 33.11
N GLY A 677 -11.20 -21.01 34.31
CA GLY A 677 -10.87 -21.76 35.50
C GLY A 677 -12.10 -22.59 35.74
N THR A 678 -12.41 -22.84 37.00
CA THR A 678 -13.32 -23.91 37.41
C THR A 678 -14.73 -23.65 36.87
N GLY A 679 -15.59 -24.65 37.03
CA GLY A 679 -16.96 -24.55 36.61
C GLY A 679 -17.13 -24.43 35.11
N GLU A 680 -16.52 -25.33 34.35
CA GLU A 680 -16.53 -25.22 32.91
C GLU A 680 -17.81 -25.83 32.33
N LYS A 681 -17.95 -25.71 31.00
CA LYS A 681 -19.03 -26.29 30.22
C LYS A 681 -20.40 -25.76 30.63
N VAL A 682 -20.45 -24.61 31.28
CA VAL A 682 -21.72 -24.00 31.70
C VAL A 682 -22.10 -22.83 30.80
N LEU A 683 -21.15 -21.95 30.49
CA LEU A 683 -21.39 -20.86 29.55
C LEU A 683 -20.17 -20.67 28.67
N LEU A 684 -19.63 -21.78 28.17
CA LEU A 684 -18.37 -21.71 27.46
C LEU A 684 -18.50 -20.96 26.14
N SER A 685 -19.69 -20.96 25.53
CA SER A 685 -19.88 -20.21 24.30
C SER A 685 -19.53 -18.74 24.51
N ALA A 686 -20.10 -18.14 25.55
CA ALA A 686 -19.88 -16.72 25.82
C ALA A 686 -18.44 -16.44 26.20
N LYS A 687 -17.85 -17.31 27.02
CA LYS A 687 -16.45 -17.12 27.37
C LYS A 687 -15.56 -17.19 26.14
N PHE A 688 -15.87 -18.12 25.23
CA PHE A 688 -15.12 -18.25 23.99
C PHE A 688 -15.26 -17.00 23.13
N LYS A 689 -16.48 -16.50 22.99
CA LYS A 689 -16.68 -15.28 22.21
C LYS A 689 -15.86 -14.13 22.81
N PHE A 690 -15.98 -13.97 24.12
CA PHE A 690 -15.22 -12.97 24.86
C PHE A 690 -13.73 -13.09 24.53
N MET A 691 -13.20 -14.30 24.63
CA MET A 691 -11.76 -14.45 24.54
C MET A 691 -11.25 -14.37 23.11
N LEU A 692 -11.98 -14.88 22.13
CA LEU A 692 -11.52 -14.69 20.75
C LEU A 692 -11.53 -13.21 20.40
N ASN A 693 -12.51 -12.46 20.90
CA ASN A 693 -12.50 -11.02 20.67
C ASN A 693 -11.30 -10.37 21.35
N VAL A 694 -11.01 -10.77 22.58
CA VAL A 694 -9.81 -10.23 23.24
C VAL A 694 -8.56 -10.63 22.47
N SER A 695 -8.61 -11.73 21.72
CA SER A 695 -7.48 -12.10 20.89
C SER A 695 -7.32 -11.11 19.75
N TYR A 696 -8.36 -10.96 18.92
CA TYR A 696 -8.37 -9.91 17.91
C TYR A 696 -8.18 -8.48 18.39
N LEU A 697 -8.20 -8.26 19.70
CA LEU A 697 -7.88 -6.94 20.20
C LEU A 697 -6.51 -6.48 19.71
N CYS A 698 -5.77 -7.35 19.03
CA CYS A 698 -4.44 -7.00 18.58
C CYS A 698 -4.46 -5.96 17.47
N HIS A 699 -5.53 -5.87 16.70
CA HIS A 699 -5.52 -4.99 15.55
C HIS A 699 -5.40 -3.53 15.95
N LEU A 700 -5.65 -3.19 17.22
CA LEU A 700 -5.50 -1.80 17.66
C LEU A 700 -4.09 -1.30 17.44
N ILE A 701 -3.13 -2.18 17.33
CA ILE A 701 -1.80 -1.75 16.97
C ILE A 701 -1.76 -1.54 15.46
N THR A 702 -1.08 -0.51 15.01
CA THR A 702 -0.96 -0.22 13.59
C THR A 702 -0.06 -1.23 12.90
N LYS A 703 -0.41 -1.56 11.66
CA LYS A 703 0.33 -2.54 10.88
C LYS A 703 1.16 -1.68 9.92
N GLU A 704 2.31 -1.24 10.42
CA GLU A 704 3.13 -0.32 9.63
C GLU A 704 4.60 -0.48 9.93
N THR A 705 5.11 -1.72 9.90
CA THR A 705 6.55 -1.98 9.84
C THR A 705 7.40 -1.15 10.80
N PRO A 706 7.45 -1.55 12.08
CA PRO A 706 8.21 -0.79 13.08
C PRO A 706 9.48 -0.13 12.58
N ASP A 707 10.28 -0.87 11.83
CA ASP A 707 11.41 -0.29 11.12
C ASP A 707 11.43 -0.85 9.70
N ARG A 708 12.19 -0.19 8.82
CA ARG A 708 12.30 -0.70 7.47
C ARG A 708 13.37 -1.78 7.37
N LEU A 709 14.62 -1.42 7.65
CA LEU A 709 15.72 -2.32 7.37
C LEU A 709 15.65 -3.59 8.20
N THR A 710 15.28 -3.47 9.47
CA THR A 710 15.10 -4.65 10.32
C THR A 710 13.80 -5.37 10.02
N ASP A 711 13.05 -4.93 9.02
CA ASP A 711 11.94 -5.70 8.50
C ASP A 711 12.19 -6.15 7.06
N GLN A 712 13.32 -5.77 6.47
CA GLN A 712 13.79 -6.34 5.22
C GLN A 712 14.74 -7.50 5.47
N ILE A 713 15.63 -7.38 6.46
CA ILE A 713 16.48 -8.51 6.79
C ILE A 713 15.63 -9.71 7.18
N LYS A 714 14.56 -9.47 7.92
CA LYS A 714 13.71 -10.58 8.33
C LYS A 714 13.04 -11.25 7.14
N CYS A 715 12.54 -10.46 6.19
CA CYS A 715 11.89 -11.07 5.04
C CYS A 715 12.88 -11.87 4.21
N PHE A 716 14.07 -11.31 3.99
CA PHE A 716 15.07 -12.06 3.24
C PHE A 716 15.45 -13.34 3.94
N GLU A 717 15.58 -13.30 5.27
CA GLU A 717 15.92 -14.51 6.01
C GLU A 717 14.84 -15.57 5.85
N LYS A 718 13.58 -15.16 5.99
CA LYS A 718 12.50 -16.12 5.84
C LYS A 718 12.44 -16.69 4.44
N PHE A 719 12.93 -15.93 3.46
CA PHE A 719 13.09 -16.48 2.12
C PHE A 719 14.21 -17.50 2.06
N PHE A 720 15.37 -17.14 2.59
CA PHE A 720 16.63 -17.80 2.29
C PHE A 720 16.97 -18.94 3.23
N GLU A 721 16.17 -19.22 4.25
CA GLU A 721 16.58 -20.30 5.14
C GLU A 721 16.46 -21.67 4.49
N PRO A 722 15.33 -22.10 3.94
CA PRO A 722 15.30 -23.45 3.34
C PRO A 722 16.29 -23.65 2.20
N LYS A 723 16.56 -22.61 1.42
CA LYS A 723 17.59 -22.71 0.40
C LYS A 723 18.95 -23.00 1.01
N SER A 724 19.17 -22.61 2.26
CA SER A 724 20.43 -22.94 2.90
C SER A 724 20.57 -24.44 3.08
N GLN A 725 19.46 -25.13 3.29
CA GLN A 725 19.48 -26.57 3.51
C GLN A 725 19.24 -27.38 2.24
N PHE A 726 18.92 -26.73 1.11
CA PHE A 726 18.66 -27.49 -0.10
C PHE A 726 19.68 -27.24 -1.20
N GLY A 727 19.84 -26.01 -1.65
CA GLY A 727 20.86 -25.70 -2.65
C GLY A 727 20.50 -24.31 -3.12
N PHE A 728 21.46 -23.53 -3.57
CA PHE A 728 21.04 -22.28 -4.18
C PHE A 728 21.75 -21.80 -5.44
N PHE A 729 23.08 -21.94 -5.52
CA PHE A 729 23.86 -21.48 -6.67
C PHE A 729 23.84 -20.00 -7.03
N VAL A 730 24.27 -19.19 -6.05
CA VAL A 730 24.25 -17.74 -6.17
C VAL A 730 24.61 -17.27 -7.58
N ASN A 731 23.93 -16.20 -8.03
CA ASN A 731 24.13 -15.42 -9.24
C ASN A 731 24.42 -16.24 -10.49
N PRO A 732 23.42 -16.87 -11.06
CA PRO A 732 23.63 -17.61 -12.30
C PRO A 732 23.95 -16.71 -13.47
N LYS A 733 24.15 -17.27 -14.65
CA LYS A 733 24.38 -16.49 -15.86
C LYS A 733 23.19 -16.58 -16.79
N GLU A 734 23.20 -15.73 -17.82
CA GLU A 734 22.10 -15.74 -18.78
C GLU A 734 22.13 -16.98 -19.65
N ALA A 735 23.30 -17.57 -19.84
CA ALA A 735 23.44 -18.86 -20.51
C ALA A 735 23.77 -19.91 -19.45
N ILE A 736 22.93 -20.93 -19.34
CA ILE A 736 23.02 -21.87 -18.23
C ILE A 736 24.35 -22.61 -18.33
N THR A 737 25.27 -22.29 -17.42
CA THR A 737 26.59 -22.88 -17.43
C THR A 737 26.52 -24.35 -17.02
N PRO A 738 27.57 -25.12 -17.30
CA PRO A 738 27.53 -26.54 -16.88
C PRO A 738 27.29 -26.74 -15.39
N GLU A 739 27.84 -25.87 -14.55
CA GLU A 739 27.65 -26.02 -13.12
C GLU A 739 26.18 -25.93 -12.74
N GLU A 740 25.44 -25.01 -13.35
CA GLU A 740 24.03 -24.91 -13.06
C GLU A 740 23.30 -26.19 -13.47
N GLU A 741 23.68 -26.77 -14.60
CA GLU A 741 23.06 -28.03 -15.00
C GLU A 741 23.38 -29.13 -14.00
N CYS A 742 24.62 -29.15 -13.51
CA CYS A 742 24.99 -30.15 -12.51
C CYS A 742 24.19 -29.97 -11.23
N VAL A 743 24.06 -28.73 -10.77
CA VAL A 743 23.36 -28.47 -9.51
C VAL A 743 21.87 -28.77 -9.65
N PHE A 744 21.28 -28.44 -10.79
CA PHE A 744 19.88 -28.79 -10.98
C PHE A 744 19.69 -30.28 -11.14
N TYR A 745 20.64 -30.95 -11.77
CA TYR A 745 20.64 -32.41 -11.81
C TYR A 745 20.62 -32.97 -10.40
N GLU A 746 21.53 -32.50 -9.56
CA GLU A 746 21.61 -32.98 -8.18
C GLU A 746 20.34 -32.68 -7.41
N GLN A 747 19.79 -31.48 -7.57
CA GLN A 747 18.62 -31.10 -6.80
C GLN A 747 17.40 -31.90 -7.22
N MET A 748 17.23 -32.13 -8.51
CA MET A 748 16.14 -33.00 -8.92
C MET A 748 16.35 -34.40 -8.38
N LYS A 749 17.60 -34.88 -8.36
CA LYS A 749 17.87 -36.22 -7.87
C LYS A 749 17.50 -36.37 -6.41
N ARG A 750 17.84 -35.37 -5.59
CA ARG A 750 17.45 -35.41 -4.18
C ARG A 750 15.94 -35.24 -4.03
N PHE A 751 15.37 -34.28 -4.75
CA PHE A 751 13.95 -34.00 -4.67
C PHE A 751 13.12 -35.23 -4.95
N THR A 752 13.57 -36.09 -5.84
CA THR A 752 12.80 -37.29 -6.15
C THR A 752 13.21 -38.46 -5.28
N SER A 753 14.11 -38.27 -4.31
CA SER A 753 14.59 -39.34 -3.44
C SER A 753 14.24 -38.98 -2.00
N LYS A 754 13.16 -39.56 -1.49
CA LYS A 754 12.75 -39.36 -0.10
C LYS A 754 12.11 -40.66 0.35
N GLU A 755 12.75 -41.37 1.26
CA GLU A 755 12.31 -42.71 1.63
C GLU A 755 11.00 -42.62 2.40
N ILE A 756 10.49 -43.78 2.80
CA ILE A 756 9.20 -43.86 3.48
C ILE A 756 9.25 -43.46 4.94
N ASP A 757 10.41 -43.00 5.42
CA ASP A 757 10.52 -42.39 6.75
C ASP A 757 11.14 -41.01 6.52
N CYS A 758 10.30 -40.04 6.19
CA CYS A 758 10.82 -38.75 5.79
C CYS A 758 11.37 -37.99 6.99
N GLN A 759 12.32 -37.09 6.72
CA GLN A 759 12.87 -36.26 7.79
C GLN A 759 11.84 -35.30 8.35
N HIS A 760 10.65 -35.30 7.78
CA HIS A 760 9.41 -34.71 8.25
C HIS A 760 9.36 -33.19 8.09
N THR A 761 10.45 -32.51 7.79
CA THR A 761 10.34 -31.08 7.49
C THR A 761 11.05 -30.58 6.25
N THR A 762 11.54 -31.49 5.41
CA THR A 762 12.42 -31.09 4.33
C THR A 762 11.69 -31.28 3.01
N PRO A 763 11.96 -30.42 2.03
CA PRO A 763 11.27 -30.57 0.74
C PRO A 763 11.59 -31.91 0.12
N GLY A 764 10.59 -32.52 -0.49
CA GLY A 764 10.82 -33.78 -1.13
C GLY A 764 9.47 -34.34 -1.50
N VAL A 765 9.42 -35.14 -2.55
CA VAL A 765 8.28 -35.96 -2.91
C VAL A 765 8.78 -37.35 -3.25
N ASN A 766 8.13 -38.35 -2.67
CA ASN A 766 8.60 -39.72 -2.76
C ASN A 766 7.98 -40.40 -3.96
N LEU A 767 8.82 -40.87 -4.89
CA LEU A 767 8.38 -41.42 -6.17
C LEU A 767 7.74 -42.74 -6.04
N GLU A 768 7.37 -43.19 -4.84
CA GLU A 768 6.60 -44.41 -4.67
C GLU A 768 5.14 -44.15 -4.37
N ALA A 769 4.82 -43.05 -3.69
CA ALA A 769 3.43 -42.64 -3.54
C ALA A 769 3.02 -41.66 -4.62
N PHE A 770 3.94 -40.80 -5.04
CA PHE A 770 3.66 -39.89 -6.14
C PHE A 770 3.19 -40.65 -7.37
N SER A 771 3.79 -41.81 -7.62
CA SER A 771 3.31 -42.66 -8.69
C SER A 771 1.86 -43.03 -8.48
N LEU A 772 1.49 -43.35 -7.24
CA LEU A 772 0.11 -43.73 -6.98
C LEU A 772 -0.83 -42.58 -7.28
N MET A 773 -0.44 -41.36 -6.90
CA MET A 773 -1.32 -40.22 -7.14
C MET A 773 -1.51 -39.98 -8.63
N VAL A 774 -0.41 -39.85 -9.37
CA VAL A 774 -0.53 -39.55 -10.79
C VAL A 774 -1.29 -40.65 -11.50
N SER A 775 -1.03 -41.91 -11.15
CA SER A 775 -1.69 -43.01 -11.82
C SER A 775 -3.14 -43.16 -11.42
N SER A 776 -3.52 -42.67 -10.25
CA SER A 776 -4.93 -42.70 -9.90
C SER A 776 -5.69 -41.54 -10.49
N PHE A 777 -4.98 -40.52 -10.98
CA PHE A 777 -5.69 -39.51 -11.77
C PHE A 777 -5.75 -39.85 -13.26
N ASN A 778 -4.67 -40.38 -13.84
CA ASN A 778 -4.71 -40.76 -15.25
C ASN A 778 -5.75 -41.83 -15.49
N ASN A 779 -5.77 -42.84 -14.64
CA ASN A 779 -6.93 -43.71 -14.58
C ASN A 779 -8.13 -42.90 -14.09
N GLY A 780 -9.32 -43.30 -14.51
CA GLY A 780 -10.50 -42.53 -14.15
C GLY A 780 -11.18 -42.95 -12.87
N THR A 781 -10.56 -42.65 -11.72
CA THR A 781 -11.12 -43.07 -10.44
C THR A 781 -11.20 -41.96 -9.40
N LEU A 782 -10.43 -40.90 -9.52
CA LEU A 782 -10.48 -39.81 -8.55
C LEU A 782 -11.10 -38.55 -9.11
N ILE A 783 -12.08 -38.70 -10.01
CA ILE A 783 -12.83 -37.59 -10.56
C ILE A 783 -14.31 -37.84 -10.29
N PHE A 784 -15.08 -36.75 -10.34
CA PHE A 784 -16.50 -36.78 -10.03
C PHE A 784 -16.73 -37.25 -8.60
N LEU A 832 38.46 -2.05 -10.65
CA LEU A 832 39.30 -2.25 -9.47
C LEU A 832 40.54 -1.37 -9.53
N LEU A 833 41.25 -1.35 -10.66
CA LEU A 833 42.45 -0.52 -10.69
C LEU A 833 42.09 0.94 -10.40
N VAL A 834 40.79 1.21 -10.33
CA VAL A 834 40.28 2.50 -9.99
C VAL A 834 39.48 2.39 -8.72
N SER A 835 38.81 1.27 -8.50
CA SER A 835 38.02 1.18 -7.30
C SER A 835 38.84 1.21 -6.04
N ALA A 836 39.87 0.37 -5.98
CA ALA A 836 40.66 0.36 -4.77
C ALA A 836 41.40 1.66 -4.60
N VAL A 837 41.93 2.19 -5.68
CA VAL A 837 42.70 3.41 -5.57
C VAL A 837 41.86 4.57 -5.05
N SER A 838 40.63 4.68 -5.50
CA SER A 838 39.81 5.80 -5.06
C SER A 838 39.60 5.75 -3.56
N GLN A 839 39.28 4.57 -3.03
CA GLN A 839 39.09 4.46 -1.58
C GLN A 839 40.44 4.69 -0.88
N ILE A 840 41.52 4.18 -1.47
CA ILE A 840 42.85 4.34 -0.88
C ILE A 840 43.39 5.74 -0.75
N THR A 841 43.28 6.56 -1.78
CA THR A 841 43.85 7.90 -1.67
C THR A 841 43.20 8.79 -0.62
N GLU A 842 41.87 8.72 -0.53
CA GLU A 842 41.15 9.54 0.40
C GLU A 842 41.38 9.09 1.83
N SER A 843 41.66 7.79 2.01
CA SER A 843 41.90 7.24 3.33
C SER A 843 42.97 8.03 4.06
N PHE A 844 44.07 8.33 3.38
CA PHE A 844 45.13 9.15 3.93
C PHE A 844 44.89 10.63 3.67
N VAL A 845 43.79 10.96 3.00
CA VAL A 845 43.32 12.34 2.91
C VAL A 845 42.21 12.63 3.90
N ARG A 846 41.49 11.62 4.37
CA ARG A 846 40.49 11.80 5.42
C ARG A 846 41.07 11.64 6.81
N LYS A 847 42.35 11.34 6.93
CA LYS A 847 42.97 11.16 8.24
C LYS A 847 43.37 12.50 8.85
N TYR A 857 32.24 11.23 13.70
CA TYR A 857 32.88 10.25 14.55
C TYR A 857 33.52 9.15 13.71
N GLU A 858 34.29 8.28 14.37
CA GLU A 858 34.94 7.18 13.67
C GLU A 858 33.95 6.14 13.15
N TYR A 859 32.68 6.22 13.58
CA TYR A 859 31.69 5.33 13.00
C TYR A 859 31.29 5.78 11.59
N LYS A 860 31.40 7.08 11.31
CA LYS A 860 31.38 7.52 9.93
C LYS A 860 32.52 6.90 9.15
N VAL A 861 33.68 6.74 9.80
CA VAL A 861 34.79 6.05 9.16
C VAL A 861 34.46 4.58 8.95
N SER A 862 33.74 3.97 9.89
CA SER A 862 33.32 2.58 9.69
C SER A 862 32.39 2.46 8.49
N LYS A 863 31.46 3.41 8.33
CA LYS A 863 30.68 3.48 7.10
C LYS A 863 31.58 3.62 5.88
N LEU A 864 32.60 4.48 5.98
CA LEU A 864 33.52 4.68 4.87
C LEU A 864 34.17 3.38 4.47
N VAL A 865 34.64 2.61 5.45
CA VAL A 865 35.24 1.31 5.15
C VAL A 865 34.19 0.35 4.63
N SER A 866 32.97 0.42 5.13
CA SER A 866 31.92 -0.46 4.63
C SER A 866 31.25 0.08 3.38
N ARG A 867 31.64 1.25 2.90
CA ARG A 867 31.30 1.68 1.56
C ARG A 867 32.11 0.94 0.51
N LEU A 868 32.90 -0.05 0.93
CA LEU A 868 33.83 -0.77 0.07
C LEU A 868 33.13 -1.73 -0.87
N VAL A 869 31.80 -1.76 -0.96
CA VAL A 869 31.21 -2.67 -1.93
C VAL A 869 31.25 -1.94 -3.26
N ILE A 870 32.46 -1.79 -3.79
CA ILE A 870 32.71 -1.60 -5.22
C ILE A 870 33.78 -2.53 -5.72
N GLY A 871 34.67 -3.00 -4.85
CA GLY A 871 35.64 -4.01 -5.19
C GLY A 871 35.11 -5.38 -4.80
N SER A 872 33.81 -5.48 -4.58
CA SER A 872 33.20 -6.78 -4.37
C SER A 872 31.87 -6.99 -5.08
N LYS A 873 31.13 -5.95 -5.45
CA LYS A 873 29.90 -6.11 -6.22
C LYS A 873 30.00 -5.36 -7.54
N GLY A 874 29.96 -6.10 -8.63
CA GLY A 874 29.93 -5.51 -9.95
C GLY A 874 29.04 -6.31 -10.89
N GLU A 875 28.05 -7.01 -10.34
CA GLU A 875 27.27 -7.93 -11.13
C GLU A 875 26.48 -7.19 -12.21
N GLU A 876 25.95 -8.24 -12.83
CA GLU A 876 25.13 -8.45 -13.90
C GLU A 876 25.63 -7.50 -14.91
N THR A 877 24.68 -6.94 -15.62
CA THR A 877 24.94 -6.02 -16.69
C THR A 877 23.40 -5.81 -16.57
N GLY A 878 22.81 -5.03 -17.49
CA GLY A 878 21.46 -4.46 -17.33
C GLY A 878 21.28 -3.25 -16.44
N ARG A 879 20.80 -3.59 -15.25
CA ARG A 879 20.59 -2.71 -14.12
C ARG A 879 20.59 -3.59 -12.87
N SER A 880 21.68 -3.54 -12.13
CA SER A 880 21.90 -4.28 -10.90
C SER A 880 22.41 -3.28 -9.91
N GLU A 881 23.66 -2.90 -10.09
CA GLU A 881 24.26 -1.87 -9.26
C GLU A 881 23.40 -0.61 -9.34
N ASP A 882 23.08 -0.05 -8.17
CA ASP A 882 22.27 1.16 -8.12
C ASP A 882 23.13 2.40 -8.00
N CYS A 888 27.11 8.04 -4.05
CA CYS A 888 27.13 9.32 -4.74
C CYS A 888 28.54 9.90 -4.73
N PHE A 889 29.31 9.56 -3.70
CA PHE A 889 30.66 10.09 -3.60
C PHE A 889 31.60 9.55 -4.67
N ASP A 890 31.20 8.48 -5.38
CA ASP A 890 32.00 8.02 -6.51
C ASP A 890 32.09 9.10 -7.59
N GLY A 891 30.97 9.76 -7.89
CA GLY A 891 31.02 10.88 -8.80
C GLY A 891 31.47 12.16 -8.13
N GLU A 892 31.26 12.28 -6.82
CA GLU A 892 31.66 13.49 -6.12
C GLU A 892 33.17 13.66 -6.10
N GLU A 893 33.91 12.55 -5.93
CA GLU A 893 35.36 12.65 -6.01
C GLU A 893 35.83 13.03 -7.41
N GLU A 894 35.06 12.66 -8.44
CA GLU A 894 35.40 13.08 -9.79
C GLU A 894 35.32 14.59 -9.94
N THR A 895 34.33 15.22 -9.31
CA THR A 895 34.27 16.68 -9.33
C THR A 895 35.04 17.31 -8.18
N SER A 896 35.17 16.62 -7.06
CA SER A 896 35.95 17.16 -5.94
C SER A 896 37.43 17.30 -6.32
N PHE A 897 38.01 16.22 -6.85
CA PHE A 897 39.41 16.27 -7.26
C PHE A 897 39.59 17.26 -8.39
N PHE A 898 38.99 16.97 -9.55
CA PHE A 898 38.96 17.88 -10.68
C PHE A 898 40.35 18.34 -11.10
N LYS A 899 41.34 17.44 -11.04
CA LYS A 899 42.71 17.78 -11.35
C LYS A 899 43.01 17.46 -12.82
N SER A 900 44.29 17.53 -13.20
CA SER A 900 44.65 17.41 -14.61
C SER A 900 44.55 15.96 -15.10
N LEU A 901 45.37 15.03 -14.62
CA LEU A 901 45.29 13.66 -15.19
C LEU A 901 44.81 12.47 -14.33
N GLU A 902 43.50 12.30 -14.21
CA GLU A 902 42.93 11.22 -13.40
C GLU A 902 42.23 10.04 -14.09
N GLU A 903 42.28 9.90 -15.40
CA GLU A 903 41.58 8.76 -15.98
C GLU A 903 42.40 7.62 -16.60
N LYS A 904 43.70 7.75 -16.50
CA LYS A 904 44.67 6.75 -16.90
C LYS A 904 44.94 5.80 -15.73
N VAL A 905 45.89 4.89 -15.92
CA VAL A 905 46.24 3.93 -14.88
C VAL A 905 46.63 4.69 -13.61
N ASN A 906 46.68 3.97 -12.49
CA ASN A 906 46.91 4.55 -11.17
C ASN A 906 48.39 4.69 -10.87
N THR A 907 49.21 4.83 -11.92
CA THR A 907 50.66 4.92 -11.74
C THR A 907 51.03 6.05 -10.78
N THR A 908 50.45 7.24 -10.96
CA THR A 908 50.69 8.32 -10.03
C THR A 908 50.17 7.97 -8.64
N ILE A 909 49.00 7.35 -8.57
CA ILE A 909 48.41 7.01 -7.28
C ILE A 909 49.28 6.02 -6.53
N ALA A 910 49.80 5.02 -7.23
CA ALA A 910 50.70 4.05 -6.58
C ALA A 910 52.00 4.72 -6.14
N ARG A 911 52.46 5.73 -6.88
CA ARG A 911 53.69 6.42 -6.50
C ARG A 911 53.53 7.15 -5.16
N TYR A 912 52.39 7.82 -4.97
CA TYR A 912 52.17 8.53 -3.71
C TYR A 912 52.18 7.59 -2.52
N ARG A 913 51.58 6.41 -2.67
CA ARG A 913 51.50 5.48 -1.55
C ARG A 913 52.88 5.05 -1.09
N ARG A 914 53.80 4.82 -2.01
CA ARG A 914 55.15 4.44 -1.62
C ARG A 914 55.91 5.63 -1.04
N GLY A 915 55.71 6.82 -1.63
CA GLY A 915 56.39 8.00 -1.15
C GLY A 915 55.81 8.60 0.12
N ARG A 916 54.64 8.12 0.56
CA ARG A 916 54.06 8.61 1.81
C ARG A 916 54.90 8.16 3.01
N ARG A 917 55.01 6.86 3.22
CA ARG A 917 55.70 6.32 4.38
C ARG A 917 57.22 6.34 4.23
N ALA A 918 57.73 6.61 3.03
CA ALA A 918 59.17 6.67 2.82
C ALA A 918 59.72 8.03 3.25
N HIS A 935 41.65 4.18 19.04
CA HIS A 935 40.95 3.79 17.82
C HIS A 935 41.81 4.09 16.61
N LEU A 936 42.82 3.25 16.37
CA LEU A 936 43.77 3.46 15.30
C LEU A 936 44.08 2.22 14.47
N GLN A 937 43.81 1.01 14.98
CA GLN A 937 44.18 -0.20 14.26
C GLN A 937 43.51 -0.28 12.89
N LEU A 938 42.29 0.23 12.79
CA LEU A 938 41.59 0.20 11.51
C LEU A 938 42.33 1.00 10.44
N ILE A 939 43.07 2.04 10.85
CA ILE A 939 43.83 2.82 9.89
C ILE A 939 45.00 2.03 9.34
N LEU A 940 45.75 1.36 10.23
CA LEU A 940 46.91 0.59 9.80
C LEU A 940 46.51 -0.59 8.94
N THR A 941 45.55 -1.39 9.41
CA THR A 941 45.04 -2.48 8.59
C THR A 941 44.30 -1.97 7.37
N GLY A 942 43.76 -0.75 7.44
CA GLY A 942 43.20 -0.13 6.25
C GLY A 942 44.26 0.10 5.20
N LYS A 943 45.42 0.63 5.60
CA LYS A 943 46.54 0.73 4.67
C LYS A 943 47.01 -0.65 4.24
N MET A 944 46.99 -1.62 5.17
CA MET A 944 47.31 -2.99 4.78
C MET A 944 46.30 -3.53 3.78
N ALA A 945 45.01 -3.28 4.01
CA ALA A 945 43.99 -3.74 3.07
C ALA A 945 44.09 -2.99 1.75
N HIS A 946 44.32 -1.67 1.80
CA HIS A 946 44.33 -0.87 0.58
C HIS A 946 45.60 -1.07 -0.22
N LEU A 947 46.74 -1.22 0.47
CA LEU A 947 47.94 -1.68 -0.22
C LEU A 947 47.71 -3.05 -0.84
N ARG A 948 46.99 -3.93 -0.14
CA ARG A 948 46.64 -5.21 -0.71
C ARG A 948 45.82 -5.03 -1.98
N LYS A 949 44.87 -4.09 -1.96
CA LYS A 949 44.00 -3.89 -3.11
C LYS A 949 44.80 -3.48 -4.34
N VAL A 950 45.71 -2.52 -4.19
CA VAL A 950 46.42 -2.01 -5.36
C VAL A 950 47.32 -3.08 -5.97
N ILE A 951 47.92 -3.93 -5.14
CA ILE A 951 48.80 -4.96 -5.65
C ILE A 951 48.01 -5.99 -6.44
N LEU A 952 46.91 -6.49 -5.87
CA LEU A 952 46.13 -7.50 -6.57
C LEU A 952 45.41 -6.89 -7.77
N SER A 953 44.95 -5.65 -7.66
CA SER A 953 44.30 -5.00 -8.78
C SER A 953 45.27 -4.74 -9.92
N GLU A 954 46.48 -4.28 -9.60
CA GLU A 954 47.48 -3.99 -10.62
C GLU A 954 48.08 -5.28 -11.17
N MET A 1081 26.06 -4.10 -40.05
CA MET A 1081 25.46 -3.21 -39.07
C MET A 1081 23.93 -3.31 -39.12
N SER A 1082 23.30 -3.04 -37.99
CA SER A 1082 21.85 -3.08 -37.90
C SER A 1082 21.26 -1.67 -37.98
N ALA A 1083 19.95 -1.56 -37.76
CA ALA A 1083 19.26 -0.28 -37.80
C ALA A 1083 19.74 0.26 -36.46
N ALA A 1084 20.83 1.03 -36.52
CA ALA A 1084 21.31 1.74 -35.34
C ALA A 1084 20.53 3.03 -35.10
N LEU A 1085 20.38 3.86 -36.12
CA LEU A 1085 19.65 5.10 -35.94
C LEU A 1085 18.16 4.84 -35.74
N LYS A 1086 17.59 3.94 -36.52
CA LYS A 1086 16.15 3.66 -36.47
C LYS A 1086 15.76 2.92 -35.24
N ASN A 1087 16.65 2.77 -34.25
CA ASN A 1087 16.28 2.13 -33.01
C ASN A 1087 15.17 2.88 -32.30
N LEU A 1088 15.29 4.21 -32.21
CA LEU A 1088 14.21 5.02 -31.64
C LEU A 1088 12.98 5.01 -32.52
N CYS A 1089 13.11 4.53 -33.76
CA CYS A 1089 12.04 4.47 -34.74
C CYS A 1089 11.40 3.10 -34.75
N PHE A 1090 10.52 2.86 -35.70
CA PHE A 1090 9.67 1.70 -35.70
C PHE A 1090 10.32 0.42 -35.18
N TYR A 1091 11.63 0.31 -35.29
CA TYR A 1091 12.29 -0.94 -34.87
C TYR A 1091 12.30 -1.11 -33.36
N SER A 1092 11.76 -2.23 -32.89
CA SER A 1092 11.84 -2.62 -31.49
C SER A 1092 13.04 -3.54 -31.30
N GLU A 1093 13.95 -3.14 -30.40
CA GLU A 1093 15.23 -3.84 -30.32
C GLU A 1093 15.06 -5.24 -29.73
N GLU A 1094 14.35 -5.36 -28.63
CA GLU A 1094 14.19 -6.63 -27.94
C GLU A 1094 12.77 -7.16 -28.10
N SER A 1095 12.66 -8.46 -28.29
CA SER A 1095 11.39 -9.15 -28.37
C SER A 1095 11.65 -10.64 -28.47
N PRO A 1096 10.69 -11.46 -28.10
CA PRO A 1096 10.91 -12.91 -28.16
C PRO A 1096 11.21 -13.38 -29.57
N THR A 1097 12.05 -14.41 -29.65
CA THR A 1097 12.44 -15.08 -30.89
C THR A 1097 12.66 -16.54 -30.50
N SER A 1098 13.47 -17.24 -31.28
CA SER A 1098 13.97 -18.56 -30.88
C SER A 1098 14.36 -18.57 -29.41
N TYR A 1099 13.77 -19.50 -28.66
CA TYR A 1099 13.94 -19.57 -27.22
C TYR A 1099 14.51 -20.91 -26.79
N THR A 1100 15.45 -20.88 -25.87
CA THR A 1100 16.04 -22.09 -25.32
C THR A 1100 15.08 -22.62 -24.25
N SER A 1101 15.48 -23.66 -23.53
CA SER A 1101 14.64 -24.12 -22.44
C SER A 1101 14.84 -23.33 -21.16
N VAL A 1102 15.88 -22.50 -21.10
CA VAL A 1102 16.10 -21.62 -19.96
C VAL A 1102 15.21 -20.39 -20.04
N GLY A 1103 15.29 -19.66 -21.16
CA GLY A 1103 14.59 -18.41 -21.29
C GLY A 1103 14.18 -18.05 -22.69
N PRO A 1104 13.34 -17.05 -22.83
CA PRO A 1104 12.80 -16.69 -24.13
C PRO A 1104 13.73 -15.87 -25.00
N ASP A 1105 15.03 -15.89 -24.71
CA ASP A 1105 16.10 -15.25 -25.46
C ASP A 1105 16.21 -13.75 -25.21
N SER A 1106 15.25 -13.13 -24.52
CA SER A 1106 15.46 -11.76 -24.10
C SER A 1106 16.05 -11.69 -22.70
N GLY A 1107 15.57 -12.55 -21.81
CA GLY A 1107 16.07 -12.63 -20.45
C GLY A 1107 15.74 -13.99 -19.91
N ARG A 1108 15.69 -14.10 -18.59
CA ARG A 1108 15.45 -15.39 -17.97
C ARG A 1108 14.51 -15.26 -16.78
N LEU A 1109 13.42 -14.52 -16.94
CA LEU A 1109 12.40 -14.41 -15.90
C LEU A 1109 12.96 -13.81 -14.61
N LYS A 1110 13.49 -12.61 -14.70
CA LYS A 1110 14.00 -11.95 -13.51
C LYS A 1110 12.85 -11.61 -12.56
N PHE A 1111 13.21 -11.32 -11.31
CA PHE A 1111 12.21 -11.01 -10.28
C PHE A 1111 12.85 -10.06 -9.28
N ALA A 1112 12.11 -9.77 -8.21
CA ALA A 1112 12.60 -9.06 -7.05
C ALA A 1112 11.53 -9.13 -5.98
N LEU A 1113 11.95 -9.18 -4.72
CA LEU A 1113 11.04 -9.41 -3.62
C LEU A 1113 11.07 -8.27 -2.62
N SER A 1114 9.90 -7.99 -2.05
CA SER A 1114 9.77 -7.09 -0.93
C SER A 1114 8.64 -7.59 -0.05
N TYR A 1115 8.55 -7.03 1.15
CA TYR A 1115 7.63 -7.51 2.16
C TYR A 1115 6.29 -6.83 2.04
N LYS A 1116 5.22 -7.61 2.13
CA LYS A 1116 3.93 -7.00 2.37
C LYS A 1116 3.89 -6.55 3.82
N GLU A 1117 2.78 -5.95 4.21
CA GLU A 1117 2.61 -5.44 5.56
C GLU A 1117 1.36 -6.05 6.17
N GLN A 1118 1.51 -6.73 7.29
CA GLN A 1118 0.40 -7.44 7.89
C GLN A 1118 0.46 -7.28 9.40
N VAL A 1119 -0.46 -7.95 10.09
CA VAL A 1119 -0.55 -7.82 11.54
C VAL A 1119 0.54 -8.64 12.22
N GLY A 1120 0.52 -9.95 12.08
CA GLY A 1120 1.49 -10.77 12.76
C GLY A 1120 2.89 -10.64 12.20
N GLY A 1121 3.11 -11.17 11.00
CA GLY A 1121 4.43 -11.16 10.40
C GLY A 1121 4.37 -10.70 8.97
N ASN A 1122 5.41 -9.98 8.58
CA ASN A 1122 5.47 -9.44 7.22
C ASN A 1122 5.57 -10.58 6.23
N ARG A 1123 4.73 -10.55 5.21
CA ARG A 1123 4.62 -11.65 4.25
C ARG A 1123 5.34 -11.27 2.97
N GLU A 1124 5.94 -12.27 2.32
CA GLU A 1124 6.79 -12.05 1.17
C GLU A 1124 5.99 -11.69 -0.07
N LEU A 1125 6.61 -10.90 -0.94
CA LEU A 1125 5.96 -10.48 -2.18
C LEU A 1125 6.99 -10.46 -3.28
N TYR A 1126 6.67 -11.09 -4.41
CA TYR A 1126 7.53 -11.11 -5.58
C TYR A 1126 6.94 -10.19 -6.64
N ILE A 1127 7.76 -9.25 -7.13
CA ILE A 1127 7.32 -8.28 -8.13
C ILE A 1127 8.33 -8.25 -9.27
N GLY A 1128 7.84 -8.41 -10.50
CA GLY A 1128 8.71 -8.45 -11.66
C GLY A 1128 8.15 -7.63 -12.80
N ASP A 1129 9.06 -7.18 -13.68
CA ASP A 1129 8.72 -6.24 -14.73
C ASP A 1129 7.64 -6.81 -15.66
N LEU A 1130 7.15 -5.94 -16.55
CA LEU A 1130 5.82 -6.19 -17.11
C LEU A 1130 5.81 -7.35 -18.09
N ARG A 1131 6.90 -7.59 -18.82
CA ARG A 1131 6.90 -8.71 -19.76
C ARG A 1131 6.76 -10.05 -19.03
N THR A 1132 7.53 -10.23 -17.95
CA THR A 1132 7.42 -11.46 -17.17
C THR A 1132 6.05 -11.54 -16.50
N LYS A 1133 5.52 -10.41 -16.09
CA LYS A 1133 4.17 -10.39 -15.55
C LYS A 1133 3.14 -10.72 -16.62
N MET A 1134 3.49 -10.58 -17.89
CA MET A 1134 2.61 -11.01 -18.96
C MET A 1134 2.70 -12.50 -19.15
N PHE A 1135 3.92 -13.03 -19.18
CA PHE A 1135 4.10 -14.46 -19.38
C PHE A 1135 3.49 -15.27 -18.23
N THR A 1136 3.81 -14.89 -16.99
CA THR A 1136 3.28 -15.62 -15.84
C THR A 1136 1.76 -15.65 -15.86
N ARG A 1137 1.14 -14.66 -16.50
CA ARG A 1137 -0.31 -14.68 -16.62
C ARG A 1137 -0.79 -15.89 -17.38
N LEU A 1138 -0.02 -16.35 -18.36
CA LEU A 1138 -0.44 -17.51 -19.14
C LEU A 1138 -0.54 -18.74 -18.26
N ILE A 1139 0.47 -19.00 -17.43
CA ILE A 1139 0.42 -20.14 -16.53
C ILE A 1139 -0.69 -19.97 -15.51
N GLU A 1140 -0.75 -18.79 -14.87
CA GLU A 1140 -1.72 -18.58 -13.82
C GLU A 1140 -3.14 -18.52 -14.33
N ASP A 1141 -3.34 -18.44 -15.63
CA ASP A 1141 -4.69 -18.56 -16.18
C ASP A 1141 -4.99 -19.93 -16.75
N TYR A 1142 -4.00 -20.58 -17.37
CA TYR A 1142 -4.24 -21.93 -17.82
C TYR A 1142 -4.61 -22.83 -16.66
N PHE A 1143 -3.89 -22.70 -15.54
CA PHE A 1143 -4.22 -23.54 -14.40
C PHE A 1143 -5.55 -23.17 -13.78
N GLU A 1144 -5.90 -21.88 -13.80
CA GLU A 1144 -7.21 -21.47 -13.32
C GLU A 1144 -8.32 -22.13 -14.13
N SER A 1145 -8.23 -22.02 -15.46
CA SER A 1145 -9.25 -22.64 -16.29
C SER A 1145 -9.26 -24.14 -16.10
N PHE A 1146 -8.10 -24.74 -15.87
CA PHE A 1146 -8.05 -26.18 -15.64
C PHE A 1146 -8.84 -26.54 -14.39
N SER A 1147 -8.54 -25.89 -13.27
CA SER A 1147 -9.20 -26.19 -12.02
C SER A 1147 -10.66 -25.83 -12.04
N SER A 1148 -11.09 -24.99 -12.99
CA SER A 1148 -12.51 -24.71 -13.10
C SER A 1148 -13.34 -25.95 -13.40
N PHE A 1149 -12.72 -27.02 -13.89
CA PHE A 1149 -13.45 -28.24 -14.16
C PHE A 1149 -13.63 -29.10 -12.90
N PHE A 1150 -12.88 -28.83 -11.85
CA PHE A 1150 -12.93 -29.58 -10.61
C PHE A 1150 -13.53 -28.76 -9.49
N SER A 1151 -14.33 -29.41 -8.66
CA SER A 1151 -15.29 -28.69 -7.82
C SER A 1151 -14.96 -28.57 -6.34
N GLY A 1152 -13.68 -28.52 -5.99
CA GLY A 1152 -13.34 -28.45 -4.58
C GLY A 1152 -12.71 -27.14 -4.17
N SER A 1153 -11.95 -26.52 -5.07
CA SER A 1153 -11.20 -25.33 -4.69
C SER A 1153 -12.13 -24.16 -4.42
N CYS A 1154 -11.66 -23.24 -3.61
CA CYS A 1154 -12.36 -21.97 -3.40
C CYS A 1154 -11.88 -20.52 -3.44
N LEU A 1155 -10.78 -20.29 -4.16
CA LEU A 1155 -9.87 -19.17 -4.05
C LEU A 1155 -10.46 -17.93 -4.68
N ASN A 1156 -10.89 -18.04 -5.94
CA ASN A 1156 -11.60 -16.99 -6.64
C ASN A 1156 -12.95 -17.44 -7.17
N ASN A 1157 -13.26 -18.73 -7.12
CA ASN A 1157 -14.59 -19.23 -7.45
C ASN A 1157 -15.22 -18.69 -6.18
N ASP A 1158 -15.91 -17.55 -6.32
CA ASP A 1158 -16.63 -16.98 -5.19
C ASP A 1158 -17.92 -17.75 -4.93
N LYS A 1159 -18.61 -18.18 -5.97
CA LYS A 1159 -19.84 -18.95 -5.78
C LYS A 1159 -19.58 -20.22 -4.99
N GLU A 1160 -18.35 -20.74 -5.02
CA GLU A 1160 -18.05 -21.92 -4.22
C GLU A 1160 -17.92 -21.59 -2.75
N PHE A 1161 -17.53 -20.35 -2.41
CA PHE A 1161 -17.38 -20.00 -1.01
C PHE A 1161 -18.69 -20.11 -0.28
N GLU A 1162 -19.78 -19.70 -0.91
CA GLU A 1162 -21.09 -19.79 -0.26
C GLU A 1162 -21.45 -21.24 0.04
N ASN A 1163 -21.13 -22.15 -0.89
CA ASN A 1163 -21.40 -23.56 -0.63
C ASN A 1163 -20.46 -24.12 0.43
N ALA A 1164 -19.22 -23.64 0.48
CA ALA A 1164 -18.32 -24.02 1.56
C ALA A 1164 -18.91 -23.65 2.90
N ILE A 1165 -19.42 -22.43 3.00
CA ILE A 1165 -20.01 -21.97 4.25
C ILE A 1165 -21.22 -22.82 4.60
N LEU A 1166 -22.08 -23.10 3.61
CA LEU A 1166 -23.28 -23.88 3.91
C LEU A 1166 -22.93 -25.28 4.41
N SER A 1167 -21.97 -25.94 3.76
CA SER A 1167 -21.57 -27.27 4.23
C SER A 1167 -20.92 -27.21 5.60
N MET A 1168 -20.05 -26.21 5.82
CA MET A 1168 -19.45 -26.04 7.14
C MET A 1168 -20.51 -25.94 8.21
N THR A 1169 -21.54 -25.14 7.96
CA THR A 1169 -22.55 -24.94 8.97
C THR A 1169 -23.36 -26.20 9.21
N ILE A 1170 -23.75 -26.91 8.14
CA ILE A 1170 -24.51 -28.13 8.33
C ILE A 1170 -23.67 -29.15 9.11
N ASN A 1171 -22.37 -29.19 8.86
CA ASN A 1171 -21.49 -30.04 9.65
C ASN A 1171 -21.51 -29.62 11.11
N VAL A 1172 -21.02 -28.41 11.40
CA VAL A 1172 -20.77 -27.97 12.76
C VAL A 1172 -22.02 -28.06 13.60
N ARG A 1173 -23.18 -27.82 13.00
CA ARG A 1173 -24.42 -27.85 13.76
C ARG A 1173 -24.65 -29.19 14.46
N GLU A 1174 -24.08 -30.28 13.95
CA GLU A 1174 -24.40 -31.60 14.47
C GLU A 1174 -23.37 -32.15 15.44
N GLY A 1175 -22.09 -32.00 15.16
CA GLY A 1175 -21.09 -32.49 16.08
C GLY A 1175 -19.99 -33.32 15.45
N PHE A 1176 -20.02 -33.45 14.14
CA PHE A 1176 -18.93 -34.10 13.43
C PHE A 1176 -17.66 -33.27 13.56
N LEU A 1177 -16.53 -33.89 13.27
CA LEU A 1177 -15.28 -33.16 13.43
C LEU A 1177 -15.20 -32.00 12.44
N ASN A 1178 -14.13 -31.24 12.57
CA ASN A 1178 -13.80 -30.31 11.51
C ASN A 1178 -12.31 -30.37 11.78
N TYR A 1179 -11.57 -30.94 10.84
CA TYR A 1179 -10.14 -30.91 11.00
C TYR A 1179 -9.56 -29.65 10.40
N SER A 1180 -9.80 -28.51 11.04
CA SER A 1180 -9.50 -27.21 10.44
C SER A 1180 -7.98 -27.32 10.62
N MET A 1181 -7.33 -27.81 9.58
CA MET A 1181 -5.88 -27.74 9.43
C MET A 1181 -5.47 -26.40 8.86
N ASP A 1182 -4.17 -26.19 8.75
CA ASP A 1182 -3.61 -25.00 8.09
C ASP A 1182 -2.24 -25.54 7.73
N HIS A 1183 -1.85 -25.45 6.47
CA HIS A 1183 -0.53 -25.93 6.10
C HIS A 1183 0.54 -24.88 6.41
N SER A 1184 1.78 -25.36 6.54
CA SER A 1184 2.90 -24.56 7.01
C SER A 1184 3.98 -24.52 5.96
N LYS A 1185 4.70 -23.39 5.92
CA LYS A 1185 5.77 -23.19 4.96
C LYS A 1185 5.32 -23.57 3.57
N TRP A 1186 4.18 -23.01 3.16
CA TRP A 1186 3.64 -23.25 1.84
C TRP A 1186 4.38 -22.52 0.75
N GLY A 1187 5.11 -21.46 1.08
CA GLY A 1187 5.90 -20.79 0.09
C GLY A 1187 7.08 -21.62 -0.27
N PRO A 1188 8.06 -21.72 0.63
CA PRO A 1188 9.35 -22.30 0.27
C PRO A 1188 9.42 -23.81 0.27
N MET A 1189 8.30 -24.52 0.27
CA MET A 1189 8.33 -25.98 0.13
C MET A 1189 7.56 -26.44 -1.09
N MET A 1190 7.33 -25.55 -2.04
CA MET A 1190 6.75 -25.90 -3.33
C MET A 1190 7.68 -25.43 -4.43
N CYS A 1191 7.73 -26.21 -5.51
CA CYS A 1191 8.68 -25.96 -6.56
C CYS A 1191 7.99 -26.17 -7.90
N PRO A 1192 8.26 -25.31 -8.89
CA PRO A 1192 7.67 -25.53 -10.21
C PRO A 1192 7.99 -26.90 -10.77
N PHE A 1193 9.14 -27.45 -10.41
CA PHE A 1193 9.43 -28.83 -10.76
C PHE A 1193 8.27 -29.73 -10.40
N LEU A 1194 7.61 -29.46 -9.29
CA LEU A 1194 6.58 -30.39 -8.88
C LEU A 1194 5.38 -30.28 -9.79
N PHE A 1195 4.98 -29.06 -10.17
CA PHE A 1195 3.86 -28.93 -11.09
C PHE A 1195 4.21 -29.52 -12.45
N LEU A 1196 5.46 -29.37 -12.88
CA LEU A 1196 5.89 -29.98 -14.12
C LEU A 1196 5.77 -31.49 -14.05
N MET A 1197 6.26 -32.09 -12.97
CA MET A 1197 6.08 -33.52 -12.75
C MET A 1197 4.62 -33.88 -12.82
N PHE A 1198 3.77 -33.06 -12.23
CA PHE A 1198 2.37 -33.40 -12.14
C PHE A 1198 1.67 -33.26 -13.47
N LEU A 1199 2.16 -32.39 -14.34
CA LEU A 1199 1.50 -32.11 -15.61
C LEU A 1199 1.98 -33.07 -16.69
N GLN A 1200 3.29 -33.09 -16.94
CA GLN A 1200 3.84 -33.96 -17.97
C GLN A 1200 3.65 -35.40 -17.65
N ASN A 1201 2.94 -35.74 -16.57
CA ASN A 1201 2.49 -37.10 -16.32
C ASN A 1201 1.00 -37.30 -16.48
N LEU A 1202 0.21 -36.24 -16.42
CA LEU A 1202 -1.21 -36.39 -16.70
C LEU A 1202 -1.41 -36.74 -18.17
N LYS A 1203 -2.57 -37.29 -18.49
CA LYS A 1203 -2.81 -37.92 -19.80
C LYS A 1203 -4.13 -37.23 -20.10
N LEU A 1204 -4.06 -36.01 -20.63
CA LEU A 1204 -5.19 -35.31 -21.23
C LEU A 1204 -5.53 -35.87 -22.62
N GLY A 1205 -6.69 -35.47 -23.14
CA GLY A 1205 -7.34 -36.18 -24.23
C GLY A 1205 -6.75 -35.89 -25.60
N ASP A 1206 -7.59 -35.92 -26.63
CA ASP A 1206 -7.18 -35.91 -28.03
C ASP A 1206 -6.19 -34.79 -28.31
N ASP A 1207 -5.55 -34.84 -29.47
CA ASP A 1207 -4.36 -34.06 -29.75
C ASP A 1207 -4.66 -32.84 -30.62
N GLN A 1208 -3.61 -32.04 -30.80
CA GLN A 1208 -3.52 -30.88 -31.68
C GLN A 1208 -4.31 -29.69 -31.15
N TYR A 1209 -5.14 -29.91 -30.15
CA TYR A 1209 -5.75 -28.83 -29.40
C TYR A 1209 -5.71 -28.87 -27.88
N VAL A 1210 -5.38 -30.02 -27.31
CA VAL A 1210 -4.85 -30.17 -25.97
C VAL A 1210 -3.36 -30.48 -26.00
N ARG A 1211 -2.95 -31.37 -26.91
CA ARG A 1211 -1.55 -31.76 -26.97
C ARG A 1211 -0.65 -30.56 -27.24
N SER A 1212 -1.19 -29.50 -27.80
CA SER A 1212 -0.50 -28.22 -27.80
C SER A 1212 -1.12 -27.33 -26.74
N GLY A 1213 -0.33 -26.37 -26.29
CA GLY A 1213 -0.66 -25.67 -25.07
C GLY A 1213 -0.32 -26.35 -23.76
N LYS A 1214 -0.26 -27.68 -23.77
CA LYS A 1214 0.48 -28.46 -22.79
C LYS A 1214 1.97 -28.29 -22.99
N ASP A 1215 2.42 -28.35 -24.23
CA ASP A 1215 3.82 -28.03 -24.47
C ASP A 1215 4.08 -26.54 -24.51
N HIS A 1216 3.13 -25.73 -24.08
CA HIS A 1216 3.41 -24.33 -23.78
C HIS A 1216 3.34 -24.02 -22.30
N VAL A 1217 2.38 -24.60 -21.58
CA VAL A 1217 2.42 -24.50 -20.12
C VAL A 1217 3.68 -25.16 -19.60
N SER A 1218 3.99 -26.35 -20.11
CA SER A 1218 5.17 -27.10 -19.67
C SER A 1218 6.44 -26.58 -20.28
N THR A 1219 6.43 -25.40 -20.88
CA THR A 1219 7.66 -24.71 -21.15
C THR A 1219 7.65 -23.29 -20.64
N LEU A 1220 6.51 -22.80 -20.14
CA LEU A 1220 6.55 -21.65 -19.26
C LEU A 1220 7.00 -22.08 -17.86
N LEU A 1221 6.57 -23.25 -17.41
CA LEU A 1221 7.03 -23.75 -16.12
C LEU A 1221 8.53 -23.93 -16.14
N THR A 1222 9.05 -24.66 -17.12
CA THR A 1222 10.48 -24.83 -17.25
C THR A 1222 11.20 -23.49 -17.28
N TRP A 1223 10.52 -22.43 -17.71
CA TRP A 1223 11.08 -21.10 -17.58
C TRP A 1223 11.12 -20.66 -16.12
N HIS A 1224 10.02 -20.88 -15.40
CA HIS A 1224 9.97 -20.42 -14.01
C HIS A 1224 11.01 -21.11 -13.17
N MET A 1225 11.24 -22.41 -13.45
CA MET A 1225 12.27 -23.20 -12.79
C MET A 1225 13.53 -22.41 -12.52
N HIS A 1226 14.03 -21.72 -13.55
CA HIS A 1226 15.33 -21.07 -13.48
C HIS A 1226 15.21 -19.57 -13.22
N LYS A 1227 14.24 -19.13 -12.42
CA LYS A 1227 14.06 -17.71 -12.17
C LYS A 1227 15.28 -17.14 -11.44
N LEU A 1228 15.34 -15.82 -11.36
CA LEU A 1228 16.46 -15.15 -10.68
C LEU A 1228 15.94 -14.10 -9.70
N VAL A 1229 15.58 -14.49 -8.48
CA VAL A 1229 15.23 -13.48 -7.50
C VAL A 1229 16.46 -12.68 -7.16
N GLU A 1230 16.25 -11.51 -6.57
CA GLU A 1230 17.33 -10.57 -6.33
C GLU A 1230 17.55 -10.41 -4.83
N VAL A 1231 18.80 -10.30 -4.43
CA VAL A 1231 19.12 -9.99 -3.04
C VAL A 1231 18.94 -8.48 -2.87
N PRO A 1232 17.91 -8.02 -2.14
CA PRO A 1232 17.62 -6.60 -2.10
C PRO A 1232 18.80 -5.81 -1.57
N PHE A 1233 19.03 -4.65 -2.18
CA PHE A 1233 20.28 -3.92 -1.94
C PHE A 1233 20.53 -3.54 -0.49
N PRO A 1234 19.56 -3.04 0.28
CA PRO A 1234 19.85 -2.76 1.68
C PRO A 1234 20.30 -4.00 2.44
N VAL A 1235 19.74 -5.16 2.14
CA VAL A 1235 20.10 -6.37 2.88
C VAL A 1235 21.55 -6.72 2.63
N VAL A 1236 21.98 -6.71 1.37
CA VAL A 1236 23.36 -7.03 1.08
C VAL A 1236 24.30 -5.98 1.68
N ASN A 1237 23.89 -4.71 1.64
CA ASN A 1237 24.70 -3.69 2.29
C ASN A 1237 24.87 -4.00 3.77
N ALA A 1238 23.79 -4.35 4.44
CA ALA A 1238 23.85 -4.62 5.88
C ALA A 1238 24.71 -5.84 6.18
N MET A 1239 24.55 -6.90 5.39
CA MET A 1239 25.35 -8.08 5.67
C MET A 1239 26.82 -7.84 5.40
N MET A 1240 27.15 -7.01 4.41
CA MET A 1240 28.55 -6.68 4.22
C MET A 1240 29.08 -5.84 5.37
N LYS A 1241 28.26 -4.91 5.87
CA LYS A 1241 28.66 -4.19 7.08
C LYS A 1241 28.97 -5.16 8.20
N SER A 1242 28.07 -6.11 8.44
CA SER A 1242 28.28 -7.05 9.54
C SER A 1242 29.55 -7.85 9.34
N TYR A 1243 29.78 -8.31 8.11
CA TYR A 1243 30.99 -9.09 7.84
C TYR A 1243 32.24 -8.27 8.11
N VAL A 1244 32.28 -7.03 7.63
CA VAL A 1244 33.51 -6.26 7.79
C VAL A 1244 33.71 -5.88 9.25
N LYS A 1245 32.63 -5.57 9.96
CA LYS A 1245 32.74 -5.30 11.40
C LYS A 1245 33.32 -6.50 12.12
N SER A 1246 32.80 -7.69 11.84
CA SER A 1246 33.30 -8.89 12.50
C SER A 1246 34.75 -9.15 12.15
N LYS A 1247 35.11 -9.00 10.87
CA LYS A 1247 36.46 -9.34 10.43
C LYS A 1247 37.49 -8.38 11.02
N LEU A 1248 37.14 -7.09 11.09
CA LEU A 1248 38.07 -6.12 11.66
C LEU A 1248 38.31 -6.38 13.14
N LYS A 1249 37.25 -6.67 13.88
CA LYS A 1249 37.34 -6.76 15.33
C LYS A 1249 37.54 -8.19 15.79
N GLU A 1255 30.72 -16.11 18.55
CA GLU A 1255 29.88 -14.97 18.21
C GLU A 1255 28.43 -15.41 18.04
N THR A 1256 27.64 -14.57 17.36
CA THR A 1256 26.21 -14.80 17.19
C THR A 1256 25.68 -14.82 15.76
N THR A 1257 26.53 -15.22 14.81
CA THR A 1257 26.22 -15.12 13.40
C THR A 1257 25.17 -16.15 13.02
N VAL A 1258 24.01 -15.69 12.56
CA VAL A 1258 23.01 -16.60 12.05
C VAL A 1258 23.48 -17.20 10.73
N THR A 1259 22.86 -18.32 10.34
CA THR A 1259 23.32 -19.08 9.18
C THR A 1259 23.47 -18.19 7.95
N GLU A 1260 22.46 -17.42 7.64
CA GLU A 1260 22.58 -16.59 6.46
C GLU A 1260 23.52 -15.50 6.63
N ARG A 1261 24.28 -15.40 7.72
CA ARG A 1261 25.37 -14.45 7.78
C ARG A 1261 26.72 -15.08 7.47
N ILE A 1262 26.77 -16.40 7.30
CA ILE A 1262 28.05 -17.05 7.04
C ILE A 1262 28.25 -17.22 5.53
N PHE A 1263 27.16 -17.45 4.80
CA PHE A 1263 27.26 -17.57 3.35
C PHE A 1263 27.82 -16.30 2.75
N ARG A 1264 27.36 -15.15 3.22
CA ARG A 1264 28.00 -13.91 2.81
C ARG A 1264 29.48 -13.97 3.09
N GLN A 1265 29.88 -14.59 4.20
CA GLN A 1265 31.30 -14.61 4.53
C GLN A 1265 32.09 -15.42 3.52
N TYR A 1266 31.66 -16.65 3.24
CA TYR A 1266 32.38 -17.42 2.21
C TYR A 1266 32.40 -16.67 0.90
N PHE A 1267 31.23 -16.25 0.42
CA PHE A 1267 31.18 -15.70 -0.92
C PHE A 1267 31.92 -14.37 -1.02
N GLU A 1268 31.93 -13.58 0.04
CA GLU A 1268 32.66 -12.32 0.01
C GLU A 1268 34.14 -12.51 0.30
N MET A 1269 34.56 -13.69 0.75
CA MET A 1269 35.95 -14.04 0.56
C MET A 1269 36.30 -14.09 -0.92
N GLY A 1270 35.29 -14.35 -1.76
CA GLY A 1270 35.40 -14.29 -3.21
C GLY A 1270 34.63 -13.29 -4.05
N ILE A 1271 33.34 -13.55 -4.25
CA ILE A 1271 32.46 -12.69 -5.03
C ILE A 1271 31.10 -12.57 -4.34
N VAL A 1272 30.51 -11.38 -4.41
CA VAL A 1272 29.29 -11.06 -3.68
C VAL A 1272 28.10 -11.81 -4.27
N PRO A 1273 27.10 -12.18 -3.48
CA PRO A 1273 25.84 -12.60 -4.07
C PRO A 1273 25.11 -11.41 -4.64
N SER A 1274 24.48 -11.62 -5.77
CA SER A 1274 23.45 -10.71 -6.25
C SER A 1274 22.13 -11.42 -6.42
N HIS A 1275 22.10 -12.49 -7.20
CA HIS A 1275 20.88 -13.20 -7.53
C HIS A 1275 20.96 -14.61 -6.99
N ILE A 1276 19.80 -15.17 -6.66
CA ILE A 1276 19.69 -16.53 -6.15
C ILE A 1276 18.70 -17.27 -7.02
N SER A 1277 18.95 -18.54 -7.29
CA SER A 1277 18.12 -19.27 -8.23
C SER A 1277 18.08 -20.74 -7.87
N SER A 1278 16.94 -21.23 -7.40
CA SER A 1278 16.85 -22.62 -6.98
C SER A 1278 15.48 -23.17 -7.29
N LEU A 1279 15.35 -24.50 -7.13
CA LEU A 1279 14.14 -25.19 -7.55
C LEU A 1279 12.98 -24.92 -6.60
N ILE A 1280 13.24 -24.84 -5.30
CA ILE A 1280 12.15 -24.79 -4.30
C ILE A 1280 11.87 -23.31 -4.05
N ASP A 1281 11.09 -22.71 -4.95
CA ASP A 1281 10.72 -21.31 -4.74
C ASP A 1281 9.22 -21.08 -4.71
N MET A 1282 8.48 -21.44 -5.78
CA MET A 1282 7.05 -21.16 -5.89
C MET A 1282 6.67 -19.75 -5.52
N GLY A 1283 7.24 -18.75 -6.16
CA GLY A 1283 7.11 -17.38 -5.71
C GLY A 1283 5.76 -17.08 -5.08
N GLN A 1284 5.76 -16.64 -3.82
CA GLN A 1284 4.51 -16.48 -3.08
C GLN A 1284 3.55 -15.60 -3.84
N GLY A 1285 2.41 -16.16 -4.22
CA GLY A 1285 1.42 -15.45 -4.99
C GLY A 1285 1.62 -15.52 -6.50
N ILE A 1286 2.85 -15.64 -6.99
CA ILE A 1286 3.09 -15.62 -8.43
C ILE A 1286 2.27 -16.73 -9.10
N LEU A 1287 2.60 -17.98 -8.81
CA LEU A 1287 1.84 -19.09 -9.37
C LEU A 1287 0.69 -19.53 -8.47
N HIS A 1288 0.11 -18.59 -7.73
CA HIS A 1288 -0.84 -18.91 -6.67
C HIS A 1288 -2.13 -19.54 -7.15
N ASN A 1289 -2.27 -19.76 -8.45
CA ASN A 1289 -3.34 -20.62 -8.93
C ASN A 1289 -2.84 -22.00 -9.33
N ALA A 1290 -1.61 -22.09 -9.82
CA ALA A 1290 -1.01 -23.41 -10.00
C ALA A 1290 -0.95 -24.14 -8.67
N SER A 1291 -0.53 -23.44 -7.62
CA SER A 1291 -0.48 -24.05 -6.31
C SER A 1291 -1.86 -24.52 -5.87
N ASP A 1292 -2.88 -23.70 -6.11
CA ASP A 1292 -4.23 -24.09 -5.73
C ASP A 1292 -4.65 -25.35 -6.47
N PHE A 1293 -4.33 -25.45 -7.75
CA PHE A 1293 -4.68 -26.64 -8.49
C PHE A 1293 -4.01 -27.88 -7.90
N TYR A 1294 -2.71 -27.77 -7.65
CA TYR A 1294 -2.00 -28.91 -7.09
C TYR A 1294 -2.59 -29.32 -5.76
N GLY A 1295 -2.82 -28.35 -4.88
CA GLY A 1295 -3.33 -28.65 -3.56
C GLY A 1295 -4.70 -29.28 -3.64
N LEU A 1296 -5.55 -28.79 -4.53
CA LEU A 1296 -6.88 -29.37 -4.66
C LEU A 1296 -6.78 -30.84 -5.02
N LEU A 1297 -5.98 -31.16 -6.02
CA LEU A 1297 -5.91 -32.57 -6.42
C LEU A 1297 -5.27 -33.43 -5.33
N SER A 1298 -4.20 -32.94 -4.70
CA SER A 1298 -3.55 -33.75 -3.69
C SER A 1298 -4.49 -34.04 -2.55
N GLU A 1299 -5.24 -33.04 -2.09
CA GLU A 1299 -6.19 -33.30 -1.03
C GLU A 1299 -7.28 -34.26 -1.48
N ARG A 1300 -7.73 -34.16 -2.73
CA ARG A 1300 -8.72 -35.10 -3.23
C ARG A 1300 -8.17 -36.50 -3.32
N PHE A 1301 -6.85 -36.66 -3.31
CA PHE A 1301 -6.25 -38.00 -3.29
C PHE A 1301 -6.01 -38.51 -1.87
N ILE A 1302 -5.52 -37.66 -0.98
CA ILE A 1302 -5.27 -38.12 0.37
C ILE A 1302 -6.58 -38.47 1.06
N ASN A 1303 -7.63 -37.69 0.78
CA ASN A 1303 -8.94 -38.08 1.28
C ASN A 1303 -9.51 -39.20 0.54
N TYR A 1304 -8.71 -39.88 -0.27
CA TYR A 1304 -9.06 -41.19 -0.82
C TYR A 1304 -8.23 -42.30 -0.20
N CYS A 1305 -6.94 -42.04 0.03
CA CYS A 1305 -6.14 -42.97 0.80
C CYS A 1305 -6.82 -43.28 2.11
N ILE A 1306 -7.22 -42.23 2.82
CA ILE A 1306 -7.86 -42.41 4.12
C ILE A 1306 -9.16 -43.17 3.97
N GLY A 1307 -9.88 -42.92 2.88
CA GLY A 1307 -11.13 -43.62 2.67
C GLY A 1307 -10.93 -45.11 2.44
N VAL A 1308 -9.88 -45.49 1.71
CA VAL A 1308 -9.71 -46.91 1.44
C VAL A 1308 -9.16 -47.63 2.66
N ILE A 1309 -8.35 -46.97 3.48
CA ILE A 1309 -7.82 -47.65 4.67
C ILE A 1309 -8.87 -47.73 5.76
N PHE A 1310 -9.40 -46.58 6.20
CA PHE A 1310 -10.24 -46.57 7.39
C PHE A 1310 -11.69 -46.90 7.09
N GLY A 1311 -12.20 -46.49 5.94
CA GLY A 1311 -13.58 -46.80 5.61
C GLY A 1311 -14.54 -45.65 5.38
N GLU A 1312 -14.04 -44.42 5.38
CA GLU A 1312 -14.85 -43.25 5.08
C GLU A 1312 -14.11 -42.20 4.27
N ARG A 1313 -14.84 -41.54 3.37
CA ARG A 1313 -14.25 -40.49 2.56
C ARG A 1313 -14.62 -39.13 3.12
N PRO A 1314 -13.68 -38.43 3.69
CA PRO A 1314 -13.98 -37.10 4.22
C PRO A 1314 -13.74 -36.00 3.21
N GLU A 1315 -14.74 -35.16 2.98
CA GLU A 1315 -14.59 -34.11 1.98
C GLU A 1315 -13.63 -33.03 2.48
N ALA A 1316 -13.20 -32.19 1.56
CA ALA A 1316 -12.19 -31.19 1.88
C ALA A 1316 -12.56 -29.91 1.17
N TYR A 1317 -11.70 -28.91 1.29
CA TYR A 1317 -11.78 -27.67 0.53
C TYR A 1317 -10.37 -27.13 0.44
N THR A 1318 -10.22 -25.93 -0.08
CA THR A 1318 -8.87 -25.38 -0.19
C THR A 1318 -8.96 -23.90 -0.47
N SER A 1319 -7.91 -23.20 -0.12
CA SER A 1319 -7.73 -21.81 -0.50
C SER A 1319 -6.40 -21.53 -1.16
N SER A 1320 -5.54 -22.55 -1.19
CA SER A 1320 -4.13 -22.48 -1.56
C SER A 1320 -3.22 -22.31 -0.37
N ASP A 1321 -3.77 -22.01 0.78
CA ASP A 1321 -3.00 -22.17 2.00
C ASP A 1321 -3.79 -22.37 3.28
N ASP A 1322 -4.98 -22.92 3.18
CA ASP A 1322 -5.86 -23.08 4.33
C ASP A 1322 -6.33 -24.45 3.89
N GLN A 1323 -7.31 -24.98 4.59
CA GLN A 1323 -7.98 -26.22 4.21
C GLN A 1323 -9.04 -26.49 5.25
N ILE A 1324 -9.72 -27.61 5.08
CA ILE A 1324 -10.65 -28.11 6.08
C ILE A 1324 -10.96 -29.55 5.69
N THR A 1325 -11.51 -30.33 6.61
CA THR A 1325 -11.77 -31.73 6.30
C THR A 1325 -12.95 -32.02 7.21
N LEU A 1326 -14.13 -32.14 6.62
CA LEU A 1326 -15.33 -32.35 7.43
C LEU A 1326 -15.64 -33.83 7.52
N PHE A 1327 -14.91 -34.53 8.38
CA PHE A 1327 -15.12 -35.97 8.51
C PHE A 1327 -16.59 -36.25 8.77
N ASP A 1328 -17.05 -37.39 8.31
CA ASP A 1328 -18.46 -37.71 8.47
C ASP A 1328 -18.67 -38.36 9.84
N ARG A 1329 -19.85 -38.96 10.05
CA ARG A 1329 -20.17 -39.55 11.34
C ARG A 1329 -19.22 -40.68 11.71
N ARG A 1330 -19.02 -41.63 10.80
CA ARG A 1330 -18.32 -42.85 11.13
C ARG A 1330 -16.88 -42.61 11.58
N LEU A 1331 -16.31 -41.45 11.28
CA LEU A 1331 -15.02 -41.07 11.84
C LEU A 1331 -15.15 -40.08 12.99
N SER A 1332 -16.37 -39.83 13.46
CA SER A 1332 -16.58 -39.01 14.64
C SER A 1332 -17.06 -39.81 15.84
N ASP A 1333 -17.74 -40.93 15.60
CA ASP A 1333 -18.09 -41.82 16.71
C ASP A 1333 -16.85 -42.31 17.42
N LEU A 1334 -15.71 -42.33 16.73
CA LEU A 1334 -14.51 -42.94 17.27
C LEU A 1334 -13.86 -42.09 18.36
N VAL A 1335 -13.83 -40.77 18.20
CA VAL A 1335 -13.15 -39.93 19.17
C VAL A 1335 -13.76 -40.10 20.55
N VAL A 1336 -15.09 -40.09 20.63
CA VAL A 1336 -15.72 -40.40 21.91
C VAL A 1336 -15.56 -41.87 22.25
N SER A 1337 -15.64 -42.76 21.24
CA SER A 1337 -15.58 -44.19 21.53
C SER A 1337 -14.14 -44.64 21.81
N ASP A 1338 -13.20 -44.24 20.96
CA ASP A 1338 -11.83 -44.74 21.07
C ASP A 1338 -11.20 -43.56 20.34
N PRO A 1339 -10.27 -42.85 20.97
CA PRO A 1339 -9.36 -41.94 20.28
C PRO A 1339 -8.08 -42.60 19.82
N GLU A 1340 -7.79 -43.82 20.26
CA GLU A 1340 -6.51 -44.43 19.92
C GLU A 1340 -6.42 -44.80 18.45
N GLU A 1341 -7.53 -44.78 17.72
CA GLU A 1341 -7.52 -44.97 16.28
C GLU A 1341 -7.42 -43.63 15.55
N VAL A 1342 -8.30 -42.69 15.89
CA VAL A 1342 -8.31 -41.40 15.22
C VAL A 1342 -7.01 -40.66 15.45
N LEU A 1343 -6.33 -40.94 16.56
CA LEU A 1343 -4.98 -40.42 16.71
C LEU A 1343 -4.08 -40.95 15.60
N VAL A 1344 -4.21 -42.24 15.28
CA VAL A 1344 -3.39 -42.79 14.21
C VAL A 1344 -3.78 -42.15 12.89
N LEU A 1345 -5.07 -41.95 12.66
CA LEU A 1345 -5.52 -41.35 11.41
C LEU A 1345 -4.94 -39.95 11.23
N LEU A 1346 -4.94 -39.15 12.29
CA LEU A 1346 -4.36 -37.82 12.19
C LEU A 1346 -2.84 -37.86 12.15
N GLU A 1347 -2.24 -38.98 12.54
CA GLU A 1347 -0.81 -39.17 12.27
C GLU A 1347 -0.58 -39.48 10.79
N PHE A 1348 -1.43 -40.31 10.22
CA PHE A 1348 -1.23 -40.79 8.85
C PHE A 1348 -1.50 -39.71 7.82
N GLN A 1349 -2.60 -38.97 8.00
CA GLN A 1349 -2.86 -37.84 7.12
C GLN A 1349 -1.75 -36.82 7.22
N SER A 1350 -1.16 -36.66 8.39
CA SER A 1350 -0.01 -35.79 8.50
C SER A 1350 1.25 -36.43 7.95
N HIS A 1351 1.24 -37.73 7.71
CA HIS A 1351 2.43 -38.34 7.16
C HIS A 1351 2.47 -38.33 5.64
N LEU A 1352 1.41 -38.82 4.98
CA LEU A 1352 1.39 -38.76 3.52
C LEU A 1352 1.65 -37.36 3.03
N SER A 1353 0.96 -36.38 3.60
CA SER A 1353 1.22 -35.00 3.23
C SER A 1353 2.70 -34.69 3.37
N GLY A 1354 3.36 -35.30 4.35
CA GLY A 1354 4.80 -35.15 4.44
C GLY A 1354 5.54 -35.78 3.27
N LEU A 1355 5.04 -36.91 2.80
CA LEU A 1355 5.68 -37.56 1.64
C LEU A 1355 5.63 -36.65 0.43
N LEU A 1356 4.47 -36.11 0.13
CA LEU A 1356 4.32 -35.06 -0.86
C LEU A 1356 4.82 -33.76 -0.23
N ASN A 1357 4.75 -32.65 -0.94
CA ASN A 1357 5.17 -31.40 -0.28
C ASN A 1357 3.99 -30.70 0.39
N LYS A 1358 3.52 -31.28 1.49
CA LYS A 1358 2.47 -30.64 2.28
C LYS A 1358 2.75 -30.88 3.75
N PHE A 1359 3.19 -29.86 4.45
CA PHE A 1359 3.61 -29.99 5.85
C PHE A 1359 2.57 -29.35 6.76
N ILE A 1360 1.80 -30.17 7.48
CA ILE A 1360 0.80 -29.64 8.39
C ILE A 1360 1.48 -28.89 9.53
N SER A 1361 0.93 -27.72 9.88
CA SER A 1361 1.46 -26.80 10.88
C SER A 1361 0.95 -27.17 12.27
N PRO A 1362 1.73 -26.88 13.31
CA PRO A 1362 1.30 -27.18 14.67
C PRO A 1362 0.13 -26.36 15.15
N LYS A 1363 -0.34 -25.38 14.37
CA LYS A 1363 -1.50 -24.59 14.74
C LYS A 1363 -2.82 -25.26 14.36
N SER A 1364 -2.79 -26.41 13.73
CA SER A 1364 -4.03 -27.07 13.38
C SER A 1364 -4.69 -27.61 14.62
N VAL A 1365 -5.97 -27.97 14.50
CA VAL A 1365 -6.71 -28.65 15.54
C VAL A 1365 -7.66 -29.65 14.89
N ALA A 1366 -8.46 -30.31 15.69
CA ALA A 1366 -9.65 -30.97 15.16
C ALA A 1366 -10.77 -30.75 16.16
N GLY A 1367 -11.43 -29.60 16.06
CA GLY A 1367 -12.38 -29.17 17.07
C GLY A 1367 -13.78 -29.65 16.73
N ARG A 1368 -14.34 -30.46 17.61
CA ARG A 1368 -15.69 -30.94 17.38
C ARG A 1368 -16.72 -29.84 17.43
N PHE A 1369 -16.43 -28.68 18.02
CA PHE A 1369 -17.25 -27.47 17.82
C PHE A 1369 -16.31 -26.27 17.69
N ALA A 1370 -15.84 -26.02 16.49
CA ALA A 1370 -15.05 -24.86 16.11
C ALA A 1370 -14.68 -25.06 14.66
N ALA A 1371 -14.25 -23.97 14.01
CA ALA A 1371 -13.86 -23.97 12.60
C ALA A 1371 -13.07 -22.71 12.30
N GLU A 1372 -12.31 -22.74 11.21
CA GLU A 1372 -11.50 -21.60 10.81
C GLU A 1372 -11.12 -21.67 9.33
N PHE A 1373 -12.04 -21.31 8.45
CA PHE A 1373 -11.76 -21.34 7.02
C PHE A 1373 -11.62 -19.91 6.54
N LYS A 1374 -10.40 -19.51 6.23
CA LYS A 1374 -10.10 -18.16 5.79
C LYS A 1374 -10.68 -17.12 6.76
N SER A 1375 -10.42 -17.33 8.04
CA SER A 1375 -10.66 -16.31 9.07
C SER A 1375 -12.15 -16.03 9.26
N ARG A 1376 -12.96 -17.06 9.28
CA ARG A 1376 -14.38 -16.93 9.63
C ARG A 1376 -14.73 -17.98 10.67
N PHE A 1377 -14.43 -17.69 11.94
CA PHE A 1377 -14.58 -18.70 12.97
C PHE A 1377 -16.05 -19.05 13.14
N TYR A 1378 -16.30 -20.10 13.91
CA TYR A 1378 -17.67 -20.55 14.11
C TYR A 1378 -17.84 -21.05 15.53
N VAL A 1379 -19.08 -21.32 15.87
CA VAL A 1379 -19.43 -21.98 17.12
C VAL A 1379 -20.66 -22.79 16.78
N TRP A 1380 -21.26 -23.46 17.75
CA TRP A 1380 -22.37 -24.33 17.40
C TRP A 1380 -23.35 -23.37 16.75
N GLY A 1381 -23.57 -23.55 15.46
CA GLY A 1381 -24.52 -22.72 14.73
C GLY A 1381 -23.94 -21.45 14.15
N GLU A 1382 -24.09 -20.37 14.88
CA GLU A 1382 -23.85 -19.00 14.42
C GLU A 1382 -22.35 -18.72 14.24
N GLU A 1383 -22.02 -17.48 13.90
CA GLU A 1383 -20.65 -17.04 13.65
C GLU A 1383 -20.17 -16.11 14.74
N VAL A 1384 -18.94 -16.31 15.20
CA VAL A 1384 -18.32 -15.37 16.13
C VAL A 1384 -18.24 -14.00 15.46
N PRO A 1385 -18.86 -12.95 16.04
CA PRO A 1385 -18.96 -11.67 15.34
C PRO A 1385 -17.64 -11.00 14.99
N LEU A 1386 -16.62 -11.14 15.81
CA LEU A 1386 -15.35 -10.45 15.60
C LEU A 1386 -15.54 -8.93 15.56
N LEU A 1387 -16.31 -8.42 16.51
CA LEU A 1387 -16.49 -6.99 16.72
C LEU A 1387 -15.18 -6.22 16.59
N THR A 1388 -14.22 -6.53 17.45
CA THR A 1388 -12.99 -5.76 17.45
C THR A 1388 -12.27 -5.80 16.11
N LYS A 1389 -12.49 -6.85 15.30
CA LYS A 1389 -11.82 -6.91 14.01
C LYS A 1389 -12.24 -5.78 13.11
N PHE A 1390 -13.54 -5.50 13.05
CA PHE A 1390 -14.06 -4.46 12.18
C PHE A 1390 -13.95 -3.07 12.80
N VAL A 1391 -14.12 -2.95 14.11
CA VAL A 1391 -13.94 -1.64 14.73
C VAL A 1391 -12.49 -1.17 14.55
N SER A 1392 -11.53 -2.08 14.71
CA SER A 1392 -10.14 -1.71 14.58
C SER A 1392 -9.80 -1.24 13.17
N ALA A 1393 -10.59 -1.64 12.18
CA ALA A 1393 -10.36 -1.21 10.81
C ALA A 1393 -11.08 0.08 10.48
N ALA A 1394 -12.32 0.23 10.95
CA ALA A 1394 -13.05 1.46 10.69
C ALA A 1394 -12.38 2.64 11.37
N LEU A 1395 -11.83 2.45 12.57
CA LEU A 1395 -11.13 3.55 13.21
C LEU A 1395 -9.86 3.91 12.46
N HIS A 1396 -9.30 2.98 11.71
CA HIS A 1396 -8.25 3.28 10.75
C HIS A 1396 -8.92 3.67 9.44
N ASN A 1397 -8.16 3.67 8.35
CA ASN A 1397 -8.69 3.90 7.00
C ASN A 1397 -9.29 5.29 6.89
N VAL A 1398 -8.46 6.29 7.17
CA VAL A 1398 -8.83 7.70 7.02
C VAL A 1398 -7.75 8.31 6.13
N LYS A 1399 -8.01 8.33 4.83
CA LYS A 1399 -6.99 8.68 3.85
C LYS A 1399 -7.18 10.10 3.33
N CYS A 1400 -6.07 10.74 2.99
CA CYS A 1400 -6.09 12.10 2.46
C CYS A 1400 -6.79 12.11 1.12
N LYS A 1401 -8.00 12.67 1.08
CA LYS A 1401 -8.75 12.78 -0.16
C LYS A 1401 -9.71 13.96 -0.04
N GLU A 1402 -10.57 14.09 -1.03
CA GLU A 1402 -11.73 14.94 -0.88
C GLU A 1402 -12.58 14.42 0.26
N PRO A 1403 -12.91 15.25 1.25
CA PRO A 1403 -13.75 14.77 2.34
C PRO A 1403 -15.08 14.21 1.88
N HIS A 1404 -15.63 14.69 0.78
CA HIS A 1404 -16.81 14.03 0.27
C HIS A 1404 -16.53 12.62 -0.25
N GLN A 1405 -15.28 12.17 -0.20
CA GLN A 1405 -14.89 10.79 -0.49
C GLN A 1405 -14.26 10.09 0.71
N LEU A 1406 -13.49 10.82 1.52
CA LEU A 1406 -13.03 10.29 2.79
C LEU A 1406 -14.20 9.85 3.64
N CYS A 1407 -15.34 10.54 3.51
CA CYS A 1407 -16.55 10.14 4.19
C CYS A 1407 -17.41 9.21 3.35
N GLU A 1408 -16.93 8.83 2.17
CA GLU A 1408 -17.54 7.73 1.45
C GLU A 1408 -16.92 6.40 1.87
N THR A 1409 -15.61 6.40 2.02
CA THR A 1409 -14.92 5.18 2.44
C THR A 1409 -15.48 4.68 3.77
N ILE A 1410 -15.66 5.59 4.73
CA ILE A 1410 -16.16 5.19 6.04
C ILE A 1410 -17.60 4.77 5.97
N ASP A 1411 -18.40 5.43 5.14
CA ASP A 1411 -19.77 4.98 5.00
C ASP A 1411 -19.86 3.66 4.26
N THR A 1412 -18.77 3.19 3.67
CA THR A 1412 -18.74 1.81 3.22
C THR A 1412 -18.32 0.86 4.34
N ILE A 1413 -17.22 1.21 5.01
CA ILE A 1413 -16.66 0.35 6.05
C ILE A 1413 -17.66 0.16 7.18
N ALA A 1414 -18.52 1.13 7.43
CA ALA A 1414 -19.53 0.96 8.47
C ALA A 1414 -20.62 0.00 8.03
N ASP A 1415 -20.97 0.00 6.74
CA ASP A 1415 -21.90 -1.01 6.25
C ASP A 1415 -21.28 -2.40 6.36
N GLN A 1416 -19.99 -2.50 6.06
CA GLN A 1416 -19.27 -3.74 6.31
C GLN A 1416 -19.36 -4.13 7.77
N ALA A 1417 -19.14 -3.17 8.67
CA ALA A 1417 -19.16 -3.45 10.09
C ALA A 1417 -20.52 -3.98 10.51
N ILE A 1418 -21.60 -3.27 10.16
CA ILE A 1418 -22.91 -3.72 10.55
C ILE A 1418 -23.33 -4.98 9.80
N ALA A 1419 -22.56 -5.39 8.79
CA ALA A 1419 -22.82 -6.70 8.21
C ALA A 1419 -22.67 -7.79 9.26
N ASN A 1420 -21.58 -7.76 10.01
CA ASN A 1420 -21.40 -8.58 11.20
C ASN A 1420 -22.00 -7.81 12.37
N GLY A 1421 -21.84 -8.32 13.58
CA GLY A 1421 -22.60 -7.82 14.70
C GLY A 1421 -21.99 -6.69 15.50
N VAL A 1422 -21.35 -5.72 14.87
CA VAL A 1422 -21.03 -4.48 15.59
C VAL A 1422 -22.35 -3.77 15.90
N PRO A 1423 -22.60 -3.35 17.14
CA PRO A 1423 -23.90 -2.76 17.46
C PRO A 1423 -23.95 -1.32 16.96
N VAL A 1424 -25.18 -0.86 16.71
CA VAL A 1424 -25.37 0.39 16.00
C VAL A 1424 -24.82 1.56 16.81
N SER A 1425 -24.91 1.49 18.14
CA SER A 1425 -24.51 2.61 18.98
C SER A 1425 -23.01 2.85 18.94
N LEU A 1426 -22.21 1.82 18.70
CA LEU A 1426 -20.80 2.08 18.45
C LEU A 1426 -20.57 2.61 17.05
N VAL A 1427 -21.42 2.22 16.09
CA VAL A 1427 -21.27 2.70 14.72
C VAL A 1427 -21.46 4.21 14.67
N ASN A 1428 -22.54 4.69 15.29
CA ASN A 1428 -22.73 6.13 15.40
C ASN A 1428 -21.52 6.79 16.01
N SER A 1429 -20.90 6.16 17.02
CA SER A 1429 -19.78 6.81 17.68
C SER A 1429 -18.56 6.85 16.79
N ILE A 1430 -18.36 5.83 15.95
CA ILE A 1430 -17.27 5.90 14.97
C ILE A 1430 -17.50 7.06 14.01
N GLN A 1431 -18.74 7.16 13.51
CA GLN A 1431 -19.04 8.24 12.58
C GLN A 1431 -18.87 9.59 13.23
N ARG A 1432 -19.32 9.74 14.47
CA ARG A 1432 -19.12 10.98 15.18
C ARG A 1432 -17.64 11.29 15.34
N ARG A 1433 -16.82 10.26 15.58
CA ARG A 1433 -15.40 10.52 15.65
C ARG A 1433 -14.88 11.08 14.34
N THR A 1434 -15.28 10.48 13.22
CA THR A 1434 -14.74 10.95 11.94
C THR A 1434 -15.18 12.38 11.66
N LEU A 1435 -16.46 12.66 11.87
CA LEU A 1435 -16.94 14.03 11.75
C LEU A 1435 -16.16 14.95 12.67
N ASP A 1436 -15.84 14.49 13.87
CA ASP A 1436 -15.12 15.34 14.79
C ASP A 1436 -13.71 15.60 14.29
N LEU A 1437 -13.10 14.61 13.64
CA LEU A 1437 -11.80 14.84 13.03
C LEU A 1437 -11.90 15.94 11.98
N LEU A 1438 -12.88 15.83 11.09
CA LEU A 1438 -13.06 16.86 10.08
C LEU A 1438 -13.26 18.22 10.72
N LYS A 1439 -14.18 18.29 11.68
CA LYS A 1439 -14.45 19.54 12.37
C LYS A 1439 -13.20 20.09 13.03
N TYR A 1440 -12.29 19.22 13.44
CA TYR A 1440 -11.00 19.69 13.92
C TYR A 1440 -10.18 20.25 12.78
N ALA A 1441 -10.38 19.75 11.57
CA ALA A 1441 -9.66 20.32 10.43
C ALA A 1441 -10.16 21.70 10.05
N ASN A 1442 -11.23 22.19 10.67
CA ASN A 1442 -11.88 23.44 10.31
C ASN A 1442 -12.53 23.52 8.93
N PHE A 1443 -13.36 22.52 8.68
CA PHE A 1443 -13.99 22.30 7.38
C PHE A 1443 -15.49 22.28 7.62
N PRO A 1444 -16.26 23.19 7.02
CA PRO A 1444 -17.69 23.25 7.31
C PRO A 1444 -18.39 21.95 6.99
N LEU A 1445 -19.38 21.60 7.79
CA LEU A 1445 -20.07 20.31 7.66
C LEU A 1445 -21.38 20.49 6.89
N ASP A 1446 -21.25 20.64 5.58
CA ASP A 1446 -22.42 20.67 4.73
C ASP A 1446 -23.16 19.34 4.81
N PRO A 1447 -24.47 19.34 4.70
CA PRO A 1447 -25.25 18.17 5.08
C PRO A 1447 -24.99 16.92 4.27
N PHE A 1448 -24.05 16.96 3.34
CA PHE A 1448 -23.75 15.81 2.50
C PHE A 1448 -22.38 15.22 2.83
N LEU A 1449 -21.82 15.56 3.99
CA LEU A 1449 -20.46 15.15 4.30
C LEU A 1449 -20.33 13.75 4.88
N LEU A 1450 -20.96 13.50 6.03
CA LEU A 1450 -20.97 12.16 6.58
C LEU A 1450 -22.35 11.86 7.10
N ASN A 1451 -22.69 10.58 7.07
CA ASN A 1451 -24.08 10.16 7.13
C ASN A 1451 -24.71 10.55 8.45
N THR A 1452 -26.00 10.27 8.56
CA THR A 1452 -26.71 10.62 9.77
C THR A 1452 -26.01 10.02 10.96
N ASN A 1453 -25.83 10.84 11.99
CA ASN A 1453 -25.43 10.38 13.30
C ASN A 1453 -26.62 10.07 14.16
N THR A 1454 -27.70 9.63 13.55
CA THR A 1454 -28.83 9.07 14.28
C THR A 1454 -29.26 8.00 13.26
N ASP A 1455 -28.94 6.75 13.57
CA ASP A 1455 -29.22 5.63 12.67
C ASP A 1455 -30.07 4.60 13.37
N VAL A 1456 -31.13 4.19 12.71
CA VAL A 1456 -31.79 2.93 13.01
C VAL A 1456 -30.87 1.85 12.46
N LYS A 1457 -30.90 0.55 12.77
CA LYS A 1457 -30.23 -0.42 11.95
C LYS A 1457 -31.06 -0.16 10.68
N ASP A 1458 -30.49 0.55 9.73
CA ASP A 1458 -31.09 0.91 8.44
C ASP A 1458 -29.81 1.15 7.63
N TRP A 1459 -29.15 0.05 7.47
CA TRP A 1459 -27.89 0.13 6.81
C TRP A 1459 -28.23 -1.03 5.99
N LEU A 1460 -29.15 -1.82 6.48
CA LEU A 1460 -29.80 -2.68 5.52
C LEU A 1460 -30.91 -1.90 4.83
N ASP A 1461 -31.31 -2.37 3.65
CA ASP A 1461 -32.27 -1.69 2.78
C ASP A 1461 -32.14 -0.19 2.59
N GLY A 1462 -30.91 0.30 2.49
CA GLY A 1462 -30.69 1.71 2.27
C GLY A 1462 -29.32 1.97 1.71
N SER A 1463 -29.25 2.71 0.62
CA SER A 1463 -27.97 3.03 0.01
C SER A 1463 -27.40 4.22 0.75
N ARG A 1464 -26.29 4.77 0.26
CA ARG A 1464 -25.91 6.06 0.77
C ARG A 1464 -26.97 7.11 0.50
N GLY A 1465 -27.74 6.91 -0.55
CA GLY A 1465 -28.83 7.82 -0.82
C GLY A 1465 -29.79 7.93 0.34
N TYR A 1466 -30.17 6.80 0.95
CA TYR A 1466 -31.17 6.90 1.98
C TYR A 1466 -30.63 7.57 3.21
N ARG A 1467 -29.38 7.33 3.59
CA ARG A 1467 -28.85 8.06 4.72
C ARG A 1467 -28.86 9.56 4.46
N ILE A 1468 -28.39 9.99 3.29
CA ILE A 1468 -28.30 11.43 3.08
C ILE A 1468 -29.68 12.07 2.98
N GLN A 1469 -30.63 11.41 2.33
CA GLN A 1469 -31.99 11.90 2.34
C GLN A 1469 -32.55 11.96 3.76
N ARG A 1470 -32.30 10.94 4.58
CA ARG A 1470 -32.80 10.99 5.94
C ARG A 1470 -32.19 12.13 6.71
N LEU A 1471 -30.93 12.45 6.43
CA LEU A 1471 -30.31 13.60 7.08
C LEU A 1471 -31.03 14.89 6.70
N ILE A 1472 -31.20 15.13 5.40
CA ILE A 1472 -31.87 16.36 4.99
C ILE A 1472 -33.32 16.36 5.43
N GLU A 1473 -33.88 15.20 5.77
CA GLU A 1473 -35.25 15.15 6.23
C GLU A 1473 -35.39 15.51 7.70
N GLU A 1474 -34.29 15.79 8.38
CA GLU A 1474 -34.34 16.26 9.76
C GLU A 1474 -33.51 17.50 10.01
N LEU A 1475 -32.62 17.85 9.09
CA LEU A 1475 -31.91 19.11 9.23
C LEU A 1475 -32.82 20.29 8.92
N CYS A 1476 -33.86 20.05 8.12
CA CYS A 1476 -34.94 21.01 7.86
C CYS A 1476 -36.23 20.22 7.90
N PRO A 1477 -36.98 20.30 8.97
CA PRO A 1477 -37.97 19.25 9.26
C PRO A 1477 -39.28 19.34 8.51
N ASN A 1478 -39.78 20.56 8.27
CA ASN A 1478 -41.11 20.73 7.70
C ASN A 1478 -41.14 21.42 6.34
N GLU A 1479 -40.06 22.07 5.93
CA GLU A 1479 -39.92 22.45 4.52
C GLU A 1479 -39.89 21.20 3.65
N THR A 1480 -39.05 20.23 4.01
CA THR A 1480 -38.99 18.97 3.29
C THR A 1480 -40.19 18.29 3.94
N LYS A 1481 -41.37 18.72 3.51
CA LYS A 1481 -42.64 18.06 3.72
C LYS A 1481 -43.53 18.28 2.50
N VAL A 1482 -43.33 19.41 1.83
CA VAL A 1482 -44.01 19.67 0.57
C VAL A 1482 -43.24 19.08 -0.61
N VAL A 1483 -41.94 19.27 -0.62
CA VAL A 1483 -41.07 18.83 -1.72
C VAL A 1483 -40.98 17.32 -1.69
N ARG A 1484 -41.72 16.69 -0.79
CA ARG A 1484 -41.84 15.25 -0.81
C ARG A 1484 -43.17 14.79 -1.38
N LYS A 1485 -44.17 15.66 -1.48
CA LYS A 1485 -45.38 15.30 -2.19
C LYS A 1485 -45.35 15.80 -3.62
N LEU A 1486 -44.60 16.86 -3.88
CA LEU A 1486 -44.31 17.21 -5.27
C LEU A 1486 -43.60 16.06 -5.97
N VAL A 1487 -42.60 15.46 -5.32
CA VAL A 1487 -41.92 14.31 -5.90
C VAL A 1487 -42.85 13.13 -6.00
N ARG A 1488 -43.77 12.96 -5.03
CA ARG A 1488 -44.76 11.89 -5.15
C ARG A 1488 -45.58 12.05 -6.43
N LYS A 1489 -46.04 13.28 -6.70
CA LYS A 1489 -46.78 13.51 -7.93
C LYS A 1489 -45.91 13.26 -9.15
N LEU A 1490 -44.66 13.72 -9.12
CA LEU A 1490 -43.78 13.58 -10.26
C LEU A 1490 -43.54 12.11 -10.60
N HIS A 1491 -43.32 11.28 -9.58
CA HIS A 1491 -43.13 9.86 -9.82
C HIS A 1491 -44.43 9.18 -10.22
N HIS A 1492 -45.55 9.62 -9.67
CA HIS A 1492 -46.83 9.06 -10.06
C HIS A 1492 -47.10 9.29 -11.54
N LYS A 1493 -46.62 10.41 -12.07
CA LYS A 1493 -46.87 10.81 -13.45
C LYS A 1493 -45.67 10.90 -14.38
N LEU A 1494 -44.61 10.18 -14.03
CA LEU A 1494 -43.46 10.06 -14.91
C LEU A 1494 -43.34 8.67 -15.51
N LYS A 1495 -43.57 7.65 -14.70
CA LYS A 1495 -43.50 6.28 -15.19
C LYS A 1495 -44.61 5.98 -16.18
N ASN A 1496 -45.80 6.53 -15.94
CA ASN A 1496 -46.99 6.05 -16.64
C ASN A 1496 -47.15 6.65 -18.03
N GLY A 1497 -47.39 7.95 -18.11
CA GLY A 1497 -47.79 8.53 -19.39
C GLY A 1497 -47.11 9.77 -19.91
N GLU A 1498 -46.05 10.27 -19.28
CA GLU A 1498 -45.59 11.63 -19.59
C GLU A 1498 -44.09 11.81 -19.47
N PHE A 1499 -43.66 13.02 -19.79
CA PHE A 1499 -42.26 13.48 -19.76
C PHE A 1499 -41.33 12.41 -20.38
N ASN A 1500 -40.43 11.89 -19.57
CA ASN A 1500 -39.46 10.87 -19.94
C ASN A 1500 -38.38 11.51 -20.82
N GLU A 1501 -38.67 12.70 -21.37
CA GLU A 1501 -37.66 13.49 -22.06
C GLU A 1501 -37.88 14.97 -21.73
N GLU A 1502 -39.14 15.38 -21.74
CA GLU A 1502 -39.48 16.77 -21.43
C GLU A 1502 -39.11 17.11 -20.00
N PHE A 1503 -38.96 16.09 -19.15
CA PHE A 1503 -38.35 16.29 -17.84
C PHE A 1503 -36.92 16.78 -17.95
N PHE A 1504 -36.21 16.44 -19.01
CA PHE A 1504 -34.88 17.03 -19.13
C PHE A 1504 -34.96 18.49 -19.56
N LEU A 1505 -35.97 18.84 -20.34
CA LEU A 1505 -36.21 20.25 -20.64
C LEU A 1505 -36.52 21.02 -19.36
N ASP A 1506 -37.39 20.46 -18.50
CA ASP A 1506 -37.73 21.08 -17.23
C ASP A 1506 -36.62 20.95 -16.18
N LEU A 1507 -35.68 20.04 -16.38
CA LEU A 1507 -34.48 20.04 -15.56
C LEU A 1507 -33.75 21.34 -15.72
N PHE A 1508 -33.82 21.94 -16.90
CA PHE A 1508 -33.46 23.33 -17.09
C PHE A 1508 -32.02 23.58 -16.70
N ASN A 1509 -31.20 22.52 -16.74
CA ASN A 1509 -29.95 22.50 -16.01
C ASN A 1509 -28.97 23.52 -16.55
N ARG A 1510 -29.25 24.09 -17.72
CA ARG A 1510 -28.40 25.16 -18.25
C ARG A 1510 -28.44 26.38 -17.35
N ASP A 1511 -29.60 26.70 -16.79
CA ASP A 1511 -29.79 27.98 -16.13
C ASP A 1511 -30.31 27.72 -14.71
N LYS A 1512 -30.64 28.80 -14.01
CA LYS A 1512 -30.83 28.79 -12.57
C LYS A 1512 -31.98 27.84 -12.17
N LYS A 1513 -32.18 27.70 -10.87
CA LYS A 1513 -33.04 26.66 -10.34
C LYS A 1513 -34.45 27.16 -10.02
N GLU A 1514 -34.94 28.14 -10.80
CA GLU A 1514 -36.37 28.45 -10.80
C GLU A 1514 -37.18 27.24 -11.23
N ALA A 1515 -36.50 26.21 -11.72
CA ALA A 1515 -37.09 24.92 -12.04
C ALA A 1515 -38.04 24.49 -10.95
N ILE A 1516 -37.69 24.70 -9.69
CA ILE A 1516 -38.58 24.34 -8.59
C ILE A 1516 -39.92 25.04 -8.77
N LEU A 1517 -39.88 26.34 -9.06
CA LEU A 1517 -41.12 27.10 -9.21
C LEU A 1517 -41.92 26.63 -10.41
N GLN A 1518 -41.27 26.55 -11.57
CA GLN A 1518 -42.01 26.20 -12.78
C GLN A 1518 -42.52 24.77 -12.72
N LEU A 1519 -41.85 23.91 -11.97
CA LEU A 1519 -42.21 22.50 -11.91
C LEU A 1519 -43.27 22.26 -10.85
N GLY A 1520 -43.31 23.08 -9.81
CA GLY A 1520 -44.46 23.08 -8.93
C GLY A 1520 -45.68 23.63 -9.62
N ASP A 1521 -45.50 24.65 -10.46
CA ASP A 1521 -46.60 25.20 -11.23
C ASP A 1521 -47.08 24.22 -12.31
N LEU A 1522 -46.19 23.33 -12.76
CA LEU A 1522 -46.52 22.47 -13.88
C LEU A 1522 -47.69 21.54 -13.57
N LEU A 1523 -47.72 20.98 -12.37
CA LEU A 1523 -48.72 20.00 -12.11
C LEU A 1523 -49.39 20.07 -10.70
N GLY A 1524 -48.92 20.98 -9.86
CA GLY A 1524 -49.22 20.83 -8.44
C GLY A 1524 -49.48 22.24 -7.94
N LEU A 1525 -49.69 22.36 -6.63
CA LEU A 1525 -50.47 23.31 -5.85
C LEU A 1525 -49.47 24.26 -5.20
N GLU A 1526 -49.96 25.17 -4.36
CA GLU A 1526 -49.16 26.29 -3.88
C GLU A 1526 -47.82 25.81 -3.33
N GLU A 1527 -46.76 26.54 -3.70
CA GLU A 1527 -45.41 26.27 -3.20
C GLU A 1527 -44.79 27.67 -3.20
N ASP A 1528 -44.49 28.19 -2.02
CA ASP A 1528 -43.90 29.51 -1.93
C ASP A 1528 -42.47 29.50 -2.46
N LEU A 1529 -41.94 30.70 -2.65
CA LEU A 1529 -40.52 30.84 -2.92
C LEU A 1529 -39.68 30.59 -1.68
N ASN A 1530 -40.30 30.51 -0.51
CA ASN A 1530 -39.55 30.30 0.73
C ASN A 1530 -38.93 28.91 0.77
N GLN A 1531 -39.78 27.87 0.74
CA GLN A 1531 -39.29 26.50 0.85
C GLN A 1531 -38.22 26.17 -0.17
N LEU A 1532 -38.02 27.01 -1.18
CA LEU A 1532 -36.96 26.80 -2.14
C LEU A 1532 -35.77 27.71 -1.87
N ALA A 1533 -36.00 29.02 -1.85
CA ALA A 1533 -34.89 29.96 -1.73
C ALA A 1533 -34.21 29.87 -0.37
N ASP A 1534 -35.01 29.69 0.68
CA ASP A 1534 -34.50 29.81 2.04
C ASP A 1534 -33.39 28.81 2.32
N VAL A 1535 -33.72 27.52 2.33
CA VAL A 1535 -32.70 26.53 2.63
C VAL A 1535 -31.69 26.53 1.51
N ASN A 1536 -30.45 26.90 1.82
CA ASN A 1536 -29.44 27.03 0.78
C ASN A 1536 -28.15 26.80 1.56
N TRP A 1537 -27.38 25.79 1.18
CA TRP A 1537 -26.17 25.43 1.91
C TRP A 1537 -24.91 25.70 1.11
N LEU A 1538 -23.88 26.21 1.78
CA LEU A 1538 -22.61 26.44 1.10
C LEU A 1538 -22.10 25.12 0.53
N ASN A 1539 -21.63 25.17 -0.71
CA ASN A 1539 -21.09 23.99 -1.38
C ASN A 1539 -19.76 24.37 -2.00
N LEU A 1540 -18.71 23.69 -1.57
CA LEU A 1540 -17.37 24.12 -1.96
C LEU A 1540 -17.04 23.72 -3.40
N ASN A 1541 -17.46 22.54 -3.83
CA ASN A 1541 -17.20 22.12 -5.20
C ASN A 1541 -18.60 22.39 -5.76
N GLU A 1542 -18.81 23.65 -6.14
CA GLU A 1542 -19.93 24.08 -6.97
C GLU A 1542 -19.52 24.27 -8.41
N MET A 1543 -18.46 25.04 -8.63
CA MET A 1543 -18.04 25.45 -9.97
C MET A 1543 -16.86 24.65 -10.49
N PHE A 1544 -15.92 24.29 -9.63
CA PHE A 1544 -14.81 23.40 -9.94
C PHE A 1544 -14.53 22.49 -8.76
N PRO A 1545 -13.91 21.34 -8.99
CA PRO A 1545 -13.34 20.59 -7.87
C PRO A 1545 -12.21 21.37 -7.21
N LEU A 1546 -11.98 21.05 -5.94
CA LEU A 1546 -11.01 21.79 -5.14
C LEU A 1546 -9.67 21.08 -5.07
N ARG A 1547 -8.61 21.88 -5.02
CA ARG A 1547 -7.25 21.42 -5.30
C ARG A 1547 -6.66 20.63 -4.15
N MET A 1548 -5.74 19.73 -4.47
CA MET A 1548 -4.95 19.01 -3.48
C MET A 1548 -3.48 18.96 -3.90
N ILE A 1567 -17.34 17.65 -17.13
CA ILE A 1567 -16.42 16.73 -16.48
C ILE A 1567 -17.05 16.15 -15.21
N PRO A 1568 -18.10 15.35 -15.38
CA PRO A 1568 -18.87 14.88 -14.22
C PRO A 1568 -18.15 13.81 -13.41
N SER A 1569 -18.84 13.25 -12.43
CA SER A 1569 -18.26 12.25 -11.55
C SER A 1569 -18.35 10.85 -12.13
N LEU A 1570 -19.57 10.40 -12.44
CA LEU A 1570 -19.74 9.06 -12.99
C LEU A 1570 -18.90 8.86 -14.23
N ILE A 1571 -18.68 9.91 -15.01
CA ILE A 1571 -17.78 9.81 -16.16
C ILE A 1571 -16.36 9.53 -15.70
N LYS A 1572 -15.90 10.22 -14.67
CA LYS A 1572 -14.55 9.96 -14.16
C LYS A 1572 -14.43 8.53 -13.65
N THR A 1573 -15.44 8.05 -12.93
CA THR A 1573 -15.41 6.69 -12.43
C THR A 1573 -15.38 5.67 -13.56
N LEU A 1574 -16.22 5.84 -14.57
CA LEU A 1574 -16.23 4.91 -15.69
C LEU A 1574 -14.90 4.96 -16.43
N GLN A 1575 -14.32 6.14 -16.57
CA GLN A 1575 -12.99 6.25 -17.13
C GLN A 1575 -11.99 5.44 -16.31
N ASN A 1576 -12.10 5.48 -14.99
CA ASN A 1576 -11.19 4.74 -14.12
C ASN A 1576 -11.29 3.24 -14.31
N LYS A 1577 -12.37 2.74 -14.91
CA LYS A 1577 -12.57 1.31 -15.14
C LYS A 1577 -12.10 0.88 -16.53
N LEU A 1578 -11.03 1.50 -17.02
CA LEU A 1578 -10.48 1.20 -18.34
C LEU A 1578 -10.19 -0.29 -18.52
N CYS A 1602 1.77 5.63 4.84
CA CYS A 1602 1.38 5.99 6.19
C CYS A 1602 -0.07 6.44 6.21
N ILE A 1603 -0.70 6.39 7.40
CA ILE A 1603 -2.08 6.85 7.60
C ILE A 1603 -2.16 7.99 8.57
N SER A 1604 -1.16 8.21 9.43
CA SER A 1604 -1.07 9.34 10.32
C SER A 1604 -0.19 10.45 9.77
N SER A 1605 0.39 10.26 8.60
CA SER A 1605 0.93 11.38 7.82
C SER A 1605 0.05 11.68 6.63
N GLY A 1606 -1.11 11.06 6.54
CA GLY A 1606 -2.12 11.44 5.59
C GLY A 1606 -3.02 12.49 6.22
N PHE A 1607 -3.48 12.23 7.44
CA PHE A 1607 -4.30 13.22 8.12
C PHE A 1607 -3.51 14.47 8.45
N ILE A 1608 -2.26 14.33 8.86
CA ILE A 1608 -1.43 15.48 9.20
C ILE A 1608 -1.14 16.29 7.96
N GLY A 1609 -1.64 15.83 6.80
CA GLY A 1609 -1.54 16.60 5.58
C GLY A 1609 -2.89 17.12 5.14
N LEU A 1610 -3.92 16.31 5.34
CA LEU A 1610 -5.27 16.76 5.03
C LEU A 1610 -5.63 17.97 5.87
N CYS A 1611 -5.17 18.04 7.10
CA CYS A 1611 -5.41 19.22 7.90
C CYS A 1611 -4.52 20.39 7.50
N LYS A 1612 -3.55 20.17 6.62
CA LYS A 1612 -2.72 21.26 6.12
C LYS A 1612 -3.24 21.83 4.81
N THR A 1613 -3.77 21.00 3.92
CA THR A 1613 -4.23 21.54 2.66
C THR A 1613 -5.65 22.08 2.75
N LEU A 1614 -6.56 21.36 3.42
CA LEU A 1614 -7.92 21.87 3.54
C LEU A 1614 -8.17 23.14 4.31
N GLY A 1615 -7.11 23.79 4.74
CA GLY A 1615 -7.27 25.02 5.49
C GLY A 1615 -6.76 26.16 4.65
N SER A 1616 -5.93 25.83 3.67
CA SER A 1616 -5.28 26.83 2.84
C SER A 1616 -6.15 27.07 1.59
N ARG A 1617 -5.60 27.77 0.61
CA ARG A 1617 -6.37 28.15 -0.56
C ARG A 1617 -6.72 26.88 -1.32
N CYS A 1618 -7.92 26.38 -1.09
CA CYS A 1618 -8.32 25.12 -1.70
C CYS A 1618 -9.48 25.27 -2.67
N VAL A 1619 -10.41 26.17 -2.40
CA VAL A 1619 -11.60 26.28 -3.23
C VAL A 1619 -11.28 27.13 -4.46
N ARG A 1620 -11.98 26.85 -5.56
CA ARG A 1620 -11.75 27.54 -6.81
C ARG A 1620 -13.00 28.27 -7.28
N ASN A 1621 -12.77 29.29 -8.10
CA ASN A 1621 -13.79 30.22 -8.54
C ASN A 1621 -14.04 30.06 -10.04
N LYS A 1622 -15.06 30.78 -10.52
CA LYS A 1622 -15.48 30.69 -11.91
C LYS A 1622 -14.38 31.08 -12.87
N ASN A 1623 -13.39 31.85 -12.42
CA ASN A 1623 -12.33 32.33 -13.29
C ASN A 1623 -10.98 31.79 -12.82
N ARG A 1624 -10.96 30.54 -12.38
CA ARG A 1624 -9.74 29.90 -11.87
C ARG A 1624 -9.14 30.68 -10.71
N GLU A 1625 -9.99 31.24 -9.85
CA GLU A 1625 -9.51 31.97 -8.69
C GLU A 1625 -9.64 31.11 -7.43
N ASN A 1626 -8.59 31.15 -6.61
CA ASN A 1626 -8.49 30.30 -5.43
C ASN A 1626 -8.74 31.13 -4.16
N LEU A 1627 -9.67 30.67 -3.33
CA LEU A 1627 -10.03 31.34 -2.08
C LEU A 1627 -9.85 30.41 -0.90
N TYR A 1628 -9.90 30.99 0.30
CA TYR A 1628 -9.85 30.24 1.54
C TYR A 1628 -11.25 29.78 1.92
N ILE A 1629 -11.32 28.89 2.91
CA ILE A 1629 -12.62 28.62 3.50
C ILE A 1629 -12.94 29.65 4.57
N LYS A 1630 -11.94 30.33 5.10
CA LYS A 1630 -12.16 31.25 6.21
C LYS A 1630 -12.94 32.49 5.78
N LYS A 1631 -12.39 33.25 4.84
CA LYS A 1631 -13.07 34.47 4.41
C LYS A 1631 -14.43 34.15 3.83
N LEU A 1632 -14.51 33.10 3.03
CA LEU A 1632 -15.76 32.72 2.40
C LEU A 1632 -16.79 32.28 3.45
N LEU A 1633 -16.35 31.63 4.52
CA LEU A 1633 -17.27 31.17 5.54
C LEU A 1633 -17.60 32.23 6.57
N GLU A 1634 -16.86 33.34 6.59
CA GLU A 1634 -17.23 34.43 7.47
C GLU A 1634 -18.11 35.46 6.77
N ASP A 1635 -17.87 35.70 5.48
CA ASP A 1635 -18.66 36.69 4.78
C ASP A 1635 -20.13 36.30 4.75
N LEU A 1636 -20.41 35.02 4.51
CA LEU A 1636 -21.80 34.55 4.50
C LEU A 1636 -22.46 34.69 5.85
N THR A 1637 -21.69 34.90 6.92
CA THR A 1637 -22.24 35.00 8.26
C THR A 1637 -22.41 36.42 8.75
N THR A 1638 -21.45 37.30 8.46
CA THR A 1638 -21.43 38.62 9.08
C THR A 1638 -21.73 39.75 8.14
N ASP A 1639 -21.38 39.63 6.86
CA ASP A 1639 -21.36 40.77 5.95
C ASP A 1639 -22.50 40.83 4.95
N ASP A 1640 -23.70 40.38 5.33
CA ASP A 1640 -24.85 40.42 4.44
C ASP A 1640 -26.10 40.45 5.28
N HIS A 1641 -27.25 40.40 4.60
CA HIS A 1641 -28.51 40.06 5.25
C HIS A 1641 -28.55 38.55 4.97
N VAL A 1642 -27.69 37.85 5.70
CA VAL A 1642 -27.55 36.40 5.62
C VAL A 1642 -27.52 35.85 7.03
N THR A 1643 -28.33 34.83 7.28
CA THR A 1643 -28.43 34.21 8.61
C THR A 1643 -27.75 32.85 8.59
N ARG A 1644 -26.77 32.66 9.47
CA ARG A 1644 -25.78 31.59 9.31
C ARG A 1644 -25.67 31.01 10.71
N VAL A 1645 -26.72 30.32 11.16
CA VAL A 1645 -26.69 29.60 12.43
C VAL A 1645 -26.66 28.10 12.17
N CYS A 1646 -26.39 27.33 13.22
CA CYS A 1646 -26.02 25.93 13.12
C CYS A 1646 -27.11 25.02 13.68
N ASN A 1647 -27.07 23.76 13.25
CA ASN A 1647 -27.92 22.70 13.79
C ASN A 1647 -27.16 21.44 14.18
N ARG A 1648 -25.87 21.60 14.50
CA ARG A 1648 -24.71 20.70 14.52
C ARG A 1648 -23.95 20.75 13.21
N ASP A 1649 -24.47 21.44 12.20
CA ASP A 1649 -23.80 21.59 10.90
C ASP A 1649 -24.32 22.87 10.26
N GLY A 1650 -23.44 23.83 10.02
CA GLY A 1650 -23.88 25.14 9.60
C GLY A 1650 -24.54 25.15 8.23
N ILE A 1651 -25.86 25.29 8.20
CA ILE A 1651 -26.59 25.41 6.94
C ILE A 1651 -26.66 26.90 6.64
N THR A 1652 -25.54 27.41 6.12
CA THR A 1652 -25.34 28.86 6.06
C THR A 1652 -26.41 29.53 5.22
N LEU A 1653 -26.63 30.81 5.48
CA LEU A 1653 -27.58 31.61 4.74
C LEU A 1653 -29.01 31.07 4.68
N TYR A 1654 -29.57 30.89 5.88
CA TYR A 1654 -30.89 30.32 6.03
C TYR A 1654 -31.92 30.90 5.07
N ILE A 1655 -31.64 32.04 4.44
CA ILE A 1655 -32.68 32.65 3.63
C ILE A 1655 -32.25 32.86 2.18
N CYS A 1656 -31.31 33.77 1.93
CA CYS A 1656 -30.97 34.18 0.57
C CYS A 1656 -32.24 34.42 -0.25
N ASP A 1657 -32.97 35.47 0.11
CA ASP A 1657 -34.30 35.65 -0.44
C ASP A 1657 -34.29 35.65 -1.96
N LYS A 1658 -34.79 34.55 -2.54
CA LYS A 1658 -34.86 34.34 -3.99
C LYS A 1658 -33.52 34.58 -4.68
N GLN A 1659 -32.43 34.67 -3.89
CA GLN A 1659 -31.17 35.22 -4.37
C GLN A 1659 -31.42 36.49 -5.18
N SER A 1660 -32.18 37.42 -4.60
CA SER A 1660 -32.36 38.76 -5.14
C SER A 1660 -31.46 39.69 -4.35
N HIS A 1661 -30.39 40.14 -4.98
CA HIS A 1661 -29.22 40.62 -4.26
C HIS A 1661 -28.22 41.17 -5.29
N PRO A 1662 -27.23 41.94 -4.86
CA PRO A 1662 -26.08 42.15 -5.74
C PRO A 1662 -25.30 40.86 -5.91
N GLU A 1663 -25.84 39.96 -6.74
CA GLU A 1663 -25.36 38.59 -6.88
C GLU A 1663 -23.89 38.54 -7.29
N ALA A 1664 -23.27 37.41 -6.95
CA ALA A 1664 -21.84 37.19 -7.15
C ALA A 1664 -21.05 38.30 -6.48
N HIS A 1665 -21.24 38.47 -5.17
CA HIS A 1665 -20.61 39.56 -4.43
C HIS A 1665 -19.12 39.50 -4.62
N ARG A 1666 -18.50 38.45 -4.09
CA ARG A 1666 -17.25 37.95 -4.65
C ARG A 1666 -17.76 36.60 -5.14
N ASP A 1667 -17.75 35.58 -4.29
CA ASP A 1667 -18.29 34.28 -4.64
C ASP A 1667 -19.37 33.79 -3.72
N HIS A 1668 -19.45 34.27 -2.50
CA HIS A 1668 -20.19 33.58 -1.48
C HIS A 1668 -21.65 33.58 -1.71
N ILE A 1669 -22.22 34.05 -2.82
CA ILE A 1669 -23.64 33.92 -3.08
C ILE A 1669 -23.91 33.05 -4.29
N CYS A 1670 -23.08 33.16 -5.32
CA CYS A 1670 -23.21 32.23 -6.44
C CYS A 1670 -22.79 30.82 -6.02
N LEU A 1671 -21.93 30.71 -5.03
CA LEU A 1671 -21.33 29.44 -4.63
C LEU A 1671 -22.10 28.52 -3.69
N LEU A 1672 -23.42 28.72 -3.61
CA LEU A 1672 -24.23 27.98 -2.66
C LEU A 1672 -25.57 27.68 -3.30
N ARG A 1673 -25.90 26.41 -3.38
CA ARG A 1673 -27.07 25.94 -4.11
C ARG A 1673 -28.18 25.56 -3.13
N PRO A 1674 -29.43 25.56 -3.58
CA PRO A 1674 -30.53 25.27 -2.66
C PRO A 1674 -30.40 23.88 -2.05
N LEU A 1675 -31.28 23.63 -1.09
CA LEU A 1675 -31.37 22.31 -0.49
C LEU A 1675 -32.61 21.57 -0.97
N LEU A 1676 -33.78 22.19 -0.85
CA LEU A 1676 -35.00 21.49 -1.17
C LEU A 1676 -35.09 21.10 -2.64
N TRP A 1677 -34.06 21.35 -3.44
CA TRP A 1677 -33.93 20.81 -4.79
C TRP A 1677 -33.01 19.60 -4.83
N ASP A 1678 -31.77 19.76 -4.37
CA ASP A 1678 -30.90 18.60 -4.16
C ASP A 1678 -31.54 17.55 -3.28
N TYR A 1679 -32.59 17.91 -2.56
CA TYR A 1679 -33.43 16.88 -1.98
C TYR A 1679 -34.35 16.28 -3.03
N ILE A 1680 -34.84 17.07 -3.99
CA ILE A 1680 -35.78 16.52 -4.96
C ILE A 1680 -35.09 15.52 -5.87
N CYS A 1681 -33.95 15.91 -6.44
CA CYS A 1681 -33.29 15.03 -7.39
C CYS A 1681 -32.88 13.72 -6.73
N ILE A 1682 -32.31 13.78 -5.52
CA ILE A 1682 -32.00 12.57 -4.78
C ILE A 1682 -33.27 11.78 -4.48
N SER A 1683 -34.20 12.38 -3.75
CA SER A 1683 -35.39 11.65 -3.35
C SER A 1683 -36.22 11.21 -4.54
N LEU A 1684 -35.78 11.53 -5.74
CA LEU A 1684 -36.28 10.84 -6.92
C LEU A 1684 -35.40 9.65 -7.26
N SER A 1685 -34.09 9.87 -7.42
CA SER A 1685 -33.20 8.77 -7.75
C SER A 1685 -33.38 7.62 -6.78
N ASN A 1686 -33.55 7.93 -5.49
CA ASN A 1686 -33.94 6.88 -4.56
C ASN A 1686 -35.30 6.26 -4.70
N SER A 1687 -35.98 6.52 -5.81
CA SER A 1687 -37.33 5.98 -5.90
C SER A 1687 -37.52 5.02 -7.04
N PHE A 1688 -36.62 4.97 -8.01
CA PHE A 1688 -36.55 3.88 -8.96
C PHE A 1688 -35.51 2.85 -8.58
N GLU A 1689 -34.53 3.24 -7.77
CA GLU A 1689 -33.45 2.34 -7.41
C GLU A 1689 -33.81 1.45 -6.24
N LEU A 1690 -34.54 1.96 -5.25
CA LEU A 1690 -34.87 1.10 -4.12
C LEU A 1690 -36.33 1.11 -3.71
N GLY A 1691 -37.21 1.44 -4.64
CA GLY A 1691 -38.62 1.27 -4.38
C GLY A 1691 -39.35 2.58 -4.21
N VAL A 1692 -40.65 2.46 -3.95
CA VAL A 1692 -41.53 3.62 -3.85
C VAL A 1692 -41.53 4.21 -2.45
N TRP A 1693 -41.30 3.41 -1.42
CA TRP A 1693 -41.53 3.86 -0.06
C TRP A 1693 -40.56 4.93 0.38
N VAL A 1694 -39.50 5.21 -0.38
CA VAL A 1694 -38.52 6.20 0.05
C VAL A 1694 -39.13 7.59 0.04
N LEU A 1695 -40.42 7.68 -0.28
CA LEU A 1695 -41.15 8.94 -0.28
C LEU A 1695 -42.18 9.07 0.82
N ALA A 1696 -42.75 7.98 1.31
CA ALA A 1696 -43.80 8.07 2.29
C ALA A 1696 -43.25 8.58 3.62
N GLU A 1697 -44.14 9.07 4.46
CA GLU A 1697 -43.75 9.79 5.66
C GLU A 1697 -43.30 8.83 6.75
N PRO A 1698 -42.31 9.20 7.57
CA PRO A 1698 -41.86 8.38 8.70
C PRO A 1698 -42.95 8.14 9.74
N LYS A 1732 -27.19 -2.50 -15.10
CA LYS A 1732 -26.73 -2.66 -13.73
C LYS A 1732 -25.23 -2.43 -13.65
N VAL A 1733 -24.51 -2.92 -14.65
CA VAL A 1733 -23.06 -3.02 -14.59
C VAL A 1733 -22.42 -2.08 -15.60
N ASN A 1734 -21.09 -2.09 -15.64
CA ASN A 1734 -20.31 -1.03 -16.27
C ASN A 1734 -20.77 -0.73 -17.69
N LEU A 1735 -20.90 -1.77 -18.52
CA LEU A 1735 -21.20 -1.54 -19.93
C LEU A 1735 -22.55 -0.85 -20.11
N ASN A 1736 -23.54 -1.26 -19.31
CA ASN A 1736 -24.81 -0.55 -19.31
C ASN A 1736 -24.59 0.95 -19.15
N GLN A 1737 -24.04 1.35 -18.01
CA GLN A 1737 -23.87 2.77 -17.73
C GLN A 1737 -23.10 3.47 -18.84
N VAL A 1738 -22.13 2.80 -19.45
CA VAL A 1738 -21.42 3.44 -20.55
C VAL A 1738 -22.37 3.69 -21.72
N ILE A 1739 -23.23 2.73 -22.02
CA ILE A 1739 -24.15 2.90 -23.16
C ILE A 1739 -25.16 4.01 -22.88
N GLN A 1740 -25.77 4.00 -21.70
CA GLN A 1740 -26.70 5.11 -21.43
C GLN A 1740 -26.00 6.43 -21.16
N SER A 1741 -24.69 6.45 -20.95
CA SER A 1741 -23.99 7.72 -21.05
C SER A 1741 -23.84 8.14 -22.49
N VAL A 1742 -23.58 7.18 -23.38
CA VAL A 1742 -23.46 7.49 -24.80
C VAL A 1742 -24.79 7.95 -25.38
N ARG A 1743 -25.91 7.54 -24.77
CA ARG A 1743 -27.20 7.85 -25.36
C ARG A 1743 -27.45 9.34 -25.45
N ARG A 1744 -26.70 10.16 -24.72
CA ARG A 1744 -26.41 11.53 -25.11
C ARG A 1744 -24.94 11.55 -25.50
N LEU A 1745 -24.66 11.74 -26.78
CA LEU A 1745 -23.37 11.39 -27.35
C LEU A 1745 -22.28 12.41 -27.07
N TYR A 1746 -22.63 13.56 -26.51
CA TYR A 1746 -21.65 14.64 -26.39
C TYR A 1746 -20.44 14.25 -25.56
N PRO A 1747 -20.58 13.63 -24.38
CA PRO A 1747 -19.37 13.25 -23.62
C PRO A 1747 -18.68 11.99 -24.13
N LYS A 1748 -19.33 11.23 -25.01
CA LYS A 1748 -18.69 10.02 -25.53
C LYS A 1748 -17.39 10.36 -26.24
N ILE A 1749 -17.30 11.55 -26.84
CA ILE A 1749 -16.06 11.96 -27.50
C ILE A 1749 -14.90 12.03 -26.52
N PHE A 1750 -15.17 12.13 -25.22
CA PHE A 1750 -14.12 12.05 -24.22
C PHE A 1750 -14.07 10.71 -23.52
N GLU A 1751 -15.19 9.99 -23.46
CA GLU A 1751 -15.23 8.72 -22.74
C GLU A 1751 -14.82 7.53 -23.59
N ASP A 1752 -14.72 7.67 -24.91
CA ASP A 1752 -14.49 6.53 -25.78
C ASP A 1752 -13.00 6.16 -25.84
N GLN A 1753 -12.14 7.13 -26.12
CA GLN A 1753 -10.77 6.85 -26.47
C GLN A 1753 -9.95 6.29 -25.32
N LEU A 1754 -10.47 6.31 -24.10
CA LEU A 1754 -9.78 5.66 -23.00
C LEU A 1754 -10.03 4.16 -22.95
N LEU A 1755 -10.87 3.65 -23.85
CA LEU A 1755 -11.08 2.20 -23.92
C LEU A 1755 -9.80 1.43 -24.24
N PRO A 1756 -8.93 1.86 -25.16
CA PRO A 1756 -7.64 1.17 -25.27
C PRO A 1756 -6.72 1.48 -24.10
N ILE A 1772 -32.02 0.50 -19.27
CA ILE A 1772 -33.01 -0.56 -19.22
C ILE A 1772 -34.38 0.08 -19.48
N LYS A 1773 -35.11 0.35 -18.42
CA LYS A 1773 -36.37 1.06 -18.50
C LYS A 1773 -36.21 2.52 -18.08
N PHE A 1774 -35.68 2.74 -16.88
CA PHE A 1774 -35.52 4.05 -16.30
C PHE A 1774 -34.06 4.48 -16.20
N LEU A 1775 -33.13 3.63 -16.62
CA LEU A 1775 -31.72 3.86 -16.32
C LEU A 1775 -31.23 5.17 -16.91
N ASP A 1776 -31.83 5.63 -18.00
CA ASP A 1776 -31.44 6.92 -18.56
C ASP A 1776 -31.65 8.04 -17.57
N LEU A 1777 -32.82 8.08 -16.94
CA LEU A 1777 -33.12 9.17 -16.03
C LEU A 1777 -32.22 9.14 -14.80
N CYS A 1778 -32.02 7.95 -14.22
CA CYS A 1778 -31.17 7.85 -13.04
C CYS A 1778 -29.73 8.19 -13.38
N VAL A 1779 -29.27 7.80 -14.57
CA VAL A 1779 -27.93 8.21 -14.97
C VAL A 1779 -27.86 9.72 -15.13
N LEU A 1780 -28.92 10.34 -15.65
CA LEU A 1780 -28.91 11.79 -15.79
C LEU A 1780 -28.85 12.48 -14.43
N ILE A 1781 -29.72 12.06 -13.50
CA ILE A 1781 -29.76 12.67 -12.17
C ILE A 1781 -28.44 12.45 -11.45
N ASP A 1782 -27.81 11.30 -11.67
CA ASP A 1782 -26.49 11.06 -11.10
C ASP A 1782 -25.44 11.98 -11.71
N ILE A 1783 -25.50 12.19 -13.02
CA ILE A 1783 -24.48 13.00 -13.68
C ILE A 1783 -24.57 14.44 -13.23
N ASN A 1784 -25.78 14.94 -13.00
CA ASN A 1784 -25.91 16.33 -12.53
C ASN A 1784 -25.43 16.48 -11.10
N SER A 1785 -25.84 15.59 -10.20
CA SER A 1785 -25.50 15.68 -8.77
C SER A 1785 -24.10 15.14 -8.56
N GLU A 1786 -23.11 16.02 -8.67
CA GLU A 1786 -21.72 15.62 -8.75
C GLU A 1786 -21.09 15.36 -7.39
N SER A 1787 -21.90 15.11 -6.37
CA SER A 1787 -21.39 15.00 -5.01
C SER A 1787 -21.45 13.59 -4.43
N LEU A 1788 -22.57 12.88 -4.58
CA LEU A 1788 -22.66 11.60 -3.86
C LEU A 1788 -22.63 10.73 -5.10
N SER A 1789 -23.41 9.60 -5.15
CA SER A 1789 -23.43 8.29 -5.89
C SER A 1789 -24.90 8.01 -5.84
N LEU A 1790 -25.55 7.79 -6.95
CA LEU A 1790 -26.84 7.09 -7.00
C LEU A 1790 -26.78 5.82 -7.91
N ILE A 1791 -25.79 5.80 -8.78
CA ILE A 1791 -25.60 4.70 -9.71
C ILE A 1791 -24.16 4.25 -9.61
N SER A 1792 -23.25 5.21 -9.77
CA SER A 1792 -21.83 4.92 -9.77
C SER A 1792 -21.37 4.30 -8.46
N HIS A 1793 -22.26 4.10 -7.49
CA HIS A 1793 -21.90 3.43 -6.25
C HIS A 1793 -21.79 1.93 -6.46
N VAL A 1794 -22.87 1.29 -6.90
CA VAL A 1794 -22.88 -0.16 -7.06
C VAL A 1794 -21.82 -0.66 -8.03
N VAL A 1795 -21.13 0.24 -8.74
CA VAL A 1795 -20.03 -0.13 -9.60
C VAL A 1795 -18.69 0.30 -9.03
N LYS A 1796 -18.65 0.71 -7.78
CA LYS A 1796 -17.35 0.90 -7.12
C LYS A 1796 -17.21 0.10 -5.85
N TRP A 1797 -18.25 0.01 -5.03
CA TRP A 1797 -18.18 -0.66 -3.74
C TRP A 1797 -19.13 -1.83 -3.75
N LYS A 1798 -18.60 -3.02 -3.50
CA LYS A 1798 -19.45 -4.20 -3.44
C LYS A 1798 -20.30 -4.17 -2.18
N ARG A 1799 -21.59 -4.44 -2.34
CA ARG A 1799 -22.44 -4.61 -1.18
C ARG A 1799 -22.24 -6.00 -0.59
N ASP A 1800 -22.90 -6.26 0.52
CA ASP A 1800 -22.81 -7.56 1.17
C ASP A 1800 -24.09 -8.34 0.96
N GLU A 1801 -24.03 -9.63 1.25
CA GLU A 1801 -25.12 -10.54 0.93
C GLU A 1801 -25.96 -10.96 2.13
N HIS A 1802 -25.34 -11.23 3.28
CA HIS A 1802 -26.06 -11.74 4.44
C HIS A 1802 -25.94 -10.75 5.59
N TYR A 1803 -27.09 -10.39 6.17
CA TYR A 1803 -27.14 -9.44 7.27
C TYR A 1803 -27.85 -10.06 8.46
N THR A 1804 -27.19 -10.05 9.61
CA THR A 1804 -27.79 -10.32 10.91
C THR A 1804 -27.19 -9.37 11.93
N VAL A 1805 -28.03 -8.60 12.61
CA VAL A 1805 -27.59 -7.67 13.65
C VAL A 1805 -28.56 -7.79 14.81
N LEU A 1806 -28.18 -7.21 15.95
CA LEU A 1806 -28.91 -7.39 17.19
C LEU A 1806 -30.39 -7.12 17.01
N PHE A 1807 -31.21 -8.02 17.52
CA PHE A 1807 -32.65 -7.88 17.42
C PHE A 1807 -33.19 -6.75 18.27
N SER A 1808 -32.35 -6.12 19.09
CA SER A 1808 -32.75 -4.93 19.81
C SER A 1808 -32.50 -3.66 19.01
N ASP A 1809 -32.09 -3.77 17.75
CA ASP A 1809 -32.00 -2.63 16.85
C ASP A 1809 -33.03 -2.66 15.73
N LEU A 1810 -33.62 -3.82 15.45
CA LEU A 1810 -34.76 -3.91 14.56
C LEU A 1810 -36.07 -3.57 15.25
N ALA A 1811 -36.03 -3.29 16.54
CA ALA A 1811 -37.22 -2.85 17.25
C ALA A 1811 -37.35 -1.33 17.31
N ASN A 1812 -36.23 -0.61 17.27
CA ASN A 1812 -36.23 0.85 17.28
C ASN A 1812 -36.03 1.32 15.84
N SER A 1813 -37.09 1.23 15.05
CA SER A 1813 -37.00 1.44 13.61
C SER A 1813 -38.08 2.39 13.12
N HIS A 1814 -37.74 3.16 12.10
CA HIS A 1814 -38.69 4.06 11.45
C HIS A 1814 -39.16 3.49 10.12
#